data_2L0B
#
_entry.id   2L0B
#
loop_
_entity.id
_entity.type
_entity.pdbx_description
1 polymer 'E3 ubiquitin-protein ligase Praja-1'
2 non-polymer 'ZINC ION'
#
_entity_poly.entity_id   1
_entity_poly.type   'polypeptide(L)'
_entity_poly.pdbx_seq_one_letter_code
;MGHHHHHHSHMVANPPASKESIDALPEILVTEDHGAVGQEMCCPICCSEYVKGDVATELPCHHYFHKPCVSIWLQKSGTC
PVCRCMFPPPL
;
_entity_poly.pdbx_strand_id   A
#
loop_
_chem_comp.id
_chem_comp.type
_chem_comp.name
_chem_comp.formula
ZN non-polymer 'ZINC ION' 'Zn 2'
#
# COMPACT_ATOMS: atom_id res chain seq x y z
N MET A 1 -19.53 10.08 -13.28
CA MET A 1 -20.45 11.18 -12.89
C MET A 1 -20.30 11.47 -11.40
N GLY A 2 -19.71 12.62 -11.09
CA GLY A 2 -19.58 13.05 -9.71
C GLY A 2 -20.45 14.23 -9.42
N HIS A 3 -21.77 14.01 -9.42
CA HIS A 3 -22.72 15.08 -9.24
C HIS A 3 -22.93 15.36 -7.76
N HIS A 4 -23.00 14.30 -6.96
CA HIS A 4 -23.11 14.45 -5.52
C HIS A 4 -21.81 13.97 -4.88
N HIS A 5 -21.15 14.86 -4.15
CA HIS A 5 -19.85 14.55 -3.59
C HIS A 5 -19.94 14.13 -2.13
N HIS A 6 -20.03 12.82 -1.91
CA HIS A 6 -19.92 12.29 -0.57
C HIS A 6 -18.45 11.99 -0.29
N HIS A 7 -17.74 13.03 0.11
CA HIS A 7 -16.29 12.98 0.23
C HIS A 7 -15.87 12.11 1.41
N HIS A 8 -16.62 12.16 2.49
CA HIS A 8 -16.28 11.41 3.68
C HIS A 8 -17.04 10.09 3.71
N SER A 9 -16.37 9.02 3.34
CA SER A 9 -16.98 7.70 3.30
C SER A 9 -16.88 7.04 4.66
N HIS A 10 -17.68 5.99 4.87
CA HIS A 10 -17.70 5.23 6.13
C HIS A 10 -18.37 6.03 7.25
N MET A 11 -19.10 5.33 8.10
CA MET A 11 -19.67 5.93 9.29
C MET A 11 -18.65 5.87 10.43
N VAL A 12 -17.82 4.84 10.39
CA VAL A 12 -16.74 4.68 11.34
C VAL A 12 -15.40 4.67 10.59
N ALA A 13 -14.44 5.43 11.10
CA ALA A 13 -13.16 5.59 10.43
C ALA A 13 -12.25 4.39 10.67
N ASN A 14 -11.37 4.14 9.72
CA ASN A 14 -10.42 3.04 9.83
C ASN A 14 -9.16 3.50 10.54
N PRO A 15 -8.69 2.73 11.53
CA PRO A 15 -7.48 3.07 12.29
C PRO A 15 -6.20 2.74 11.51
N PRO A 16 -5.15 3.55 11.69
CA PRO A 16 -3.86 3.32 11.06
C PRO A 16 -3.13 2.11 11.65
N ALA A 17 -2.28 1.49 10.84
CA ALA A 17 -1.53 0.32 11.27
C ALA A 17 -0.28 0.71 12.03
N SER A 18 0.34 -0.26 12.68
CA SER A 18 1.58 -0.04 13.39
C SER A 18 2.76 -0.40 12.51
N LYS A 19 3.90 0.26 12.73
CA LYS A 19 5.09 0.07 11.90
C LYS A 19 5.53 -1.39 11.94
N GLU A 20 5.40 -2.00 13.11
CA GLU A 20 5.81 -3.39 13.31
C GLU A 20 5.09 -4.32 12.32
N SER A 21 3.80 -4.08 12.12
CA SER A 21 3.00 -4.92 11.24
C SER A 21 3.36 -4.68 9.78
N ILE A 22 3.86 -3.48 9.48
CA ILE A 22 4.22 -3.13 8.12
C ILE A 22 5.63 -3.62 7.79
N ASP A 23 6.52 -3.54 8.77
CA ASP A 23 7.89 -3.99 8.59
C ASP A 23 7.94 -5.51 8.47
N ALA A 24 6.88 -6.17 8.95
CA ALA A 24 6.79 -7.62 8.88
C ALA A 24 6.28 -8.08 7.50
N LEU A 25 5.96 -7.12 6.64
CA LEU A 25 5.52 -7.43 5.29
C LEU A 25 6.71 -7.83 4.42
N PRO A 26 6.48 -8.66 3.39
CA PRO A 26 7.53 -9.15 2.50
C PRO A 26 8.22 -8.00 1.75
N GLU A 27 9.53 -7.91 1.91
CA GLU A 27 10.31 -6.89 1.25
C GLU A 27 10.72 -7.36 -0.14
N ILE A 28 10.26 -6.64 -1.14
CA ILE A 28 10.55 -7.00 -2.52
C ILE A 28 11.50 -5.99 -3.14
N LEU A 29 12.75 -6.37 -3.28
CA LEU A 29 13.74 -5.53 -3.93
C LEU A 29 13.41 -5.42 -5.42
N VAL A 30 13.06 -4.23 -5.86
CA VAL A 30 12.71 -4.02 -7.26
C VAL A 30 13.95 -4.13 -8.13
N THR A 31 13.99 -5.20 -8.93
CA THR A 31 15.11 -5.42 -9.82
C THR A 31 14.86 -4.73 -11.16
N GLU A 32 15.88 -4.68 -12.00
CA GLU A 32 15.80 -3.92 -13.26
C GLU A 32 14.98 -4.66 -14.31
N ASP A 33 14.61 -5.90 -14.03
CA ASP A 33 13.74 -6.65 -14.92
C ASP A 33 12.28 -6.46 -14.50
N HIS A 34 12.08 -5.71 -13.41
CA HIS A 34 10.75 -5.44 -12.91
C HIS A 34 10.37 -3.99 -13.14
N GLY A 35 9.74 -3.72 -14.27
CA GLY A 35 9.24 -2.40 -14.54
C GLY A 35 7.88 -2.19 -13.88
N ALA A 36 7.18 -3.28 -13.68
CA ALA A 36 5.91 -3.27 -12.98
C ALA A 36 5.85 -4.45 -12.03
N VAL A 37 5.28 -4.25 -10.85
CA VAL A 37 5.22 -5.30 -9.85
C VAL A 37 3.76 -5.63 -9.51
N GLY A 38 3.19 -6.58 -10.23
CA GLY A 38 1.83 -7.03 -9.96
C GLY A 38 0.78 -5.95 -10.23
N GLN A 39 1.18 -4.89 -10.92
CA GLN A 39 0.29 -3.77 -11.20
C GLN A 39 0.85 -2.96 -12.36
N GLU A 40 0.49 -1.69 -12.43
CA GLU A 40 1.06 -0.78 -13.41
C GLU A 40 2.51 -0.51 -13.08
N MET A 41 3.18 0.26 -13.91
CA MET A 41 4.59 0.57 -13.70
C MET A 41 4.73 1.74 -12.75
N CYS A 42 3.61 2.26 -12.27
CA CYS A 42 3.62 3.47 -11.45
C CYS A 42 3.10 3.22 -10.04
N CYS A 43 3.85 3.68 -9.05
CA CYS A 43 3.41 3.70 -7.68
C CYS A 43 2.55 4.93 -7.44
N PRO A 44 1.22 4.74 -7.29
CA PRO A 44 0.25 5.85 -7.20
C PRO A 44 0.65 6.89 -6.16
N ILE A 45 1.17 6.42 -5.03
CA ILE A 45 1.57 7.29 -3.93
C ILE A 45 2.69 8.25 -4.36
N CYS A 46 3.50 7.82 -5.31
CA CYS A 46 4.67 8.60 -5.73
C CYS A 46 4.50 9.17 -7.13
N CYS A 47 3.43 8.74 -7.82
CA CYS A 47 3.22 9.03 -9.24
C CYS A 47 4.50 8.80 -10.04
N SER A 48 5.26 7.79 -9.62
CA SER A 48 6.54 7.49 -10.24
C SER A 48 6.66 5.99 -10.49
N GLU A 49 7.54 5.62 -11.39
CA GLU A 49 7.66 4.25 -11.87
C GLU A 49 8.51 3.37 -10.95
N TYR A 50 8.52 2.08 -11.25
CA TYR A 50 9.32 1.12 -10.52
C TYR A 50 10.62 0.83 -11.27
N VAL A 51 11.74 1.04 -10.59
CA VAL A 51 13.05 0.77 -11.17
C VAL A 51 13.95 0.09 -10.16
N LYS A 52 15.05 -0.49 -10.63
CA LYS A 52 16.00 -1.19 -9.79
C LYS A 52 16.55 -0.26 -8.70
N GLY A 53 16.43 -0.69 -7.46
CA GLY A 53 16.99 0.06 -6.35
C GLY A 53 15.96 0.42 -5.31
N ASP A 54 14.70 0.47 -5.71
CA ASP A 54 13.62 0.81 -4.79
C ASP A 54 13.14 -0.43 -4.05
N VAL A 55 12.46 -0.24 -2.93
CA VAL A 55 11.99 -1.34 -2.11
C VAL A 55 10.47 -1.44 -2.19
N ALA A 56 9.98 -2.53 -2.74
CA ALA A 56 8.56 -2.77 -2.83
C ALA A 56 8.10 -3.73 -1.75
N THR A 57 6.80 -3.85 -1.57
CA THR A 57 6.24 -4.79 -0.63
C THR A 57 4.84 -5.18 -1.09
N GLU A 58 4.30 -6.23 -0.51
CA GLU A 58 2.98 -6.71 -0.89
C GLU A 58 2.04 -6.68 0.31
N LEU A 59 0.97 -5.93 0.19
CA LEU A 59 -0.09 -5.98 1.18
C LEU A 59 -0.82 -7.31 1.05
N PRO A 60 -1.23 -7.91 2.18
CA PRO A 60 -1.86 -9.25 2.21
C PRO A 60 -3.06 -9.39 1.27
N CYS A 61 -3.65 -8.26 0.89
CA CYS A 61 -4.77 -8.27 -0.05
C CYS A 61 -4.27 -8.27 -1.50
N HIS A 62 -3.00 -8.67 -1.65
CA HIS A 62 -2.35 -8.76 -2.96
C HIS A 62 -2.35 -7.43 -3.69
N HIS A 63 -1.64 -6.47 -3.11
CA HIS A 63 -1.45 -5.17 -3.74
C HIS A 63 -0.06 -4.64 -3.41
N TYR A 64 0.71 -4.36 -4.44
CA TYR A 64 2.11 -3.99 -4.27
C TYR A 64 2.29 -2.48 -4.22
N PHE A 65 3.19 -2.05 -3.36
CA PHE A 65 3.59 -0.65 -3.25
C PHE A 65 5.04 -0.60 -2.82
N HIS A 66 5.63 0.58 -2.75
CA HIS A 66 6.96 0.72 -2.15
C HIS A 66 6.80 0.66 -0.64
N LYS A 67 7.64 -0.13 0.01
CA LYS A 67 7.57 -0.24 1.47
C LYS A 67 7.73 1.12 2.15
N PRO A 68 8.77 1.92 1.81
CA PRO A 68 8.97 3.25 2.40
C PRO A 68 7.71 4.13 2.37
N CYS A 69 7.04 4.19 1.23
CA CYS A 69 5.88 5.08 1.09
C CYS A 69 4.63 4.47 1.71
N VAL A 70 4.48 3.15 1.62
CA VAL A 70 3.29 2.50 2.15
C VAL A 70 3.33 2.47 3.68
N SER A 71 4.53 2.41 4.24
CA SER A 71 4.69 2.41 5.70
C SER A 71 4.18 3.70 6.31
N ILE A 72 4.33 4.80 5.58
CA ILE A 72 3.84 6.09 6.02
C ILE A 72 2.34 6.18 5.78
N TRP A 73 1.90 5.72 4.63
CA TRP A 73 0.49 5.77 4.26
C TRP A 73 -0.37 4.93 5.20
N LEU A 74 0.10 3.73 5.53
CA LEU A 74 -0.66 2.83 6.39
C LEU A 74 -0.78 3.36 7.81
N GLN A 75 0.15 4.21 8.21
CA GLN A 75 0.10 4.83 9.54
C GLN A 75 -0.63 6.17 9.48
N LYS A 76 -1.10 6.53 8.30
CA LYS A 76 -1.79 7.80 8.11
C LYS A 76 -3.25 7.58 7.72
N SER A 77 -3.50 6.63 6.83
CA SER A 77 -4.86 6.34 6.38
C SER A 77 -5.28 4.91 6.69
N GLY A 78 -4.30 4.04 6.90
CA GLY A 78 -4.57 2.65 7.28
C GLY A 78 -5.42 1.89 6.26
N THR A 79 -5.37 2.30 5.00
CA THR A 79 -6.16 1.68 3.95
C THR A 79 -5.38 1.48 2.67
N CYS A 80 -5.66 0.38 1.99
CA CYS A 80 -5.04 0.09 0.70
C CYS A 80 -5.66 0.99 -0.37
N PRO A 81 -4.90 1.96 -0.90
CA PRO A 81 -5.43 3.00 -1.80
C PRO A 81 -6.27 2.46 -2.96
N VAL A 82 -5.91 1.28 -3.45
CA VAL A 82 -6.55 0.73 -4.64
C VAL A 82 -7.89 0.04 -4.33
N CYS A 83 -8.05 -0.49 -3.12
CA CYS A 83 -9.25 -1.26 -2.80
C CYS A 83 -9.98 -0.72 -1.57
N ARG A 84 -9.30 0.16 -0.82
CA ARG A 84 -9.87 0.81 0.34
C ARG A 84 -10.15 -0.18 1.46
N CYS A 85 -9.44 -1.30 1.42
CA CYS A 85 -9.49 -2.28 2.48
C CYS A 85 -8.51 -1.88 3.58
N MET A 86 -8.87 -2.16 4.82
CA MET A 86 -8.07 -1.74 5.96
C MET A 86 -6.83 -2.60 6.13
N PHE A 87 -5.79 -2.01 6.68
CA PHE A 87 -4.59 -2.74 7.07
C PHE A 87 -4.25 -2.36 8.51
N PRO A 88 -4.10 -3.35 9.42
CA PRO A 88 -4.19 -4.79 9.10
C PRO A 88 -5.56 -5.19 8.55
N PRO A 89 -5.60 -6.27 7.74
CA PRO A 89 -6.81 -6.72 7.06
C PRO A 89 -7.96 -6.98 8.04
N PRO A 90 -9.18 -6.56 7.68
CA PRO A 90 -10.37 -6.77 8.51
C PRO A 90 -10.80 -8.23 8.53
N LEU A 91 -11.83 -8.51 9.30
CA LEU A 91 -12.31 -9.87 9.46
C LEU A 91 -13.76 -9.98 9.01
ZN ZN B . 6.25 4.71 -3.75
ZN ZN C . -5.63 -3.96 -1.67
N MET A 1 19.59 7.52 14.55
CA MET A 1 18.59 8.15 13.67
C MET A 1 17.43 8.72 14.50
N GLY A 2 17.41 10.03 14.62
CA GLY A 2 16.33 10.68 15.35
C GLY A 2 15.54 11.60 14.45
N HIS A 3 14.26 11.28 14.25
CA HIS A 3 13.41 12.08 13.38
C HIS A 3 11.98 12.07 13.89
N HIS A 4 11.27 13.18 13.70
CA HIS A 4 9.88 13.27 14.12
C HIS A 4 8.98 13.33 12.89
N HIS A 5 7.80 12.75 12.99
CA HIS A 5 6.91 12.63 11.83
C HIS A 5 5.51 13.11 12.17
N HIS A 6 4.79 13.60 11.17
CA HIS A 6 3.41 14.01 11.35
C HIS A 6 2.52 12.79 11.54
N HIS A 7 1.52 12.94 12.38
CA HIS A 7 0.56 11.87 12.64
C HIS A 7 -0.79 12.49 12.99
N HIS A 8 -0.98 13.72 12.54
CA HIS A 8 -2.20 14.48 12.80
C HIS A 8 -3.42 13.72 12.32
N SER A 9 -4.16 13.13 13.25
CA SER A 9 -5.30 12.30 12.92
C SER A 9 -6.59 13.08 13.09
N HIS A 10 -7.16 13.54 11.98
CA HIS A 10 -8.43 14.23 12.02
C HIS A 10 -9.26 13.82 10.81
N MET A 11 -10.43 13.26 11.07
CA MET A 11 -11.34 12.80 10.03
C MET A 11 -10.71 11.65 9.25
N VAL A 12 -10.52 10.55 9.94
CA VAL A 12 -9.99 9.32 9.34
C VAL A 12 -10.93 8.16 9.62
N ALA A 13 -11.62 7.71 8.58
CA ALA A 13 -12.62 6.65 8.71
C ALA A 13 -11.96 5.31 9.03
N ASN A 14 -10.87 5.01 8.34
CA ASN A 14 -10.19 3.73 8.54
C ASN A 14 -8.90 3.96 9.33
N PRO A 15 -8.76 3.27 10.48
CA PRO A 15 -7.61 3.44 11.38
C PRO A 15 -6.29 3.09 10.71
N PRO A 16 -5.19 3.73 11.16
CA PRO A 16 -3.84 3.48 10.65
C PRO A 16 -3.40 2.03 10.90
N ALA A 17 -2.36 1.62 10.19
CA ALA A 17 -1.86 0.26 10.31
C ALA A 17 -0.86 0.16 11.46
N SER A 18 -0.74 -1.04 12.01
CA SER A 18 0.19 -1.29 13.11
C SER A 18 1.63 -1.27 12.60
N LYS A 19 2.50 -0.64 13.39
CA LYS A 19 3.91 -0.51 13.02
C LYS A 19 4.54 -1.88 12.81
N GLU A 20 4.19 -2.80 13.71
CA GLU A 20 4.69 -4.16 13.66
C GLU A 20 4.49 -4.79 12.29
N SER A 21 3.29 -4.60 11.74
CA SER A 21 2.95 -5.15 10.43
C SER A 21 3.76 -4.45 9.34
N ILE A 22 3.87 -3.13 9.45
CA ILE A 22 4.59 -2.33 8.47
C ILE A 22 6.06 -2.72 8.41
N ASP A 23 6.64 -2.98 9.57
CA ASP A 23 8.04 -3.37 9.67
C ASP A 23 8.25 -4.75 9.05
N ALA A 24 7.35 -5.67 9.37
CA ALA A 24 7.50 -7.07 8.96
C ALA A 24 6.98 -7.31 7.53
N LEU A 25 6.58 -6.24 6.86
CA LEU A 25 6.12 -6.35 5.47
C LEU A 25 7.21 -6.94 4.58
N PRO A 26 6.87 -8.00 3.81
CA PRO A 26 7.81 -8.68 2.91
C PRO A 26 8.40 -7.72 1.89
N GLU A 27 9.71 -7.69 1.83
CA GLU A 27 10.42 -6.70 1.02
C GLU A 27 10.84 -7.31 -0.31
N ILE A 28 10.29 -6.78 -1.39
CA ILE A 28 10.56 -7.27 -2.72
C ILE A 28 11.51 -6.31 -3.45
N LEU A 29 12.57 -6.86 -4.01
CA LEU A 29 13.55 -6.05 -4.72
C LEU A 29 13.08 -5.81 -6.15
N VAL A 30 12.91 -4.54 -6.50
CA VAL A 30 12.44 -4.15 -7.82
C VAL A 30 13.61 -3.97 -8.78
N THR A 31 13.51 -4.62 -9.93
CA THR A 31 14.51 -4.53 -10.98
C THR A 31 13.83 -4.41 -12.33
N GLU A 32 14.60 -4.18 -13.38
CA GLU A 32 14.04 -4.08 -14.73
C GLU A 32 13.36 -5.40 -15.11
N ASP A 33 12.12 -5.29 -15.61
CA ASP A 33 11.29 -6.44 -15.99
C ASP A 33 10.86 -7.24 -14.77
N HIS A 34 11.09 -6.66 -13.60
CA HIS A 34 10.66 -7.25 -12.34
C HIS A 34 10.19 -6.11 -11.44
N GLY A 35 9.58 -5.12 -12.08
CA GLY A 35 9.22 -3.91 -11.38
C GLY A 35 7.80 -3.92 -10.86
N ALA A 36 6.83 -4.13 -11.75
CA ALA A 36 5.42 -4.03 -11.39
C ALA A 36 5.08 -4.94 -10.22
N VAL A 37 5.29 -6.24 -10.41
CA VAL A 37 5.07 -7.24 -9.37
C VAL A 37 3.62 -7.24 -8.91
N GLY A 38 2.80 -8.08 -9.52
CA GLY A 38 1.43 -8.23 -9.08
C GLY A 38 0.45 -7.43 -9.91
N GLN A 39 0.20 -6.19 -9.53
CA GLN A 39 -0.82 -5.38 -10.19
C GLN A 39 -0.39 -3.93 -10.34
N GLU A 40 0.04 -3.32 -9.25
CA GLU A 40 0.46 -1.91 -9.27
C GLU A 40 1.74 -1.73 -10.08
N MET A 41 1.61 -1.14 -11.26
CA MET A 41 2.76 -0.93 -12.14
C MET A 41 3.49 0.35 -11.76
N CYS A 42 2.80 1.21 -11.02
CA CYS A 42 3.36 2.47 -10.56
C CYS A 42 3.00 2.69 -9.10
N CYS A 43 3.74 3.55 -8.43
CA CYS A 43 3.49 3.88 -7.04
C CYS A 43 2.89 5.27 -6.95
N PRO A 44 1.55 5.35 -6.77
CA PRO A 44 0.84 6.63 -6.75
C PRO A 44 1.34 7.55 -5.64
N ILE A 45 1.83 6.93 -4.57
CA ILE A 45 2.28 7.65 -3.40
C ILE A 45 3.45 8.59 -3.72
N CYS A 46 4.26 8.24 -4.71
CA CYS A 46 5.40 9.07 -5.08
C CYS A 46 5.33 9.51 -6.54
N CYS A 47 4.23 9.13 -7.21
CA CYS A 47 4.06 9.41 -8.63
C CYS A 47 5.28 8.96 -9.43
N SER A 48 5.55 7.67 -9.40
CA SER A 48 6.68 7.10 -10.10
C SER A 48 6.45 5.61 -10.29
N GLU A 49 7.06 5.06 -11.34
CA GLU A 49 6.93 3.64 -11.66
C GLU A 49 7.82 2.81 -10.75
N TYR A 50 7.90 1.52 -11.05
CA TYR A 50 8.76 0.62 -10.30
C TYR A 50 10.08 0.40 -11.03
N VAL A 51 11.13 0.99 -10.50
CA VAL A 51 12.45 0.92 -11.11
C VAL A 51 13.44 0.24 -10.18
N LYS A 52 14.56 -0.19 -10.75
CA LYS A 52 15.60 -0.87 -9.98
C LYS A 52 16.19 0.05 -8.93
N GLY A 53 15.94 -0.29 -7.67
CA GLY A 53 16.43 0.51 -6.58
C GLY A 53 15.36 0.77 -5.54
N ASP A 54 14.13 0.85 -6.00
CA ASP A 54 13.00 1.08 -5.10
C ASP A 54 12.52 -0.23 -4.51
N VAL A 55 12.30 -0.24 -3.21
CA VAL A 55 11.86 -1.44 -2.51
C VAL A 55 10.34 -1.56 -2.55
N ALA A 56 9.84 -2.71 -2.99
CA ALA A 56 8.41 -2.98 -3.01
C ALA A 56 8.05 -3.89 -1.85
N THR A 57 6.77 -4.03 -1.59
CA THR A 57 6.30 -4.91 -0.55
C THR A 57 4.93 -5.49 -0.93
N GLU A 58 4.62 -6.67 -0.40
CA GLU A 58 3.36 -7.31 -0.68
C GLU A 58 2.45 -7.24 0.54
N LEU A 59 1.33 -6.57 0.39
CA LEU A 59 0.32 -6.55 1.42
C LEU A 59 -0.50 -7.83 1.33
N PRO A 60 -0.88 -8.42 2.48
CA PRO A 60 -1.75 -9.61 2.51
C PRO A 60 -3.11 -9.36 1.84
N CYS A 61 -3.33 -8.09 1.49
CA CYS A 61 -4.52 -7.68 0.76
C CYS A 61 -4.25 -7.81 -0.75
N HIS A 62 -3.27 -8.64 -1.11
CA HIS A 62 -2.94 -8.95 -2.50
C HIS A 62 -2.61 -7.67 -3.28
N HIS A 63 -1.88 -6.76 -2.65
CA HIS A 63 -1.53 -5.50 -3.27
C HIS A 63 -0.09 -5.12 -3.00
N TYR A 64 0.53 -4.42 -3.94
CA TYR A 64 1.95 -4.15 -3.88
C TYR A 64 2.24 -2.66 -3.95
N PHE A 65 3.10 -2.19 -3.06
CA PHE A 65 3.50 -0.79 -3.03
C PHE A 65 4.95 -0.66 -2.59
N HIS A 66 5.56 0.48 -2.85
CA HIS A 66 6.90 0.75 -2.36
C HIS A 66 6.87 0.86 -0.84
N LYS A 67 7.66 0.04 -0.16
CA LYS A 67 7.68 0.01 1.30
C LYS A 67 8.02 1.38 1.90
N PRO A 68 9.09 2.06 1.43
CA PRO A 68 9.44 3.41 1.91
C PRO A 68 8.30 4.42 1.74
N CYS A 69 7.44 4.18 0.76
CA CYS A 69 6.30 5.05 0.50
C CYS A 69 5.12 4.69 1.39
N VAL A 70 4.74 3.42 1.35
CA VAL A 70 3.53 2.95 2.01
C VAL A 70 3.64 3.06 3.53
N SER A 71 4.87 3.02 4.04
CA SER A 71 5.10 3.12 5.48
C SER A 71 4.64 4.47 6.03
N ILE A 72 4.71 5.51 5.20
CA ILE A 72 4.26 6.82 5.60
C ILE A 72 2.74 6.90 5.50
N TRP A 73 2.20 6.30 4.45
CA TRP A 73 0.76 6.29 4.21
C TRP A 73 0.02 5.48 5.27
N LEU A 74 0.57 4.33 5.65
CA LEU A 74 -0.07 3.45 6.61
C LEU A 74 -0.11 4.07 8.01
N GLN A 75 0.74 5.06 8.25
CA GLN A 75 0.73 5.80 9.51
C GLN A 75 -0.46 6.73 9.56
N LYS A 76 -0.98 7.09 8.40
CA LYS A 76 -2.14 7.95 8.30
C LYS A 76 -3.41 7.11 8.28
N SER A 77 -3.39 6.06 7.49
CA SER A 77 -4.51 5.14 7.39
C SER A 77 -4.05 3.78 6.87
N GLY A 78 -4.48 2.72 7.55
CA GLY A 78 -4.11 1.38 7.12
C GLY A 78 -5.00 0.87 6.03
N THR A 79 -4.77 1.34 4.81
CA THR A 79 -5.64 1.04 3.69
C THR A 79 -4.82 1.00 2.39
N CYS A 80 -5.23 0.17 1.44
CA CYS A 80 -4.66 0.27 0.10
C CYS A 80 -5.25 1.48 -0.59
N PRO A 81 -4.41 2.46 -1.00
CA PRO A 81 -4.89 3.70 -1.63
C PRO A 81 -5.65 3.45 -2.94
N VAL A 82 -5.56 2.22 -3.45
CA VAL A 82 -6.22 1.86 -4.70
C VAL A 82 -7.57 1.19 -4.46
N CYS A 83 -7.61 0.19 -3.59
CA CYS A 83 -8.82 -0.62 -3.39
C CYS A 83 -9.64 -0.11 -2.21
N ARG A 84 -8.99 0.65 -1.33
CA ARG A 84 -9.61 1.17 -0.10
C ARG A 84 -10.03 0.04 0.85
N CYS A 85 -9.38 -1.10 0.73
CA CYS A 85 -9.57 -2.18 1.70
C CYS A 85 -8.55 -2.06 2.83
N MET A 86 -8.93 -2.53 4.00
CA MET A 86 -8.16 -2.29 5.22
C MET A 86 -6.91 -3.16 5.32
N PHE A 87 -5.87 -2.60 5.93
CA PHE A 87 -4.67 -3.32 6.32
C PHE A 87 -4.32 -2.94 7.77
N PRO A 88 -4.18 -3.94 8.67
CA PRO A 88 -4.28 -5.38 8.37
C PRO A 88 -5.62 -5.78 7.77
N PRO A 89 -5.60 -6.75 6.84
CA PRO A 89 -6.79 -7.16 6.10
C PRO A 89 -7.82 -7.85 6.97
N PRO A 90 -9.11 -7.71 6.62
CA PRO A 90 -10.21 -8.38 7.34
C PRO A 90 -10.22 -9.88 7.08
N LEU A 91 -11.15 -10.58 7.70
CA LEU A 91 -11.25 -12.03 7.54
C LEU A 91 -12.40 -12.37 6.61
ZN ZN B . 7.00 4.84 -4.39
ZN ZN C . -6.02 -3.94 -1.26
N MET A 1 -36.19 -8.05 8.99
CA MET A 1 -35.38 -9.06 8.28
C MET A 1 -33.91 -8.75 8.42
N GLY A 2 -33.09 -9.77 8.28
CA GLY A 2 -31.66 -9.62 8.48
C GLY A 2 -31.20 -10.44 9.67
N HIS A 3 -30.36 -11.42 9.41
CA HIS A 3 -29.86 -12.29 10.47
C HIS A 3 -28.41 -11.95 10.82
N HIS A 4 -28.04 -10.69 10.59
CA HIS A 4 -26.76 -10.17 11.01
C HIS A 4 -26.97 -9.12 12.08
N HIS A 5 -27.20 -9.57 13.30
CA HIS A 5 -27.58 -8.67 14.38
C HIS A 5 -26.34 -8.11 15.10
N HIS A 6 -25.18 -8.66 14.77
CA HIS A 6 -23.94 -8.16 15.35
C HIS A 6 -23.21 -7.27 14.35
N HIS A 7 -23.52 -5.99 14.38
CA HIS A 7 -22.87 -5.04 13.50
C HIS A 7 -21.66 -4.43 14.19
N HIS A 8 -20.58 -4.28 13.44
CA HIS A 8 -19.41 -3.62 13.96
C HIS A 8 -19.58 -2.11 13.84
N SER A 9 -20.32 -1.54 14.78
CA SER A 9 -20.63 -0.13 14.75
C SER A 9 -19.44 0.68 15.24
N HIS A 10 -18.56 0.99 14.31
CA HIS A 10 -17.37 1.77 14.60
C HIS A 10 -17.12 2.71 13.41
N MET A 11 -17.39 3.99 13.61
CA MET A 11 -17.35 4.97 12.52
C MET A 11 -16.01 4.97 11.79
N VAL A 12 -14.91 5.08 12.54
CA VAL A 12 -13.59 4.98 11.95
C VAL A 12 -13.12 3.55 11.98
N ALA A 13 -13.58 2.75 11.02
CA ALA A 13 -13.28 1.33 10.98
C ALA A 13 -11.81 1.10 10.66
N ASN A 14 -11.26 1.92 9.78
CA ASN A 14 -9.88 1.76 9.35
C ASN A 14 -8.94 2.55 10.27
N PRO A 15 -8.13 1.85 11.07
CA PRO A 15 -7.18 2.46 11.97
C PRO A 15 -5.82 2.68 11.30
N PRO A 16 -4.93 3.45 11.93
CA PRO A 16 -3.55 3.58 11.46
C PRO A 16 -2.74 2.33 11.77
N ALA A 17 -1.95 1.90 10.81
CA ALA A 17 -1.15 0.69 10.99
C ALA A 17 0.10 0.99 11.79
N SER A 18 0.32 0.22 12.83
CA SER A 18 1.49 0.38 13.68
C SER A 18 2.74 -0.15 12.97
N LYS A 19 3.91 0.18 13.51
CA LYS A 19 5.17 -0.27 12.95
C LYS A 19 5.23 -1.80 12.89
N GLU A 20 4.63 -2.45 13.88
CA GLU A 20 4.65 -3.91 13.97
C GLU A 20 4.05 -4.54 12.72
N SER A 21 3.04 -3.89 12.15
CA SER A 21 2.36 -4.40 10.99
C SER A 21 3.07 -3.99 9.70
N ILE A 22 3.62 -2.79 9.70
CA ILE A 22 4.25 -2.23 8.50
C ILE A 22 5.68 -2.73 8.31
N ASP A 23 6.44 -2.74 9.40
CA ASP A 23 7.85 -3.10 9.36
C ASP A 23 8.03 -4.54 8.89
N ALA A 24 7.07 -5.38 9.26
CA ALA A 24 7.14 -6.82 8.96
C ALA A 24 6.65 -7.14 7.55
N LEU A 25 6.33 -6.11 6.78
CA LEU A 25 5.91 -6.30 5.39
C LEU A 25 7.09 -6.75 4.53
N PRO A 26 6.86 -7.75 3.66
CA PRO A 26 7.90 -8.32 2.80
C PRO A 26 8.57 -7.28 1.91
N GLU A 27 9.84 -7.52 1.61
CA GLU A 27 10.59 -6.60 0.76
C GLU A 27 10.94 -7.27 -0.56
N ILE A 28 10.50 -6.66 -1.65
CA ILE A 28 10.78 -7.15 -2.98
C ILE A 28 11.76 -6.23 -3.68
N LEU A 29 12.90 -6.77 -4.08
CA LEU A 29 13.91 -5.99 -4.77
C LEU A 29 13.54 -5.85 -6.24
N VAL A 30 13.13 -4.65 -6.62
CA VAL A 30 12.69 -4.40 -7.98
C VAL A 30 13.87 -4.33 -8.94
N THR A 31 13.77 -5.04 -10.05
CA THR A 31 14.77 -5.00 -11.08
C THR A 31 14.16 -4.50 -12.39
N GLU A 32 14.94 -3.76 -13.17
CA GLU A 32 14.40 -3.11 -14.36
C GLU A 32 14.13 -4.14 -15.46
N ASP A 33 14.72 -5.32 -15.33
CA ASP A 33 14.53 -6.38 -16.31
C ASP A 33 13.08 -6.89 -16.27
N HIS A 34 12.42 -6.69 -15.13
CA HIS A 34 11.04 -7.13 -14.98
C HIS A 34 10.08 -6.01 -15.39
N GLY A 35 10.63 -4.81 -15.54
CA GLY A 35 9.83 -3.66 -15.92
C GLY A 35 8.97 -3.15 -14.78
N ALA A 36 7.85 -3.82 -14.56
CA ALA A 36 6.95 -3.46 -13.48
C ALA A 36 7.03 -4.51 -12.38
N VAL A 37 6.16 -4.41 -11.39
CA VAL A 37 6.14 -5.37 -10.29
C VAL A 37 4.81 -6.11 -10.27
N GLY A 38 4.78 -7.28 -10.89
CA GLY A 38 3.57 -8.07 -10.98
C GLY A 38 2.51 -7.36 -11.79
N GLN A 39 1.46 -6.92 -11.12
CA GLN A 39 0.36 -6.24 -11.78
C GLN A 39 0.50 -4.72 -11.66
N GLU A 40 1.36 -4.27 -10.77
CA GLU A 40 1.49 -2.85 -10.49
C GLU A 40 2.68 -2.26 -11.22
N MET A 41 2.46 -1.13 -11.85
CA MET A 41 3.47 -0.50 -12.69
C MET A 41 3.81 0.90 -12.19
N CYS A 42 3.07 1.37 -11.19
CA CYS A 42 3.28 2.72 -10.67
C CYS A 42 2.91 2.80 -9.20
N CYS A 43 3.57 3.70 -8.49
CA CYS A 43 3.29 3.91 -7.07
C CYS A 43 2.60 5.25 -6.87
N PRO A 44 1.25 5.26 -6.86
CA PRO A 44 0.44 6.49 -6.81
C PRO A 44 0.70 7.33 -5.56
N ILE A 45 1.28 6.70 -4.54
CA ILE A 45 1.60 7.38 -3.30
C ILE A 45 2.63 8.49 -3.53
N CYS A 46 3.47 8.31 -4.55
CA CYS A 46 4.49 9.30 -4.88
C CYS A 46 4.41 9.71 -6.34
N CYS A 47 3.56 9.02 -7.10
CA CYS A 47 3.42 9.26 -8.54
C CYS A 47 4.74 8.99 -9.27
N SER A 48 5.46 7.99 -8.79
CA SER A 48 6.73 7.59 -9.40
C SER A 48 6.70 6.11 -9.78
N GLU A 49 7.57 5.74 -10.70
CA GLU A 49 7.63 4.37 -11.20
C GLU A 49 8.46 3.48 -10.29
N TYR A 50 8.68 2.24 -10.71
CA TYR A 50 9.53 1.31 -9.99
C TYR A 50 10.83 1.08 -10.74
N VAL A 51 11.94 1.43 -10.11
CA VAL A 51 13.26 1.33 -10.74
C VAL A 51 14.06 0.17 -10.14
N LYS A 52 15.23 -0.08 -10.73
CA LYS A 52 16.08 -1.18 -10.29
C LYS A 52 16.80 -0.81 -9.00
N GLY A 53 16.63 -1.64 -7.98
CA GLY A 53 17.26 -1.39 -6.71
C GLY A 53 16.29 -0.79 -5.72
N ASP A 54 15.05 -0.60 -6.15
CA ASP A 54 14.02 -0.04 -5.29
C ASP A 54 13.36 -1.16 -4.50
N VAL A 55 12.74 -0.81 -3.38
CA VAL A 55 12.14 -1.80 -2.50
C VAL A 55 10.62 -1.68 -2.49
N ALA A 56 9.97 -2.71 -3.01
CA ALA A 56 8.51 -2.78 -3.00
C ALA A 56 8.03 -3.80 -1.98
N THR A 57 6.75 -3.77 -1.68
CA THR A 57 6.17 -4.72 -0.76
C THR A 57 4.91 -5.33 -1.37
N GLU A 58 4.36 -6.34 -0.71
CA GLU A 58 3.20 -7.05 -1.21
C GLU A 58 2.12 -7.06 -0.14
N LEU A 59 0.98 -6.46 -0.44
CA LEU A 59 -0.13 -6.40 0.50
C LEU A 59 -1.02 -7.63 0.36
N PRO A 60 -1.63 -8.09 1.47
CA PRO A 60 -2.45 -9.32 1.47
C PRO A 60 -3.70 -9.23 0.60
N CYS A 61 -3.84 -8.13 -0.12
CA CYS A 61 -4.97 -7.94 -1.02
C CYS A 61 -4.48 -8.00 -2.47
N HIS A 62 -3.22 -8.39 -2.64
CA HIS A 62 -2.56 -8.38 -3.95
C HIS A 62 -2.39 -6.96 -4.45
N HIS A 63 -1.27 -6.35 -4.09
CA HIS A 63 -0.95 -4.99 -4.49
C HIS A 63 0.47 -4.64 -4.07
N TYR A 64 1.27 -4.22 -5.04
CA TYR A 64 2.68 -3.93 -4.80
C TYR A 64 2.89 -2.42 -4.72
N PHE A 65 3.63 -1.99 -3.70
CA PHE A 65 3.92 -0.57 -3.50
C PHE A 65 5.30 -0.42 -2.90
N HIS A 66 5.92 0.74 -3.11
CA HIS A 66 7.16 1.07 -2.42
C HIS A 66 6.94 0.97 -0.92
N LYS A 67 7.76 0.17 -0.24
CA LYS A 67 7.58 -0.04 1.19
C LYS A 67 7.65 1.29 1.96
N PRO A 68 8.67 2.14 1.74
CA PRO A 68 8.74 3.46 2.39
C PRO A 68 7.47 4.28 2.19
N CYS A 69 6.86 4.16 1.00
CA CYS A 69 5.64 4.90 0.70
C CYS A 69 4.46 4.36 1.49
N VAL A 70 4.26 3.04 1.42
CA VAL A 70 3.13 2.41 2.08
C VAL A 70 3.26 2.54 3.60
N SER A 71 4.49 2.66 4.08
CA SER A 71 4.74 2.89 5.49
C SER A 71 4.11 4.21 5.92
N ILE A 72 4.47 5.29 5.22
CA ILE A 72 3.95 6.61 5.52
C ILE A 72 2.44 6.64 5.38
N TRP A 73 1.94 5.98 4.34
CA TRP A 73 0.51 5.94 4.07
C TRP A 73 -0.25 5.21 5.17
N LEU A 74 0.19 3.99 5.50
CA LEU A 74 -0.51 3.16 6.48
C LEU A 74 -0.43 3.76 7.88
N GLN A 75 0.67 4.46 8.17
CA GLN A 75 0.82 5.14 9.44
C GLN A 75 -0.28 6.17 9.65
N LYS A 76 -0.76 6.74 8.54
CA LYS A 76 -1.81 7.75 8.59
C LYS A 76 -3.19 7.10 8.44
N SER A 77 -3.28 6.12 7.56
CA SER A 77 -4.53 5.42 7.31
C SER A 77 -4.28 4.01 6.80
N GLY A 78 -4.67 3.02 7.58
CA GLY A 78 -4.46 1.64 7.20
C GLY A 78 -5.50 1.13 6.22
N THR A 79 -5.43 1.61 4.98
CA THR A 79 -6.32 1.16 3.92
C THR A 79 -5.57 1.18 2.60
N CYS A 80 -5.82 0.17 1.77
CA CYS A 80 -5.23 0.11 0.44
C CYS A 80 -5.93 1.12 -0.47
N PRO A 81 -5.23 2.16 -0.90
CA PRO A 81 -5.83 3.28 -1.65
C PRO A 81 -6.55 2.85 -2.92
N VAL A 82 -5.99 1.87 -3.61
CA VAL A 82 -6.53 1.45 -4.90
C VAL A 82 -7.86 0.70 -4.77
N CYS A 83 -7.92 -0.29 -3.87
CA CYS A 83 -9.09 -1.16 -3.82
C CYS A 83 -9.86 -0.99 -2.51
N ARG A 84 -9.28 -0.23 -1.59
CA ARG A 84 -9.88 0.05 -0.28
C ARG A 84 -10.04 -1.24 0.54
N CYS A 85 -9.01 -1.52 1.33
CA CYS A 85 -9.00 -2.69 2.19
C CYS A 85 -8.28 -2.34 3.48
N MET A 86 -8.90 -2.67 4.60
CA MET A 86 -8.33 -2.37 5.91
C MET A 86 -7.03 -3.13 6.11
N PHE A 87 -6.06 -2.46 6.73
CA PHE A 87 -4.80 -3.10 7.07
C PHE A 87 -4.45 -2.79 8.53
N PRO A 88 -4.38 -3.82 9.38
CA PRO A 88 -4.65 -5.21 8.99
C PRO A 88 -6.13 -5.48 8.75
N PRO A 89 -6.46 -6.50 7.93
CA PRO A 89 -7.84 -6.84 7.57
C PRO A 89 -8.74 -7.07 8.79
N PRO A 90 -10.05 -6.81 8.64
CA PRO A 90 -11.01 -6.97 9.73
C PRO A 90 -11.44 -8.42 9.92
N LEU A 91 -12.17 -8.67 10.99
CA LEU A 91 -12.65 -10.01 11.30
C LEU A 91 -14.17 -10.03 11.27
ZN ZN B . 6.63 5.24 -4.12
ZN ZN C . -5.40 -3.61 -2.78
N MET A 1 -16.81 30.18 17.65
CA MET A 1 -15.91 31.13 16.97
C MET A 1 -14.55 30.51 16.74
N GLY A 2 -14.18 30.34 15.47
CA GLY A 2 -12.86 29.83 15.14
C GLY A 2 -12.70 28.35 15.37
N HIS A 3 -13.81 27.63 15.40
CA HIS A 3 -13.77 26.20 15.62
C HIS A 3 -14.06 25.46 14.32
N HIS A 4 -13.27 24.44 14.04
CA HIS A 4 -13.33 23.75 12.75
C HIS A 4 -14.51 22.78 12.70
N HIS A 5 -15.03 22.57 11.49
CA HIS A 5 -16.22 21.74 11.29
C HIS A 5 -15.82 20.27 11.15
N HIS A 6 -14.66 19.92 11.71
CA HIS A 6 -14.08 18.59 11.52
C HIS A 6 -14.95 17.51 12.15
N HIS A 7 -15.66 17.85 13.23
CA HIS A 7 -16.54 16.89 13.90
C HIS A 7 -17.78 16.60 13.07
N HIS A 8 -17.97 17.38 12.00
CA HIS A 8 -19.10 17.20 11.11
C HIS A 8 -18.68 16.40 9.89
N SER A 9 -17.45 15.90 9.92
CA SER A 9 -16.92 15.11 8.84
C SER A 9 -16.83 13.64 9.25
N HIS A 10 -17.73 12.83 8.73
CA HIS A 10 -17.71 11.39 8.97
C HIS A 10 -16.89 10.71 7.88
N MET A 11 -15.59 10.69 8.07
CA MET A 11 -14.69 10.13 7.07
C MET A 11 -13.91 8.97 7.66
N VAL A 12 -14.41 8.42 8.75
CA VAL A 12 -13.78 7.27 9.40
C VAL A 12 -13.86 6.05 8.49
N ALA A 13 -12.73 5.67 7.95
CA ALA A 13 -12.65 4.53 7.04
C ALA A 13 -11.25 3.93 7.07
N ASN A 14 -11.10 2.89 7.88
CA ASN A 14 -9.84 2.15 7.99
C ASN A 14 -8.76 2.98 8.69
N PRO A 15 -8.53 2.68 9.98
CA PRO A 15 -7.54 3.40 10.80
C PRO A 15 -6.10 3.07 10.39
N PRO A 16 -5.11 3.77 10.97
CA PRO A 16 -3.70 3.48 10.75
C PRO A 16 -3.34 2.03 11.07
N ALA A 17 -2.34 1.52 10.36
CA ALA A 17 -1.91 0.14 10.52
C ALA A 17 -0.99 -0.01 11.73
N SER A 18 -0.91 -1.23 12.24
CA SER A 18 0.00 -1.53 13.34
C SER A 18 1.45 -1.42 12.85
N LYS A 19 2.31 -0.86 13.69
CA LYS A 19 3.71 -0.64 13.31
C LYS A 19 4.41 -1.96 13.00
N GLU A 20 4.09 -3.00 13.77
CA GLU A 20 4.65 -4.33 13.55
C GLU A 20 4.31 -4.83 12.16
N SER A 21 3.07 -4.61 11.75
CA SER A 21 2.58 -5.07 10.46
C SER A 21 3.37 -4.43 9.32
N ILE A 22 3.66 -3.14 9.48
CA ILE A 22 4.39 -2.38 8.47
C ILE A 22 5.84 -2.84 8.40
N ASP A 23 6.44 -3.08 9.57
CA ASP A 23 7.84 -3.48 9.63
C ASP A 23 8.02 -4.92 9.15
N ALA A 24 7.02 -5.76 9.40
CA ALA A 24 7.10 -7.17 9.03
C ALA A 24 6.78 -7.38 7.56
N LEU A 25 6.49 -6.31 6.84
CA LEU A 25 6.23 -6.40 5.41
C LEU A 25 7.47 -6.85 4.65
N PRO A 26 7.36 -7.96 3.89
CA PRO A 26 8.48 -8.54 3.14
C PRO A 26 9.08 -7.55 2.15
N GLU A 27 10.35 -7.23 2.35
CA GLU A 27 11.03 -6.28 1.49
C GLU A 27 11.45 -6.92 0.18
N ILE A 28 10.97 -6.35 -0.92
CA ILE A 28 11.31 -6.85 -2.24
C ILE A 28 12.09 -5.79 -3.01
N LEU A 29 13.31 -6.13 -3.42
CA LEU A 29 14.11 -5.23 -4.23
C LEU A 29 13.59 -5.21 -5.66
N VAL A 30 13.18 -4.03 -6.11
CA VAL A 30 12.59 -3.91 -7.43
C VAL A 30 13.64 -3.73 -8.50
N THR A 31 13.64 -4.65 -9.46
CA THR A 31 14.49 -4.54 -10.64
C THR A 31 13.64 -4.59 -11.89
N GLU A 32 14.22 -4.21 -13.03
CA GLU A 32 13.47 -4.09 -14.28
C GLU A 32 13.00 -5.45 -14.79
N ASP A 33 13.78 -6.48 -14.48
CA ASP A 33 13.48 -7.84 -14.91
C ASP A 33 12.18 -8.37 -14.32
N HIS A 34 11.71 -7.75 -13.25
CA HIS A 34 10.52 -8.22 -12.53
C HIS A 34 9.24 -7.89 -13.30
N GLY A 35 9.31 -6.96 -14.24
CA GLY A 35 8.15 -6.63 -15.06
C GLY A 35 6.99 -6.07 -14.26
N ALA A 36 7.17 -4.85 -13.74
CA ALA A 36 6.14 -4.14 -12.97
C ALA A 36 5.86 -4.81 -11.61
N VAL A 37 6.52 -5.94 -11.37
CA VAL A 37 6.39 -6.69 -10.12
C VAL A 37 5.04 -7.40 -10.01
N GLY A 38 3.95 -6.64 -9.96
CA GLY A 38 2.64 -7.24 -9.79
C GLY A 38 1.57 -6.48 -10.56
N GLN A 39 0.31 -6.71 -10.18
CA GLN A 39 -0.82 -6.02 -10.80
C GLN A 39 -0.72 -4.51 -10.57
N GLU A 40 -0.10 -4.12 -9.47
CA GLU A 40 0.15 -2.72 -9.21
C GLU A 40 1.37 -2.29 -9.99
N MET A 41 1.16 -1.47 -10.99
CA MET A 41 2.23 -1.09 -11.92
C MET A 41 2.76 0.31 -11.63
N CYS A 42 2.15 0.97 -10.66
CA CYS A 42 2.56 2.32 -10.28
C CYS A 42 2.37 2.52 -8.79
N CYS A 43 3.24 3.34 -8.19
CA CYS A 43 3.14 3.68 -6.79
C CYS A 43 2.58 5.10 -6.66
N PRO A 44 1.25 5.22 -6.48
CA PRO A 44 0.55 6.52 -6.48
C PRO A 44 0.98 7.43 -5.34
N ILE A 45 1.76 6.86 -4.42
CA ILE A 45 2.24 7.61 -3.27
C ILE A 45 3.40 8.54 -3.69
N CYS A 46 4.19 8.10 -4.67
CA CYS A 46 5.29 8.92 -5.17
C CYS A 46 5.06 9.33 -6.62
N CYS A 47 3.96 8.84 -7.19
CA CYS A 47 3.56 9.17 -8.56
C CYS A 47 4.53 8.59 -9.58
N SER A 48 5.25 7.54 -9.18
CA SER A 48 6.20 6.87 -10.07
C SER A 48 5.96 5.37 -10.07
N GLU A 49 6.41 4.71 -11.12
CA GLU A 49 6.21 3.28 -11.27
C GLU A 49 7.28 2.49 -10.52
N TYR A 50 7.31 1.18 -10.76
CA TYR A 50 8.26 0.31 -10.08
C TYR A 50 9.52 0.13 -10.91
N VAL A 51 10.50 0.96 -10.60
CA VAL A 51 11.78 0.94 -11.30
C VAL A 51 12.86 0.26 -10.46
N LYS A 52 14.02 0.08 -11.05
CA LYS A 52 15.12 -0.62 -10.40
C LYS A 52 15.78 0.27 -9.35
N GLY A 53 15.81 -0.22 -8.11
CA GLY A 53 16.47 0.52 -7.05
C GLY A 53 15.55 0.80 -5.87
N ASP A 54 14.25 0.80 -6.14
CA ASP A 54 13.27 1.07 -5.09
C ASP A 54 12.91 -0.23 -4.38
N VAL A 55 12.35 -0.13 -3.19
CA VAL A 55 11.99 -1.30 -2.40
C VAL A 55 10.48 -1.42 -2.31
N ALA A 56 9.96 -2.58 -2.70
CA ALA A 56 8.54 -2.83 -2.67
C ALA A 56 8.19 -3.87 -1.63
N THR A 57 6.91 -4.07 -1.40
CA THR A 57 6.43 -5.09 -0.49
C THR A 57 5.05 -5.54 -0.92
N GLU A 58 4.63 -6.71 -0.45
CA GLU A 58 3.35 -7.27 -0.82
C GLU A 58 2.36 -7.20 0.34
N LEU A 59 1.29 -6.47 0.15
CA LEU A 59 0.19 -6.48 1.09
C LEU A 59 -0.62 -7.76 0.89
N PRO A 60 -1.30 -8.26 1.94
CA PRO A 60 -2.20 -9.41 1.84
C PRO A 60 -3.45 -9.08 1.02
N CYS A 61 -3.21 -8.53 -0.16
CA CYS A 61 -4.26 -8.01 -1.01
C CYS A 61 -3.81 -8.05 -2.47
N HIS A 62 -2.76 -8.85 -2.73
CA HIS A 62 -2.16 -8.98 -4.06
C HIS A 62 -1.70 -7.63 -4.61
N HIS A 63 -1.55 -6.66 -3.72
CA HIS A 63 -1.15 -5.33 -4.12
C HIS A 63 0.25 -5.03 -3.61
N TYR A 64 1.17 -4.84 -4.54
CA TYR A 64 2.54 -4.51 -4.21
C TYR A 64 2.72 -3.00 -4.17
N PHE A 65 3.36 -2.51 -3.14
CA PHE A 65 3.65 -1.08 -3.01
C PHE A 65 5.07 -0.87 -2.53
N HIS A 66 5.63 0.29 -2.83
CA HIS A 66 6.95 0.64 -2.32
C HIS A 66 6.87 0.78 -0.81
N LYS A 67 7.67 -0.02 -0.10
CA LYS A 67 7.64 -0.04 1.36
C LYS A 67 7.89 1.35 1.97
N PRO A 68 8.97 2.06 1.58
CA PRO A 68 9.26 3.41 2.09
C PRO A 68 8.12 4.40 1.82
N CYS A 69 7.37 4.16 0.76
CA CYS A 69 6.25 5.00 0.41
C CYS A 69 5.03 4.64 1.24
N VAL A 70 4.70 3.36 1.27
CA VAL A 70 3.48 2.88 1.89
C VAL A 70 3.56 2.97 3.42
N SER A 71 4.78 2.88 3.96
CA SER A 71 4.99 3.00 5.40
C SER A 71 4.47 4.34 5.91
N ILE A 72 4.76 5.40 5.16
CA ILE A 72 4.32 6.75 5.52
C ILE A 72 2.80 6.82 5.50
N TRP A 73 2.19 6.12 4.54
CA TRP A 73 0.75 6.10 4.38
C TRP A 73 0.09 5.29 5.49
N LEU A 74 0.58 4.06 5.69
CA LEU A 74 -0.03 3.12 6.63
C LEU A 74 -0.03 3.65 8.06
N GLN A 75 1.00 4.42 8.41
CA GLN A 75 1.11 4.96 9.77
C GLN A 75 0.01 5.98 10.06
N LYS A 76 -0.61 6.51 9.02
CA LYS A 76 -1.71 7.45 9.20
C LYS A 76 -3.03 6.84 8.75
N SER A 77 -2.95 5.76 7.99
CA SER A 77 -4.12 5.05 7.50
C SER A 77 -3.69 3.76 6.80
N GLY A 78 -4.11 2.62 7.35
CA GLY A 78 -3.74 1.35 6.76
C GLY A 78 -4.68 0.95 5.65
N THR A 79 -4.32 1.33 4.43
CA THR A 79 -5.16 1.03 3.27
C THR A 79 -4.34 0.84 2.00
N CYS A 80 -4.90 0.09 1.06
CA CYS A 80 -4.44 0.17 -0.32
C CYS A 80 -4.96 1.46 -0.93
N PRO A 81 -4.07 2.42 -1.24
CA PRO A 81 -4.49 3.73 -1.79
C PRO A 81 -5.28 3.58 -3.08
N VAL A 82 -5.21 2.41 -3.69
CA VAL A 82 -5.91 2.12 -4.93
C VAL A 82 -7.32 1.57 -4.68
N CYS A 83 -7.43 0.56 -3.81
CA CYS A 83 -8.69 -0.18 -3.68
C CYS A 83 -9.43 0.14 -2.37
N ARG A 84 -8.83 0.98 -1.52
CA ARG A 84 -9.47 1.43 -0.28
C ARG A 84 -9.64 0.31 0.75
N CYS A 85 -8.96 -0.82 0.57
CA CYS A 85 -9.07 -1.93 1.52
C CYS A 85 -8.20 -1.67 2.75
N MET A 86 -8.61 -2.20 3.89
CA MET A 86 -7.90 -1.96 5.15
C MET A 86 -6.69 -2.89 5.28
N PHE A 87 -5.63 -2.35 5.88
CA PHE A 87 -4.45 -3.12 6.23
C PHE A 87 -4.01 -2.77 7.65
N PRO A 88 -3.91 -3.76 8.55
CA PRO A 88 -4.25 -5.16 8.26
C PRO A 88 -5.74 -5.33 8.02
N PRO A 89 -6.14 -6.33 7.23
CA PRO A 89 -7.54 -6.57 6.88
C PRO A 89 -8.42 -6.76 8.11
N PRO A 90 -9.70 -6.36 8.01
CA PRO A 90 -10.64 -6.49 9.11
C PRO A 90 -11.21 -7.90 9.19
N LEU A 91 -11.51 -8.35 10.39
CA LEU A 91 -12.07 -9.66 10.59
C LEU A 91 -13.58 -9.62 10.43
ZN ZN B . 6.91 4.65 -4.41
ZN ZN C . -5.73 -3.76 -2.51
N MET A 1 -34.56 -2.15 18.66
CA MET A 1 -33.31 -1.36 18.70
C MET A 1 -32.31 -1.99 19.65
N GLY A 2 -31.13 -2.30 19.13
CA GLY A 2 -30.10 -2.91 19.94
C GLY A 2 -28.98 -1.96 20.26
N HIS A 3 -27.84 -2.14 19.59
CA HIS A 3 -26.67 -1.30 19.83
C HIS A 3 -26.70 -0.08 18.92
N HIS A 4 -27.65 -0.05 17.98
CA HIS A 4 -27.84 1.11 17.13
C HIS A 4 -28.32 2.28 17.95
N HIS A 5 -27.66 3.42 17.81
CA HIS A 5 -27.91 4.57 18.67
C HIS A 5 -28.01 5.85 17.85
N HIS A 6 -28.04 5.70 16.52
CA HIS A 6 -28.00 6.83 15.59
C HIS A 6 -26.61 7.47 15.69
N HIS A 7 -25.62 6.63 15.91
CA HIS A 7 -24.26 7.07 16.12
C HIS A 7 -23.39 6.80 14.90
N HIS A 8 -22.69 7.82 14.44
CA HIS A 8 -21.71 7.69 13.36
C HIS A 8 -20.59 6.78 13.83
N SER A 9 -20.49 5.59 13.28
CA SER A 9 -19.56 4.60 13.81
C SER A 9 -18.74 3.93 12.70
N HIS A 10 -17.45 4.25 12.69
CA HIS A 10 -16.42 3.53 11.90
C HIS A 10 -16.51 3.75 10.39
N MET A 11 -17.71 3.89 9.86
CA MET A 11 -17.91 4.01 8.40
C MET A 11 -17.37 5.32 7.87
N VAL A 12 -16.94 6.20 8.77
CA VAL A 12 -16.47 7.52 8.40
C VAL A 12 -15.07 7.46 7.78
N ALA A 13 -14.17 6.73 8.42
CA ALA A 13 -12.79 6.64 7.95
C ALA A 13 -12.10 5.42 8.55
N ASN A 14 -10.96 5.07 7.98
CA ASN A 14 -10.19 3.92 8.44
C ASN A 14 -9.08 4.36 9.39
N PRO A 15 -8.78 3.54 10.40
CA PRO A 15 -7.71 3.83 11.36
C PRO A 15 -6.32 3.58 10.77
N PRO A 16 -5.27 4.12 11.39
CA PRO A 16 -3.89 3.91 10.96
C PRO A 16 -3.33 2.57 11.44
N ALA A 17 -2.29 2.11 10.78
CA ALA A 17 -1.64 0.85 11.15
C ALA A 17 -0.33 1.12 11.87
N SER A 18 0.15 0.13 12.61
CA SER A 18 1.40 0.26 13.34
C SER A 18 2.58 -0.16 12.46
N LYS A 19 3.77 0.31 12.80
CA LYS A 19 4.99 0.01 12.05
C LYS A 19 5.23 -1.49 11.96
N GLU A 20 5.09 -2.16 13.10
CA GLU A 20 5.31 -3.60 13.20
C GLU A 20 4.64 -4.37 12.06
N SER A 21 3.34 -4.17 11.88
CA SER A 21 2.58 -4.88 10.88
C SER A 21 3.04 -4.56 9.45
N ILE A 22 3.68 -3.41 9.28
CA ILE A 22 4.19 -2.99 7.99
C ILE A 22 5.59 -3.54 7.77
N ASP A 23 6.37 -3.54 8.85
CA ASP A 23 7.75 -4.00 8.79
C ASP A 23 7.81 -5.51 8.55
N ALA A 24 6.80 -6.22 9.04
CA ALA A 24 6.71 -7.66 8.86
C ALA A 24 6.48 -8.02 7.38
N LEU A 25 6.02 -7.04 6.60
CA LEU A 25 5.80 -7.24 5.18
C LEU A 25 7.13 -7.43 4.45
N PRO A 26 7.15 -8.29 3.41
CA PRO A 26 8.36 -8.62 2.67
C PRO A 26 9.02 -7.41 2.00
N GLU A 27 10.30 -7.54 1.69
CA GLU A 27 11.05 -6.47 1.07
C GLU A 27 11.59 -6.93 -0.28
N ILE A 28 11.04 -6.37 -1.33
CA ILE A 28 11.38 -6.76 -2.69
C ILE A 28 12.28 -5.72 -3.35
N LEU A 29 13.39 -6.16 -3.90
CA LEU A 29 14.26 -5.27 -4.67
C LEU A 29 13.74 -5.17 -6.10
N VAL A 30 13.35 -3.96 -6.49
CA VAL A 30 12.73 -3.76 -7.79
C VAL A 30 13.76 -3.77 -8.92
N THR A 31 13.62 -4.73 -9.80
CA THR A 31 14.45 -4.81 -11.00
C THR A 31 13.61 -4.55 -12.25
N GLU A 32 14.22 -3.96 -13.26
CA GLU A 32 13.50 -3.54 -14.46
C GLU A 32 13.22 -4.71 -15.39
N ASP A 33 14.07 -5.73 -15.32
CA ASP A 33 14.07 -6.80 -16.32
C ASP A 33 12.86 -7.73 -16.21
N HIS A 34 12.01 -7.54 -15.22
CA HIS A 34 10.80 -8.35 -15.12
C HIS A 34 9.56 -7.48 -15.34
N GLY A 35 9.78 -6.24 -15.77
CA GLY A 35 8.69 -5.33 -16.03
C GLY A 35 7.98 -4.90 -14.76
N ALA A 36 6.67 -5.00 -14.77
CA ALA A 36 5.87 -4.61 -13.61
C ALA A 36 6.07 -5.61 -12.47
N VAL A 37 6.00 -5.11 -11.25
CA VAL A 37 6.18 -5.97 -10.08
C VAL A 37 4.89 -6.71 -9.77
N GLY A 38 4.83 -7.96 -10.22
CA GLY A 38 3.66 -8.77 -10.00
C GLY A 38 2.50 -8.37 -10.88
N GLN A 39 1.80 -7.32 -10.47
CA GLN A 39 0.62 -6.86 -11.18
C GLN A 39 0.57 -5.34 -11.26
N GLU A 40 1.56 -4.68 -10.67
CA GLU A 40 1.55 -3.22 -10.56
C GLU A 40 2.85 -2.64 -11.07
N MET A 41 2.78 -1.48 -11.71
CA MET A 41 3.95 -0.86 -12.29
C MET A 41 4.16 0.55 -11.76
N CYS A 42 3.18 1.04 -11.00
CA CYS A 42 3.27 2.38 -10.43
C CYS A 42 2.89 2.37 -8.95
N CYS A 43 3.45 3.32 -8.21
CA CYS A 43 3.17 3.47 -6.80
C CYS A 43 2.54 4.83 -6.55
N PRO A 44 1.19 4.88 -6.57
CA PRO A 44 0.42 6.14 -6.48
C PRO A 44 0.82 7.01 -5.29
N ILE A 45 1.26 6.38 -4.21
CA ILE A 45 1.65 7.09 -2.99
C ILE A 45 2.74 8.12 -3.28
N CYS A 46 3.67 7.77 -4.17
CA CYS A 46 4.75 8.67 -4.54
C CYS A 46 4.55 9.18 -5.97
N CYS A 47 3.46 8.74 -6.58
CA CYS A 47 3.10 9.10 -7.95
C CYS A 47 4.19 8.68 -8.94
N SER A 48 5.08 7.80 -8.52
CA SER A 48 6.17 7.33 -9.36
C SER A 48 6.02 5.84 -9.60
N GLU A 49 6.76 5.33 -10.56
CA GLU A 49 6.64 3.94 -10.97
C GLU A 49 7.74 3.08 -10.36
N TYR A 50 7.86 1.85 -10.82
CA TYR A 50 8.84 0.91 -10.27
C TYR A 50 10.12 0.91 -11.08
N VAL A 51 11.18 1.45 -10.48
CA VAL A 51 12.48 1.50 -11.11
C VAL A 51 13.50 0.73 -10.28
N LYS A 52 14.67 0.47 -10.87
CA LYS A 52 15.68 -0.36 -10.23
C LYS A 52 16.33 0.38 -9.05
N GLY A 53 16.33 -0.26 -7.89
CA GLY A 53 16.94 0.32 -6.72
C GLY A 53 15.94 0.64 -5.64
N ASP A 54 14.66 0.65 -6.01
CA ASP A 54 13.60 0.94 -5.05
C ASP A 54 13.17 -0.33 -4.34
N VAL A 55 12.48 -0.19 -3.22
CA VAL A 55 12.07 -1.34 -2.42
C VAL A 55 10.56 -1.50 -2.44
N ALA A 56 10.11 -2.66 -2.90
CA ALA A 56 8.68 -2.96 -2.96
C ALA A 56 8.29 -3.91 -1.83
N THR A 57 6.99 -4.09 -1.67
CA THR A 57 6.46 -5.00 -0.67
C THR A 57 5.16 -5.62 -1.18
N GLU A 58 4.63 -6.58 -0.43
CA GLU A 58 3.42 -7.26 -0.83
C GLU A 58 2.33 -7.05 0.20
N LEU A 59 1.22 -6.45 -0.21
CA LEU A 59 0.07 -6.29 0.65
C LEU A 59 -0.81 -7.53 0.58
N PRO A 60 -1.30 -7.99 1.74
CA PRO A 60 -2.10 -9.24 1.83
C PRO A 60 -3.36 -9.23 0.96
N CYS A 61 -3.76 -8.04 0.51
CA CYS A 61 -4.95 -7.91 -0.31
C CYS A 61 -4.62 -8.10 -1.79
N HIS A 62 -3.40 -8.59 -2.06
CA HIS A 62 -2.92 -8.83 -3.42
C HIS A 62 -2.69 -7.52 -4.15
N HIS A 63 -1.77 -6.73 -3.63
CA HIS A 63 -1.35 -5.48 -4.25
C HIS A 63 0.10 -5.19 -3.89
N TYR A 64 0.79 -4.48 -4.76
CA TYR A 64 2.22 -4.23 -4.57
C TYR A 64 2.49 -2.74 -4.43
N PHE A 65 3.28 -2.40 -3.44
CA PHE A 65 3.63 -1.01 -3.18
C PHE A 65 5.07 -0.91 -2.70
N HIS A 66 5.66 0.26 -2.86
CA HIS A 66 6.99 0.49 -2.29
C HIS A 66 6.87 0.51 -0.77
N LYS A 67 7.66 -0.31 -0.11
CA LYS A 67 7.54 -0.48 1.34
C LYS A 67 7.71 0.86 2.09
N PRO A 68 8.77 1.64 1.83
CA PRO A 68 8.93 2.97 2.44
C PRO A 68 7.68 3.85 2.26
N CYS A 69 7.11 3.82 1.05
CA CYS A 69 5.91 4.61 0.75
C CYS A 69 4.74 4.15 1.60
N VAL A 70 4.46 2.85 1.57
CA VAL A 70 3.29 2.31 2.24
C VAL A 70 3.44 2.42 3.75
N SER A 71 4.67 2.42 4.24
CA SER A 71 4.93 2.60 5.66
C SER A 71 4.43 3.96 6.13
N ILE A 72 4.81 5.00 5.42
CA ILE A 72 4.39 6.35 5.76
C ILE A 72 2.89 6.52 5.56
N TRP A 73 2.38 5.87 4.52
CA TRP A 73 0.97 5.92 4.21
C TRP A 73 0.12 5.29 5.31
N LEU A 74 0.43 4.04 5.64
CA LEU A 74 -0.38 3.28 6.60
C LEU A 74 -0.32 3.88 8.00
N GLN A 75 0.78 4.56 8.32
CA GLN A 75 0.91 5.21 9.63
C GLN A 75 -0.08 6.35 9.77
N LYS A 76 -0.56 6.85 8.63
CA LYS A 76 -1.55 7.92 8.63
C LYS A 76 -2.95 7.38 8.38
N SER A 77 -3.04 6.37 7.51
CA SER A 77 -4.31 5.72 7.22
C SER A 77 -4.06 4.29 6.75
N GLY A 78 -4.59 3.32 7.51
CA GLY A 78 -4.41 1.92 7.16
C GLY A 78 -5.39 1.47 6.11
N THR A 79 -5.15 1.89 4.87
CA THR A 79 -6.03 1.52 3.77
C THR A 79 -5.23 1.37 2.49
N CYS A 80 -5.54 0.36 1.70
CA CYS A 80 -4.89 0.18 0.41
C CYS A 80 -5.43 1.21 -0.58
N PRO A 81 -4.56 2.12 -1.07
CA PRO A 81 -4.97 3.25 -1.91
C PRO A 81 -5.86 2.85 -3.09
N VAL A 82 -5.56 1.71 -3.70
CA VAL A 82 -6.28 1.29 -4.90
C VAL A 82 -7.66 0.70 -4.58
N CYS A 83 -7.71 -0.31 -3.72
CA CYS A 83 -8.95 -1.05 -3.49
C CYS A 83 -9.71 -0.54 -2.27
N ARG A 84 -9.04 0.28 -1.45
CA ARG A 84 -9.62 0.83 -0.23
C ARG A 84 -9.92 -0.26 0.80
N CYS A 85 -9.22 -1.38 0.68
CA CYS A 85 -9.31 -2.43 1.69
C CYS A 85 -8.53 -1.99 2.92
N MET A 86 -9.06 -2.31 4.10
CA MET A 86 -8.47 -1.85 5.35
C MET A 86 -7.25 -2.67 5.72
N PHE A 87 -6.24 -2.01 6.27
CA PHE A 87 -5.06 -2.67 6.78
C PHE A 87 -4.79 -2.16 8.20
N PRO A 88 -4.66 -3.07 9.19
CA PRO A 88 -4.72 -4.53 8.97
C PRO A 88 -6.07 -5.01 8.46
N PRO A 89 -6.08 -6.19 7.81
CA PRO A 89 -7.28 -6.77 7.17
C PRO A 89 -8.52 -6.75 8.08
N PRO A 90 -9.71 -6.61 7.47
CA PRO A 90 -10.97 -6.57 8.20
C PRO A 90 -11.30 -7.90 8.87
N LEU A 91 -11.97 -7.83 10.02
CA LEU A 91 -12.37 -9.01 10.74
C LEU A 91 -13.86 -9.24 10.57
ZN ZN B . 6.62 4.53 -4.15
ZN ZN C . -5.41 -3.70 -2.32
N MET A 1 -40.94 -6.90 5.96
CA MET A 1 -41.26 -6.29 4.65
C MET A 1 -40.47 -5.01 4.48
N GLY A 2 -40.46 -4.48 3.26
CA GLY A 2 -39.75 -3.25 3.00
C GLY A 2 -38.94 -3.34 1.72
N HIS A 3 -39.44 -2.71 0.66
CA HIS A 3 -38.72 -2.72 -0.62
C HIS A 3 -37.64 -1.64 -0.62
N HIS A 4 -37.69 -0.76 0.37
CA HIS A 4 -36.62 0.19 0.60
C HIS A 4 -35.80 -0.29 1.80
N HIS A 5 -34.89 -1.21 1.53
CA HIS A 5 -34.12 -1.82 2.59
C HIS A 5 -32.75 -2.25 2.09
N HIS A 6 -31.71 -1.59 2.58
CA HIS A 6 -30.35 -1.93 2.20
C HIS A 6 -29.83 -3.07 3.06
N HIS A 7 -28.86 -3.81 2.53
CA HIS A 7 -28.27 -4.92 3.27
C HIS A 7 -26.96 -4.49 3.92
N HIS A 8 -25.94 -4.23 3.10
CA HIS A 8 -24.65 -3.80 3.62
C HIS A 8 -24.65 -2.28 3.78
N SER A 9 -25.16 -1.83 4.90
CA SER A 9 -25.28 -0.40 5.17
C SER A 9 -24.07 0.11 5.95
N HIS A 10 -23.59 -0.71 6.88
CA HIS A 10 -22.46 -0.35 7.71
C HIS A 10 -21.15 -0.66 6.99
N MET A 11 -20.36 0.37 6.75
CA MET A 11 -19.07 0.19 6.09
C MET A 11 -18.02 -0.24 7.10
N VAL A 12 -16.93 -0.81 6.61
CA VAL A 12 -15.85 -1.24 7.47
C VAL A 12 -14.95 -0.06 7.85
N ALA A 13 -14.89 0.25 9.13
CA ALA A 13 -14.04 1.31 9.63
C ALA A 13 -12.58 0.90 9.52
N ASN A 14 -11.71 1.84 9.14
CA ASN A 14 -10.31 1.52 8.88
C ASN A 14 -9.40 2.25 9.86
N PRO A 15 -8.92 1.55 10.90
CA PRO A 15 -7.90 2.08 11.81
C PRO A 15 -6.50 1.98 11.20
N PRO A 16 -5.59 2.89 11.58
CA PRO A 16 -4.21 2.90 11.08
C PRO A 16 -3.48 1.60 11.35
N ALA A 17 -2.53 1.28 10.48
CA ALA A 17 -1.76 0.05 10.59
C ALA A 17 -0.67 0.17 11.64
N SER A 18 -0.40 -0.92 12.32
CA SER A 18 0.63 -0.96 13.34
C SER A 18 2.02 -0.98 12.71
N LYS A 19 2.97 -0.29 13.34
CA LYS A 19 4.32 -0.18 12.83
C LYS A 19 4.95 -1.57 12.72
N GLU A 20 4.64 -2.43 13.68
CA GLU A 20 5.16 -3.79 13.71
C GLU A 20 4.74 -4.56 12.46
N SER A 21 3.50 -4.35 12.05
CA SER A 21 2.96 -4.99 10.86
C SER A 21 3.66 -4.45 9.61
N ILE A 22 3.94 -3.16 9.61
CA ILE A 22 4.63 -2.52 8.50
C ILE A 22 6.07 -3.03 8.39
N ASP A 23 6.71 -3.18 9.53
CA ASP A 23 8.09 -3.68 9.57
C ASP A 23 8.14 -5.14 9.12
N ALA A 24 7.06 -5.86 9.41
CA ALA A 24 6.97 -7.29 9.07
C ALA A 24 6.72 -7.50 7.59
N LEU A 25 6.40 -6.42 6.87
CA LEU A 25 6.19 -6.49 5.44
C LEU A 25 7.47 -6.86 4.71
N PRO A 26 7.40 -7.81 3.77
CA PRO A 26 8.58 -8.28 3.02
C PRO A 26 9.22 -7.16 2.21
N GLU A 27 10.53 -7.25 2.01
CA GLU A 27 11.25 -6.23 1.28
C GLU A 27 11.85 -6.80 0.01
N ILE A 28 11.23 -6.46 -1.11
CA ILE A 28 11.65 -6.97 -2.40
C ILE A 28 12.35 -5.88 -3.21
N LEU A 29 13.62 -6.09 -3.52
CA LEU A 29 14.37 -5.15 -4.32
C LEU A 29 13.83 -5.12 -5.74
N VAL A 30 13.35 -3.97 -6.18
CA VAL A 30 12.77 -3.84 -7.51
C VAL A 30 13.85 -3.66 -8.55
N THR A 31 13.71 -4.39 -9.65
CA THR A 31 14.63 -4.30 -10.77
C THR A 31 13.85 -4.16 -12.07
N GLU A 32 14.57 -3.93 -13.16
CA GLU A 32 13.94 -3.74 -14.46
C GLU A 32 13.36 -5.06 -14.98
N ASP A 33 12.78 -5.01 -16.18
CA ASP A 33 12.18 -6.17 -16.84
C ASP A 33 10.83 -6.52 -16.23
N HIS A 34 10.79 -6.64 -14.91
CA HIS A 34 9.57 -6.98 -14.20
C HIS A 34 9.11 -5.78 -13.38
N GLY A 35 8.94 -4.65 -14.05
CA GLY A 35 8.45 -3.44 -13.39
C GLY A 35 7.05 -3.63 -12.87
N ALA A 36 6.27 -4.46 -13.55
CA ALA A 36 4.96 -4.83 -13.05
C ALA A 36 5.11 -5.93 -12.00
N VAL A 37 5.37 -5.51 -10.77
CA VAL A 37 5.61 -6.44 -9.67
C VAL A 37 4.34 -7.22 -9.33
N GLY A 38 3.20 -6.59 -9.58
CA GLY A 38 1.93 -7.23 -9.33
C GLY A 38 0.88 -6.72 -10.29
N GLN A 39 -0.34 -6.57 -9.81
CA GLN A 39 -1.42 -6.02 -10.61
C GLN A 39 -1.19 -4.53 -10.87
N GLU A 40 -0.37 -3.92 -10.02
CA GLU A 40 -0.02 -2.51 -10.18
C GLU A 40 1.39 -2.37 -10.74
N MET A 41 1.50 -1.55 -11.77
CA MET A 41 2.78 -1.27 -12.39
C MET A 41 3.28 0.10 -11.94
N CYS A 42 2.47 0.79 -11.17
CA CYS A 42 2.78 2.13 -10.72
C CYS A 42 2.49 2.29 -9.23
N CYS A 43 3.26 3.14 -8.59
CA CYS A 43 3.08 3.43 -7.17
C CYS A 43 2.46 4.81 -7.02
N PRO A 44 1.15 4.88 -6.71
CA PRO A 44 0.41 6.15 -6.61
C PRO A 44 1.01 7.11 -5.59
N ILE A 45 1.67 6.56 -4.58
CA ILE A 45 2.29 7.36 -3.53
C ILE A 45 3.48 8.15 -4.08
N CYS A 46 4.11 7.61 -5.12
CA CYS A 46 5.27 8.26 -5.73
C CYS A 46 4.87 8.89 -7.06
N CYS A 47 3.74 8.45 -7.60
CA CYS A 47 3.29 8.81 -8.94
C CYS A 47 4.31 8.34 -9.97
N SER A 48 5.06 7.32 -9.59
CA SER A 48 6.07 6.73 -10.45
C SER A 48 5.86 5.23 -10.53
N GLU A 49 6.59 4.56 -11.41
CA GLU A 49 6.44 3.13 -11.60
C GLU A 49 7.44 2.36 -10.74
N TYR A 50 7.51 1.06 -10.95
CA TYR A 50 8.44 0.23 -10.20
C TYR A 50 9.70 -0.04 -11.00
N VAL A 51 10.76 0.67 -10.64
CA VAL A 51 12.03 0.55 -11.34
C VAL A 51 13.15 0.12 -10.39
N LYS A 52 14.27 -0.27 -10.98
CA LYS A 52 15.44 -0.68 -10.23
C LYS A 52 15.88 0.38 -9.23
N GLY A 53 16.03 -0.03 -7.98
CA GLY A 53 16.54 0.86 -6.95
C GLY A 53 15.60 1.01 -5.78
N ASP A 54 14.30 0.98 -6.05
CA ASP A 54 13.30 1.12 -5.00
C ASP A 54 13.00 -0.24 -4.39
N VAL A 55 12.34 -0.25 -3.24
CA VAL A 55 12.02 -1.49 -2.54
C VAL A 55 10.52 -1.67 -2.43
N ALA A 56 10.02 -2.77 -2.97
CA ALA A 56 8.58 -3.04 -2.97
C ALA A 56 8.23 -4.03 -1.85
N THR A 57 6.96 -4.06 -1.50
CA THR A 57 6.46 -4.98 -0.51
C THR A 57 5.12 -5.57 -0.96
N GLU A 58 4.67 -6.60 -0.29
CA GLU A 58 3.44 -7.28 -0.68
C GLU A 58 2.42 -7.24 0.45
N LEU A 59 1.30 -6.60 0.19
CA LEU A 59 0.20 -6.59 1.12
C LEU A 59 -0.68 -7.81 0.90
N PRO A 60 -1.24 -8.40 1.97
CA PRO A 60 -2.16 -9.55 1.88
C PRO A 60 -3.40 -9.20 1.05
N CYS A 61 -3.57 -7.91 0.80
CA CYS A 61 -4.64 -7.40 -0.04
C CYS A 61 -4.32 -7.64 -1.52
N HIS A 62 -3.27 -8.43 -1.78
CA HIS A 62 -2.84 -8.74 -3.14
C HIS A 62 -2.36 -7.48 -3.84
N HIS A 63 -1.85 -6.54 -3.04
CA HIS A 63 -1.45 -5.25 -3.55
C HIS A 63 0.02 -5.01 -3.29
N TYR A 64 0.72 -4.47 -4.28
CA TYR A 64 2.14 -4.19 -4.16
C TYR A 64 2.39 -2.69 -4.12
N PHE A 65 3.22 -2.26 -3.18
CA PHE A 65 3.62 -0.87 -3.04
C PHE A 65 5.07 -0.84 -2.55
N HIS A 66 5.66 0.34 -2.46
CA HIS A 66 7.02 0.42 -1.94
C HIS A 66 6.96 0.55 -0.42
N LYS A 67 7.72 -0.27 0.28
CA LYS A 67 7.69 -0.28 1.75
C LYS A 67 8.02 1.10 2.34
N PRO A 68 9.10 1.77 1.88
CA PRO A 68 9.46 3.12 2.37
C PRO A 68 8.30 4.11 2.33
N CYS A 69 7.59 4.15 1.20
CA CYS A 69 6.52 5.13 1.02
C CYS A 69 5.20 4.68 1.64
N VAL A 70 4.91 3.38 1.59
CA VAL A 70 3.65 2.87 2.10
C VAL A 70 3.61 2.93 3.62
N SER A 71 4.79 2.89 4.25
CA SER A 71 4.90 2.96 5.70
C SER A 71 4.23 4.23 6.24
N ILE A 72 4.42 5.33 5.52
CA ILE A 72 3.87 6.61 5.93
C ILE A 72 2.36 6.61 5.80
N TRP A 73 1.86 6.03 4.72
CA TRP A 73 0.42 6.01 4.45
C TRP A 73 -0.30 5.04 5.37
N LEU A 74 0.31 3.89 5.66
CA LEU A 74 -0.29 2.88 6.51
C LEU A 74 -0.50 3.40 7.93
N GLN A 75 0.40 4.27 8.37
CA GLN A 75 0.31 4.84 9.71
C GLN A 75 -0.74 5.95 9.75
N LYS A 76 -1.24 6.34 8.58
CA LYS A 76 -2.27 7.36 8.50
C LYS A 76 -3.65 6.78 8.77
N SER A 77 -4.06 5.79 7.97
CA SER A 77 -5.37 5.19 8.15
C SER A 77 -5.38 3.71 7.75
N GLY A 78 -4.20 3.13 7.55
CA GLY A 78 -4.07 1.71 7.27
C GLY A 78 -4.96 1.23 6.12
N THR A 79 -4.67 1.71 4.92
CA THR A 79 -5.46 1.34 3.75
C THR A 79 -4.60 1.36 2.49
N CYS A 80 -5.06 0.69 1.45
CA CYS A 80 -4.45 0.85 0.14
C CYS A 80 -4.99 2.13 -0.50
N PRO A 81 -4.11 3.06 -0.89
CA PRO A 81 -4.52 4.33 -1.50
C PRO A 81 -5.34 4.12 -2.78
N VAL A 82 -5.18 2.95 -3.39
CA VAL A 82 -5.86 2.64 -4.64
C VAL A 82 -7.27 2.11 -4.41
N CYS A 83 -7.40 1.08 -3.57
CA CYS A 83 -8.66 0.37 -3.43
C CYS A 83 -9.44 0.83 -2.20
N ARG A 84 -8.73 1.46 -1.26
CA ARG A 84 -9.30 1.87 0.03
C ARG A 84 -9.69 0.67 0.88
N CYS A 85 -9.13 -0.49 0.58
CA CYS A 85 -9.27 -1.65 1.44
C CYS A 85 -8.32 -1.54 2.61
N MET A 86 -8.75 -1.99 3.76
CA MET A 86 -8.02 -1.78 5.01
C MET A 86 -6.82 -2.73 5.13
N PHE A 87 -5.76 -2.20 5.74
CA PHE A 87 -4.60 -2.99 6.10
C PHE A 87 -4.23 -2.71 7.56
N PRO A 88 -4.13 -3.75 8.42
CA PRO A 88 -4.36 -5.16 8.03
C PRO A 88 -5.77 -5.41 7.50
N PRO A 89 -5.92 -6.44 6.64
CA PRO A 89 -7.19 -6.78 6.00
C PRO A 89 -8.35 -6.93 7.01
N PRO A 90 -9.59 -6.73 6.55
CA PRO A 90 -10.78 -6.80 7.40
C PRO A 90 -10.98 -8.17 8.01
N LEU A 91 -11.55 -8.19 9.22
CA LEU A 91 -11.82 -9.43 9.91
C LEU A 91 -13.24 -9.89 9.61
ZN ZN B . 6.66 4.32 -3.87
ZN ZN C . -5.76 -3.11 -1.82
N MET A 1 -10.67 -23.27 19.19
CA MET A 1 -10.03 -21.94 19.24
C MET A 1 -8.92 -21.86 18.21
N GLY A 2 -8.87 -20.75 17.49
CA GLY A 2 -7.87 -20.58 16.46
C GLY A 2 -7.49 -19.13 16.29
N HIS A 3 -7.19 -18.47 17.42
CA HIS A 3 -6.79 -17.07 17.43
C HIS A 3 -7.87 -16.18 16.83
N HIS A 4 -8.91 -15.90 17.59
CA HIS A 4 -10.00 -15.03 17.16
C HIS A 4 -10.79 -14.51 18.34
N HIS A 5 -11.05 -13.22 18.34
CA HIS A 5 -11.85 -12.58 19.38
C HIS A 5 -12.64 -11.40 18.80
N HIS A 6 -13.91 -11.62 18.54
CA HIS A 6 -14.77 -10.55 18.08
C HIS A 6 -15.81 -10.24 19.16
N HIS A 7 -15.83 -8.99 19.60
CA HIS A 7 -16.72 -8.59 20.69
C HIS A 7 -17.05 -7.10 20.59
N HIS A 8 -17.82 -6.62 21.56
CA HIS A 8 -18.37 -5.26 21.53
C HIS A 8 -17.25 -4.20 21.49
N SER A 9 -17.13 -3.54 20.34
CA SER A 9 -16.15 -2.49 20.14
C SER A 9 -16.44 -1.80 18.81
N HIS A 10 -16.86 -0.55 18.85
CA HIS A 10 -17.29 0.14 17.64
C HIS A 10 -16.13 0.87 16.94
N MET A 11 -15.64 0.28 15.86
CA MET A 11 -14.66 0.92 15.02
C MET A 11 -15.38 1.62 13.86
N VAL A 12 -15.15 2.91 13.71
CA VAL A 12 -15.87 3.69 12.72
C VAL A 12 -14.96 4.21 11.62
N ALA A 13 -13.75 4.63 11.99
CA ALA A 13 -12.84 5.23 11.04
C ALA A 13 -11.80 4.22 10.56
N ASN A 14 -10.96 4.65 9.64
CA ASN A 14 -9.84 3.83 9.18
C ASN A 14 -8.58 4.18 9.96
N PRO A 15 -8.15 3.28 10.83
CA PRO A 15 -7.00 3.51 11.71
C PRO A 15 -5.66 3.30 11.01
N PRO A 16 -4.58 3.84 11.57
CA PRO A 16 -3.22 3.61 11.09
C PRO A 16 -2.81 2.16 11.31
N ALA A 17 -1.98 1.64 10.41
CA ALA A 17 -1.53 0.26 10.49
C ALA A 17 -0.47 0.10 11.57
N SER A 18 -0.56 -1.00 12.30
CA SER A 18 0.43 -1.31 13.33
C SER A 18 1.81 -1.47 12.70
N LYS A 19 2.80 -0.79 13.27
CA LYS A 19 4.15 -0.81 12.72
C LYS A 19 4.70 -2.23 12.69
N GLU A 20 4.25 -3.06 13.63
CA GLU A 20 4.65 -4.47 13.68
C GLU A 20 4.37 -5.15 12.35
N SER A 21 3.20 -4.85 11.78
CA SER A 21 2.79 -5.42 10.52
C SER A 21 3.50 -4.75 9.35
N ILE A 22 3.74 -3.45 9.48
CA ILE A 22 4.45 -2.69 8.44
C ILE A 22 5.89 -3.19 8.30
N ASP A 23 6.52 -3.43 9.44
CA ASP A 23 7.89 -3.93 9.46
C ASP A 23 7.95 -5.37 8.93
N ALA A 24 6.93 -6.16 9.26
CA ALA A 24 6.88 -7.57 8.85
C ALA A 24 6.54 -7.71 7.37
N LEU A 25 6.21 -6.60 6.73
CA LEU A 25 5.94 -6.58 5.30
C LEU A 25 7.18 -6.97 4.50
N PRO A 26 7.05 -7.99 3.64
CA PRO A 26 8.16 -8.55 2.87
C PRO A 26 8.87 -7.52 1.99
N GLU A 27 10.18 -7.42 2.17
CA GLU A 27 10.99 -6.47 1.42
C GLU A 27 11.33 -7.03 0.04
N ILE A 28 10.80 -6.39 -0.99
CA ILE A 28 11.07 -6.81 -2.36
C ILE A 28 11.89 -5.75 -3.08
N LEU A 29 13.16 -6.06 -3.35
CA LEU A 29 14.02 -5.13 -4.06
C LEU A 29 13.53 -4.96 -5.49
N VAL A 30 13.17 -3.73 -5.84
CA VAL A 30 12.56 -3.45 -7.13
C VAL A 30 13.60 -3.32 -8.22
N THR A 31 13.39 -4.05 -9.30
CA THR A 31 14.19 -3.93 -10.50
C THR A 31 13.29 -3.67 -11.69
N GLU A 32 13.69 -2.77 -12.58
CA GLU A 32 12.88 -2.41 -13.74
C GLU A 32 12.71 -3.58 -14.70
N ASP A 33 13.46 -4.65 -14.45
CA ASP A 33 13.32 -5.88 -15.19
C ASP A 33 11.93 -6.47 -14.96
N HIS A 34 11.42 -6.25 -13.76
CA HIS A 34 10.11 -6.74 -13.36
C HIS A 34 9.34 -5.62 -12.66
N GLY A 35 8.75 -4.73 -13.44
CA GLY A 35 8.05 -3.59 -12.89
C GLY A 35 6.68 -3.94 -12.36
N ALA A 36 5.99 -4.87 -13.02
CA ALA A 36 4.66 -5.25 -12.59
C ALA A 36 4.72 -6.38 -11.58
N VAL A 37 4.88 -6.00 -10.32
CA VAL A 37 4.98 -6.98 -9.25
C VAL A 37 3.60 -7.56 -8.94
N GLY A 38 2.56 -6.82 -9.28
CA GLY A 38 1.20 -7.28 -9.09
C GLY A 38 0.23 -6.54 -9.99
N GLN A 39 -0.88 -6.10 -9.43
CA GLN A 39 -1.82 -5.27 -10.17
C GLN A 39 -1.20 -3.89 -10.39
N GLU A 40 -0.56 -3.39 -9.36
CA GLU A 40 0.09 -2.10 -9.41
C GLU A 40 1.36 -2.16 -10.24
N MET A 41 1.35 -1.49 -11.37
CA MET A 41 2.53 -1.38 -12.22
C MET A 41 3.26 -0.08 -11.90
N CYS A 42 2.65 0.70 -11.03
CA CYS A 42 3.18 1.98 -10.64
C CYS A 42 2.89 2.26 -9.18
N CYS A 43 3.52 3.28 -8.63
CA CYS A 43 3.33 3.64 -7.23
C CYS A 43 2.71 5.03 -7.15
N PRO A 44 1.37 5.11 -7.08
CA PRO A 44 0.63 6.38 -7.05
C PRO A 44 1.04 7.27 -5.88
N ILE A 45 1.47 6.62 -4.80
CA ILE A 45 1.87 7.31 -3.58
C ILE A 45 2.96 8.35 -3.84
N CYS A 46 3.91 8.02 -4.71
CA CYS A 46 4.99 8.94 -5.05
C CYS A 46 4.93 9.32 -6.52
N CYS A 47 3.87 8.84 -7.20
CA CYS A 47 3.67 9.09 -8.63
C CYS A 47 4.89 8.69 -9.44
N SER A 48 5.15 7.39 -9.49
CA SER A 48 6.29 6.85 -10.24
C SER A 48 6.02 5.41 -10.60
N GLU A 49 6.84 4.85 -11.46
CA GLU A 49 6.78 3.43 -11.75
C GLU A 49 7.70 2.68 -10.78
N TYR A 50 7.90 1.40 -11.04
CA TYR A 50 8.80 0.62 -10.21
C TYR A 50 10.20 0.61 -10.80
N VAL A 51 11.00 1.58 -10.40
CA VAL A 51 12.35 1.73 -10.88
C VAL A 51 13.33 0.89 -10.08
N LYS A 52 14.48 0.58 -10.68
CA LYS A 52 15.47 -0.26 -10.04
C LYS A 52 16.18 0.50 -8.92
N GLY A 53 16.08 -0.02 -7.71
CA GLY A 53 16.75 0.62 -6.58
C GLY A 53 15.80 0.93 -5.45
N ASP A 54 14.52 0.98 -5.77
CA ASP A 54 13.48 1.23 -4.76
C ASP A 54 13.11 -0.10 -4.10
N VAL A 55 12.41 -0.03 -2.98
CA VAL A 55 12.01 -1.22 -2.26
C VAL A 55 10.49 -1.36 -2.27
N ALA A 56 10.01 -2.54 -2.62
CA ALA A 56 8.58 -2.80 -2.64
C ALA A 56 8.20 -3.77 -1.52
N THR A 57 6.91 -4.01 -1.39
CA THR A 57 6.41 -4.93 -0.38
C THR A 57 5.10 -5.55 -0.86
N GLU A 58 4.75 -6.67 -0.25
CA GLU A 58 3.47 -7.32 -0.56
C GLU A 58 2.50 -7.15 0.59
N LEU A 59 1.33 -6.64 0.27
CA LEU A 59 0.25 -6.60 1.23
C LEU A 59 -0.60 -7.87 1.09
N PRO A 60 -1.09 -8.42 2.21
CA PRO A 60 -1.95 -9.62 2.20
C PRO A 60 -3.24 -9.38 1.40
N CYS A 61 -3.46 -8.13 1.06
CA CYS A 61 -4.59 -7.72 0.26
C CYS A 61 -4.27 -7.87 -1.24
N HIS A 62 -3.26 -8.69 -1.53
CA HIS A 62 -2.86 -9.01 -2.91
C HIS A 62 -2.56 -7.74 -3.71
N HIS A 63 -1.94 -6.78 -3.03
CA HIS A 63 -1.58 -5.52 -3.65
C HIS A 63 -0.15 -5.17 -3.30
N TYR A 64 0.57 -4.61 -4.27
CA TYR A 64 2.00 -4.38 -4.11
C TYR A 64 2.32 -2.89 -4.25
N PHE A 65 3.13 -2.39 -3.32
CA PHE A 65 3.52 -0.99 -3.32
C PHE A 65 4.97 -0.86 -2.85
N HIS A 66 5.56 0.32 -3.03
CA HIS A 66 6.88 0.58 -2.46
C HIS A 66 6.79 0.54 -0.94
N LYS A 67 7.66 -0.23 -0.31
CA LYS A 67 7.63 -0.40 1.14
C LYS A 67 7.74 0.94 1.87
N PRO A 68 8.77 1.78 1.57
CA PRO A 68 8.89 3.11 2.16
C PRO A 68 7.65 3.98 1.91
N CYS A 69 7.17 3.97 0.67
CA CYS A 69 6.01 4.78 0.29
C CYS A 69 4.78 4.37 1.08
N VAL A 70 4.51 3.06 1.14
CA VAL A 70 3.30 2.57 1.77
C VAL A 70 3.38 2.76 3.29
N SER A 71 4.59 2.78 3.83
CA SER A 71 4.80 2.99 5.26
C SER A 71 4.29 4.37 5.66
N ILE A 72 4.47 5.34 4.79
CA ILE A 72 4.00 6.69 5.03
C ILE A 72 2.47 6.72 5.04
N TRP A 73 1.87 6.02 4.09
CA TRP A 73 0.42 5.97 3.97
C TRP A 73 -0.19 5.19 5.13
N LEU A 74 0.38 4.02 5.41
CA LEU A 74 -0.15 3.12 6.45
C LEU A 74 -0.16 3.78 7.83
N GLN A 75 0.86 4.58 8.12
CA GLN A 75 0.95 5.25 9.41
C GLN A 75 -0.11 6.35 9.55
N LYS A 76 -0.73 6.70 8.43
CA LYS A 76 -1.83 7.65 8.45
C LYS A 76 -3.15 6.90 8.41
N SER A 77 -3.26 5.99 7.45
CA SER A 77 -4.45 5.17 7.29
C SER A 77 -4.07 3.83 6.65
N GLY A 78 -4.22 2.75 7.41
CA GLY A 78 -3.83 1.44 6.92
C GLY A 78 -4.75 0.92 5.84
N THR A 79 -4.47 1.29 4.60
CA THR A 79 -5.29 0.91 3.46
C THR A 79 -4.45 0.79 2.19
N CYS A 80 -4.98 0.10 1.19
CA CYS A 80 -4.43 0.18 -0.16
C CYS A 80 -4.94 1.46 -0.81
N PRO A 81 -4.05 2.37 -1.22
CA PRO A 81 -4.45 3.63 -1.85
C PRO A 81 -5.26 3.43 -3.14
N VAL A 82 -5.24 2.21 -3.66
CA VAL A 82 -5.96 1.87 -4.88
C VAL A 82 -7.37 1.33 -4.59
N CYS A 83 -7.50 0.45 -3.60
CA CYS A 83 -8.76 -0.23 -3.35
C CYS A 83 -9.47 0.32 -2.11
N ARG A 84 -8.71 1.03 -1.27
CA ARG A 84 -9.21 1.59 -0.01
C ARG A 84 -9.64 0.49 0.96
N CYS A 85 -9.10 -0.72 0.79
CA CYS A 85 -9.34 -1.79 1.74
C CYS A 85 -8.28 -1.74 2.84
N MET A 86 -8.61 -2.28 4.01
CA MET A 86 -7.81 -2.07 5.21
C MET A 86 -6.60 -3.01 5.29
N PHE A 87 -5.55 -2.52 5.93
CA PHE A 87 -4.40 -3.33 6.32
C PHE A 87 -3.99 -2.95 7.74
N PRO A 88 -4.01 -3.91 8.68
CA PRO A 88 -4.35 -5.31 8.43
C PRO A 88 -5.79 -5.48 7.94
N PRO A 89 -6.05 -6.55 7.16
CA PRO A 89 -7.35 -6.79 6.54
C PRO A 89 -8.50 -6.76 7.55
N PRO A 90 -9.66 -6.21 7.12
CA PRO A 90 -10.82 -6.05 7.99
C PRO A 90 -11.44 -7.38 8.38
N LEU A 91 -11.99 -7.42 9.57
CA LEU A 91 -12.63 -8.63 10.08
C LEU A 91 -13.95 -8.88 9.37
ZN ZN B . 6.85 4.79 -4.50
ZN ZN C . -6.06 -3.91 -1.69
N MET A 1 -6.97 26.03 -13.07
CA MET A 1 -5.71 26.75 -12.73
C MET A 1 -6.03 28.08 -12.04
N GLY A 2 -5.18 28.48 -11.13
CA GLY A 2 -5.39 29.72 -10.40
C GLY A 2 -5.84 29.48 -8.98
N HIS A 3 -7.10 29.13 -8.82
CA HIS A 3 -7.66 28.90 -7.49
C HIS A 3 -7.90 27.41 -7.25
N HIS A 4 -8.59 27.09 -6.17
CA HIS A 4 -8.80 25.70 -5.78
C HIS A 4 -10.10 25.15 -6.34
N HIS A 5 -10.28 23.84 -6.21
CA HIS A 5 -11.49 23.16 -6.65
C HIS A 5 -12.18 22.57 -5.42
N HIS A 6 -13.50 22.55 -5.42
CA HIS A 6 -14.25 22.02 -4.28
C HIS A 6 -14.03 20.52 -4.16
N HIS A 7 -13.20 20.14 -3.19
CA HIS A 7 -12.90 18.73 -2.94
C HIS A 7 -14.05 18.08 -2.19
N HIS A 8 -14.18 16.76 -2.34
CA HIS A 8 -15.28 16.02 -1.72
C HIS A 8 -14.98 15.74 -0.25
N SER A 9 -15.80 16.32 0.62
CA SER A 9 -15.69 16.07 2.04
C SER A 9 -16.09 14.62 2.35
N HIS A 10 -15.11 13.81 2.73
CA HIS A 10 -15.38 12.41 3.05
C HIS A 10 -15.46 12.23 4.56
N MET A 11 -14.68 13.04 5.28
CA MET A 11 -14.66 13.05 6.76
C MET A 11 -14.03 11.78 7.33
N VAL A 12 -14.67 10.64 7.07
CA VAL A 12 -14.21 9.37 7.61
C VAL A 12 -12.91 8.91 6.94
N ALA A 13 -12.01 8.41 7.76
CA ALA A 13 -10.78 7.79 7.27
C ALA A 13 -10.52 6.51 8.03
N ASN A 14 -9.90 5.55 7.38
CA ASN A 14 -9.61 4.27 8.01
C ASN A 14 -8.46 4.42 9.01
N PRO A 15 -8.61 3.85 10.22
CA PRO A 15 -7.60 3.92 11.28
C PRO A 15 -6.19 3.55 10.78
N PRO A 16 -5.16 4.17 11.37
CA PRO A 16 -3.76 3.88 11.04
C PRO A 16 -3.38 2.45 11.40
N ALA A 17 -2.41 1.90 10.68
CA ALA A 17 -1.98 0.52 10.90
C ALA A 17 -0.97 0.45 12.04
N SER A 18 -0.72 -0.76 12.51
CA SER A 18 0.25 -0.98 13.57
C SER A 18 1.65 -1.16 13.00
N LYS A 19 2.64 -0.65 13.73
CA LYS A 19 4.02 -0.63 13.25
C LYS A 19 4.55 -2.05 13.04
N GLU A 20 4.14 -2.96 13.90
CA GLU A 20 4.59 -4.35 13.82
C GLU A 20 4.12 -5.01 12.53
N SER A 21 3.00 -4.55 12.00
CA SER A 21 2.45 -5.11 10.78
C SER A 21 3.13 -4.47 9.56
N ILE A 22 3.65 -3.26 9.75
CA ILE A 22 4.33 -2.55 8.69
C ILE A 22 5.76 -3.07 8.53
N ASP A 23 6.39 -3.37 9.65
CA ASP A 23 7.78 -3.84 9.65
C ASP A 23 7.86 -5.26 9.09
N ALA A 24 6.78 -6.01 9.25
CA ALA A 24 6.75 -7.41 8.82
C ALA A 24 6.49 -7.55 7.32
N LEU A 25 6.25 -6.42 6.66
CA LEU A 25 6.00 -6.41 5.22
C LEU A 25 7.23 -6.89 4.46
N PRO A 26 7.04 -7.83 3.51
CA PRO A 26 8.14 -8.39 2.71
C PRO A 26 8.80 -7.33 1.84
N GLU A 27 10.12 -7.42 1.72
CA GLU A 27 10.87 -6.46 0.93
C GLU A 27 11.31 -7.06 -0.38
N ILE A 28 10.86 -6.47 -1.47
CA ILE A 28 11.16 -6.93 -2.81
C ILE A 28 12.04 -5.92 -3.53
N LEU A 29 13.22 -6.35 -3.94
CA LEU A 29 14.14 -5.49 -4.67
C LEU A 29 13.65 -5.29 -6.09
N VAL A 30 13.44 -4.05 -6.48
CA VAL A 30 12.89 -3.75 -7.79
C VAL A 30 14.00 -3.52 -8.82
N THR A 31 13.92 -4.24 -9.92
CA THR A 31 14.84 -4.09 -11.03
C THR A 31 14.08 -3.87 -12.33
N GLU A 32 14.81 -3.58 -13.41
CA GLU A 32 14.17 -3.33 -14.69
C GLU A 32 13.76 -4.65 -15.36
N ASP A 33 14.21 -5.76 -14.78
CA ASP A 33 13.88 -7.08 -15.28
C ASP A 33 12.55 -7.53 -14.73
N HIS A 34 12.04 -6.79 -13.75
CA HIS A 34 10.78 -7.14 -13.11
C HIS A 34 10.05 -5.88 -12.64
N GLY A 35 9.70 -5.03 -13.59
CA GLY A 35 8.97 -3.83 -13.27
C GLY A 35 7.56 -4.14 -12.82
N ALA A 36 6.91 -5.06 -13.52
CA ALA A 36 5.61 -5.54 -13.12
C ALA A 36 5.75 -6.54 -11.99
N VAL A 37 5.55 -6.07 -10.76
CA VAL A 37 5.69 -6.91 -9.59
C VAL A 37 4.40 -7.72 -9.37
N GLY A 38 3.32 -7.24 -9.94
CA GLY A 38 2.05 -7.92 -9.85
C GLY A 38 1.10 -7.46 -10.93
N GLN A 39 -0.17 -7.31 -10.57
CA GLN A 39 -1.16 -6.83 -11.51
C GLN A 39 -0.93 -5.35 -11.82
N GLU A 40 -0.31 -4.66 -10.88
CA GLU A 40 0.01 -3.25 -11.04
C GLU A 40 1.51 -3.05 -11.16
N MET A 41 1.92 -1.91 -11.70
CA MET A 41 3.34 -1.64 -11.94
C MET A 41 3.69 -0.18 -11.63
N CYS A 42 2.77 0.52 -10.96
CA CYS A 42 3.00 1.90 -10.58
C CYS A 42 2.64 2.12 -9.11
N CYS A 43 3.45 2.91 -8.42
CA CYS A 43 3.23 3.22 -7.01
C CYS A 43 2.65 4.63 -6.89
N PRO A 44 1.33 4.75 -6.71
CA PRO A 44 0.63 6.04 -6.69
C PRO A 44 1.07 6.92 -5.52
N ILE A 45 1.57 6.29 -4.46
CA ILE A 45 1.99 7.00 -3.26
C ILE A 45 3.12 7.97 -3.58
N CYS A 46 3.99 7.57 -4.51
CA CYS A 46 5.10 8.43 -4.93
C CYS A 46 4.90 8.87 -6.38
N CYS A 47 3.70 8.59 -6.89
CA CYS A 47 3.33 8.85 -8.29
C CYS A 47 4.47 8.50 -9.24
N SER A 48 4.99 7.29 -9.11
CA SER A 48 6.06 6.80 -9.97
C SER A 48 5.97 5.28 -10.12
N GLU A 49 6.42 4.77 -11.26
CA GLU A 49 6.40 3.35 -11.52
C GLU A 49 7.55 2.64 -10.80
N TYR A 50 7.75 1.37 -11.12
CA TYR A 50 8.79 0.58 -10.48
C TYR A 50 10.11 0.68 -11.24
N VAL A 51 11.08 1.31 -10.61
CA VAL A 51 12.41 1.48 -11.18
C VAL A 51 13.44 0.72 -10.35
N LYS A 52 14.60 0.49 -10.95
CA LYS A 52 15.67 -0.25 -10.28
C LYS A 52 16.21 0.53 -9.09
N GLY A 53 16.26 -0.13 -7.94
CA GLY A 53 16.85 0.47 -6.76
C GLY A 53 15.84 0.70 -5.65
N ASP A 54 14.57 0.80 -6.02
CA ASP A 54 13.51 1.05 -5.04
C ASP A 54 13.10 -0.26 -4.37
N VAL A 55 12.49 -0.16 -3.20
CA VAL A 55 12.10 -1.33 -2.43
C VAL A 55 10.59 -1.51 -2.46
N ALA A 56 10.14 -2.64 -2.99
CA ALA A 56 8.72 -2.94 -3.08
C ALA A 56 8.27 -3.83 -1.93
N THR A 57 6.97 -3.96 -1.78
CA THR A 57 6.39 -4.82 -0.76
C THR A 57 5.02 -5.31 -1.22
N GLU A 58 4.58 -6.43 -0.67
CA GLU A 58 3.29 -6.99 -1.02
C GLU A 58 2.37 -7.00 0.19
N LEU A 59 1.26 -6.29 0.09
CA LEU A 59 0.24 -6.33 1.14
C LEU A 59 -0.54 -7.63 1.02
N PRO A 60 -1.04 -8.18 2.15
CA PRO A 60 -1.87 -9.40 2.15
C PRO A 60 -3.15 -9.23 1.32
N CYS A 61 -3.40 -7.99 0.93
CA CYS A 61 -4.51 -7.65 0.05
C CYS A 61 -4.12 -7.89 -1.42
N HIS A 62 -2.96 -8.51 -1.61
CA HIS A 62 -2.43 -8.81 -2.95
C HIS A 62 -2.25 -7.55 -3.77
N HIS A 63 -1.82 -6.49 -3.11
CA HIS A 63 -1.52 -5.24 -3.78
C HIS A 63 -0.07 -4.86 -3.51
N TYR A 64 0.57 -4.27 -4.50
CA TYR A 64 1.99 -4.01 -4.43
C TYR A 64 2.30 -2.52 -4.37
N PHE A 65 3.16 -2.15 -3.44
CA PHE A 65 3.60 -0.78 -3.28
C PHE A 65 5.05 -0.77 -2.86
N HIS A 66 5.65 0.39 -2.76
CA HIS A 66 7.00 0.49 -2.23
C HIS A 66 6.93 0.60 -0.72
N LYS A 67 7.77 -0.15 -0.02
CA LYS A 67 7.74 -0.20 1.44
C LYS A 67 7.95 1.19 2.07
N PRO A 68 9.00 1.94 1.68
CA PRO A 68 9.22 3.30 2.18
C PRO A 68 8.07 4.25 1.85
N CYS A 69 7.25 3.88 0.86
CA CYS A 69 6.08 4.68 0.50
C CYS A 69 4.90 4.35 1.40
N VAL A 70 4.58 3.07 1.49
CA VAL A 70 3.38 2.62 2.19
C VAL A 70 3.52 2.81 3.69
N SER A 71 4.76 2.78 4.18
CA SER A 71 5.01 2.94 5.61
C SER A 71 4.53 4.31 6.10
N ILE A 72 4.60 5.32 5.24
CA ILE A 72 4.12 6.65 5.59
C ILE A 72 2.59 6.67 5.57
N TRP A 73 2.01 6.08 4.54
CA TRP A 73 0.57 6.05 4.35
C TRP A 73 -0.13 5.31 5.50
N LEU A 74 0.44 4.17 5.88
CA LEU A 74 -0.15 3.33 6.91
C LEU A 74 -0.18 4.02 8.27
N GLN A 75 0.72 4.99 8.47
CA GLN A 75 0.78 5.72 9.73
C GLN A 75 -0.39 6.70 9.84
N LYS A 76 -1.04 6.96 8.71
CA LYS A 76 -2.19 7.84 8.69
C LYS A 76 -3.47 7.03 8.52
N SER A 77 -3.42 6.06 7.61
CA SER A 77 -4.55 5.21 7.33
C SER A 77 -4.07 3.85 6.81
N GLY A 78 -4.33 2.80 7.57
CA GLY A 78 -3.90 1.48 7.16
C GLY A 78 -4.78 0.91 6.07
N THR A 79 -4.53 1.30 4.83
CA THR A 79 -5.32 0.87 3.69
C THR A 79 -4.49 0.80 2.42
N CYS A 80 -5.02 0.12 1.40
CA CYS A 80 -4.51 0.29 0.04
C CYS A 80 -5.01 1.63 -0.49
N PRO A 81 -4.11 2.59 -0.79
CA PRO A 81 -4.49 3.91 -1.30
C PRO A 81 -5.31 3.82 -2.59
N VAL A 82 -5.24 2.65 -3.23
CA VAL A 82 -5.96 2.42 -4.48
C VAL A 82 -7.38 1.87 -4.24
N CYS A 83 -7.47 0.75 -3.53
CA CYS A 83 -8.73 0.01 -3.44
C CYS A 83 -9.52 0.39 -2.18
N ARG A 84 -8.87 1.10 -1.25
CA ARG A 84 -9.48 1.51 0.02
C ARG A 84 -9.64 0.35 0.99
N CYS A 85 -9.12 -0.83 0.63
CA CYS A 85 -9.21 -1.99 1.52
C CYS A 85 -8.24 -1.84 2.68
N MET A 86 -8.65 -2.34 3.85
CA MET A 86 -7.92 -2.16 5.09
C MET A 86 -6.65 -3.03 5.15
N PHE A 87 -5.63 -2.48 5.80
CA PHE A 87 -4.42 -3.22 6.11
C PHE A 87 -4.08 -3.07 7.59
N PRO A 88 -4.00 -4.19 8.33
CA PRO A 88 -4.26 -5.52 7.78
C PRO A 88 -5.75 -5.77 7.57
N PRO A 89 -6.11 -6.71 6.68
CA PRO A 89 -7.51 -7.04 6.37
C PRO A 89 -8.33 -7.28 7.62
N PRO A 90 -9.60 -6.83 7.61
CA PRO A 90 -10.51 -6.97 8.75
C PRO A 90 -10.79 -8.42 9.09
N LEU A 91 -11.09 -8.67 10.35
CA LEU A 91 -11.32 -10.02 10.84
C LEU A 91 -12.79 -10.21 11.19
ZN ZN B . 6.78 4.31 -4.39
ZN ZN C . -5.99 -3.70 -2.03
N MET A 1 -29.09 -20.29 -7.72
CA MET A 1 -27.84 -20.90 -8.24
C MET A 1 -26.73 -19.86 -8.37
N GLY A 2 -27.08 -18.58 -8.21
CA GLY A 2 -26.10 -17.52 -8.26
C GLY A 2 -26.59 -16.28 -7.56
N HIS A 3 -25.78 -15.23 -7.57
CA HIS A 3 -26.16 -13.97 -6.94
C HIS A 3 -26.05 -12.81 -7.92
N HIS A 4 -24.84 -12.63 -8.46
CA HIS A 4 -24.54 -11.55 -9.39
C HIS A 4 -24.84 -10.18 -8.77
N HIS A 5 -24.02 -9.78 -7.81
CA HIS A 5 -24.10 -8.46 -7.21
C HIS A 5 -22.71 -7.95 -6.91
N HIS A 6 -22.50 -6.65 -7.00
CA HIS A 6 -21.21 -6.08 -6.62
C HIS A 6 -21.15 -5.96 -5.11
N HIS A 7 -19.95 -5.93 -4.56
CA HIS A 7 -19.78 -5.95 -3.11
C HIS A 7 -20.25 -4.64 -2.49
N HIS A 8 -21.25 -4.75 -1.62
CA HIS A 8 -21.84 -3.57 -0.98
C HIS A 8 -20.98 -3.10 0.19
N SER A 9 -20.01 -2.26 -0.11
CA SER A 9 -19.12 -1.71 0.91
C SER A 9 -18.86 -0.23 0.65
N HIS A 10 -18.36 0.46 1.66
CA HIS A 10 -18.01 1.87 1.53
C HIS A 10 -16.93 2.23 2.54
N MET A 11 -15.72 2.43 2.05
CA MET A 11 -14.61 2.81 2.91
C MET A 11 -14.16 4.22 2.61
N VAL A 12 -13.89 4.98 3.65
CA VAL A 12 -13.46 6.36 3.50
C VAL A 12 -12.56 6.78 4.66
N ALA A 13 -12.74 6.15 5.82
CA ALA A 13 -11.94 6.47 6.99
C ALA A 13 -11.61 5.21 7.77
N ASN A 14 -10.34 4.92 7.94
CA ASN A 14 -9.91 3.72 8.63
C ASN A 14 -8.69 4.01 9.50
N PRO A 15 -8.69 3.55 10.76
CA PRO A 15 -7.58 3.75 11.69
C PRO A 15 -6.24 3.28 11.12
N PRO A 16 -5.13 3.88 11.57
CA PRO A 16 -3.78 3.53 11.11
C PRO A 16 -3.35 2.11 11.51
N ALA A 17 -2.34 1.60 10.85
CA ALA A 17 -1.84 0.26 11.12
C ALA A 17 -0.80 0.29 12.24
N SER A 18 -0.31 -0.88 12.62
CA SER A 18 0.73 -0.99 13.64
C SER A 18 2.10 -0.94 12.99
N LYS A 19 3.04 -0.29 13.67
CA LYS A 19 4.40 -0.16 13.16
C LYS A 19 5.01 -1.53 12.90
N GLU A 20 4.73 -2.48 13.79
CA GLU A 20 5.30 -3.81 13.71
C GLU A 20 4.68 -4.61 12.57
N SER A 21 3.47 -4.23 12.17
CA SER A 21 2.83 -4.86 11.03
C SER A 21 3.42 -4.32 9.73
N ILE A 22 3.85 -3.06 9.78
CA ILE A 22 4.50 -2.44 8.64
C ILE A 22 5.95 -2.89 8.54
N ASP A 23 6.60 -2.99 9.70
CA ASP A 23 7.98 -3.48 9.77
C ASP A 23 8.09 -4.89 9.21
N ALA A 24 7.04 -5.68 9.44
CA ALA A 24 7.03 -7.08 9.03
C ALA A 24 6.70 -7.23 7.54
N LEU A 25 6.40 -6.12 6.88
CA LEU A 25 6.12 -6.15 5.44
C LEU A 25 7.37 -6.57 4.67
N PRO A 26 7.24 -7.59 3.82
CA PRO A 26 8.37 -8.13 3.06
C PRO A 26 8.98 -7.10 2.12
N GLU A 27 10.31 -7.06 2.08
CA GLU A 27 11.01 -6.13 1.22
C GLU A 27 11.51 -6.85 -0.03
N ILE A 28 10.95 -6.48 -1.17
CA ILE A 28 11.29 -7.10 -2.44
C ILE A 28 11.97 -6.09 -3.36
N LEU A 29 13.08 -6.48 -3.95
CA LEU A 29 13.80 -5.60 -4.84
C LEU A 29 13.24 -5.71 -6.25
N VAL A 30 12.70 -4.61 -6.76
CA VAL A 30 12.18 -4.58 -8.12
C VAL A 30 13.33 -4.60 -9.11
N THR A 31 13.19 -5.41 -10.14
CA THR A 31 14.20 -5.54 -11.17
C THR A 31 13.61 -5.35 -12.56
N GLU A 32 14.46 -5.29 -13.57
CA GLU A 32 14.01 -5.05 -14.93
C GLU A 32 13.25 -6.25 -15.49
N ASP A 33 13.54 -7.43 -14.94
CA ASP A 33 12.89 -8.67 -15.39
C ASP A 33 11.50 -8.81 -14.77
N HIS A 34 11.18 -7.91 -13.86
CA HIS A 34 9.89 -7.95 -13.18
C HIS A 34 9.50 -6.56 -12.72
N GLY A 35 9.28 -5.67 -13.69
CA GLY A 35 8.93 -4.29 -13.39
C GLY A 35 7.59 -4.17 -12.71
N ALA A 36 6.55 -4.63 -13.39
CA ALA A 36 5.22 -4.64 -12.82
C ALA A 36 5.12 -5.74 -11.77
N VAL A 37 5.38 -5.38 -10.52
CA VAL A 37 5.34 -6.32 -9.42
C VAL A 37 3.92 -6.88 -9.25
N GLY A 38 2.97 -5.97 -9.22
CA GLY A 38 1.58 -6.35 -9.26
C GLY A 38 0.88 -5.62 -10.39
N GLN A 39 -0.32 -5.14 -10.16
CA GLN A 39 -0.97 -4.29 -11.15
C GLN A 39 -0.44 -2.86 -11.02
N GLU A 40 0.28 -2.61 -9.93
CA GLU A 40 0.99 -1.36 -9.75
C GLU A 40 2.35 -1.41 -10.46
N MET A 41 2.41 -0.82 -11.64
CA MET A 41 3.68 -0.66 -12.33
C MET A 41 4.30 0.68 -11.95
N CYS A 42 3.48 1.51 -11.31
CA CYS A 42 3.93 2.80 -10.82
C CYS A 42 3.34 3.05 -9.43
N CYS A 43 4.18 3.45 -8.49
CA CYS A 43 3.77 3.72 -7.12
C CYS A 43 2.92 4.99 -7.07
N PRO A 44 1.60 4.84 -6.83
CA PRO A 44 0.67 5.98 -6.83
C PRO A 44 0.99 6.99 -5.73
N ILE A 45 1.67 6.53 -4.69
CA ILE A 45 2.06 7.39 -3.58
C ILE A 45 3.17 8.35 -4.01
N CYS A 46 3.94 7.95 -5.02
CA CYS A 46 5.07 8.76 -5.48
C CYS A 46 4.86 9.20 -6.93
N CYS A 47 3.70 8.83 -7.49
CA CYS A 47 3.37 9.05 -8.90
C CYS A 47 4.56 8.73 -9.82
N SER A 48 5.32 7.70 -9.43
CA SER A 48 6.52 7.32 -10.16
C SER A 48 6.58 5.80 -10.32
N GLU A 49 7.16 5.36 -11.43
CA GLU A 49 7.16 3.95 -11.80
C GLU A 49 8.21 3.14 -11.04
N TYR A 50 8.11 1.82 -11.15
CA TYR A 50 9.06 0.91 -10.51
C TYR A 50 10.13 0.46 -11.52
N VAL A 51 11.39 0.57 -11.13
CA VAL A 51 12.50 0.08 -11.93
C VAL A 51 13.46 -0.73 -11.08
N LYS A 52 14.49 -1.29 -11.69
CA LYS A 52 15.48 -2.07 -10.96
C LYS A 52 16.16 -1.22 -9.88
N GLY A 53 15.89 -1.55 -8.63
CA GLY A 53 16.48 -0.82 -7.52
C GLY A 53 15.43 -0.32 -6.56
N ASP A 54 14.17 -0.41 -6.97
CA ASP A 54 13.05 0.02 -6.13
C ASP A 54 12.72 -1.03 -5.08
N VAL A 55 12.57 -0.58 -3.84
CA VAL A 55 12.15 -1.46 -2.76
C VAL A 55 10.63 -1.48 -2.68
N ALA A 56 10.06 -2.62 -3.04
CA ALA A 56 8.61 -2.77 -3.01
C ALA A 56 8.21 -3.75 -1.92
N THR A 57 6.98 -3.63 -1.45
CA THR A 57 6.46 -4.52 -0.44
C THR A 57 5.08 -5.01 -0.84
N GLU A 58 4.65 -6.11 -0.27
CA GLU A 58 3.39 -6.72 -0.63
C GLU A 58 2.36 -6.56 0.49
N LEU A 59 1.24 -5.96 0.15
CA LEU A 59 0.08 -5.99 1.03
C LEU A 59 -0.72 -7.25 0.71
N PRO A 60 -1.25 -7.92 1.75
CA PRO A 60 -1.97 -9.20 1.59
C PRO A 60 -3.15 -9.14 0.62
N CYS A 61 -3.54 -7.93 0.24
CA CYS A 61 -4.64 -7.75 -0.71
C CYS A 61 -4.10 -7.70 -2.14
N HIS A 62 -2.89 -8.23 -2.34
CA HIS A 62 -2.26 -8.33 -3.66
C HIS A 62 -2.08 -6.97 -4.31
N HIS A 63 -1.42 -6.07 -3.59
CA HIS A 63 -1.05 -4.76 -4.12
C HIS A 63 0.33 -4.37 -3.61
N TYR A 64 1.13 -3.76 -4.47
CA TYR A 64 2.53 -3.51 -4.14
C TYR A 64 2.87 -2.02 -4.15
N PHE A 65 3.57 -1.60 -3.12
CA PHE A 65 4.01 -0.21 -2.98
C PHE A 65 5.42 -0.20 -2.43
N HIS A 66 6.04 0.97 -2.33
CA HIS A 66 7.34 1.06 -1.67
C HIS A 66 7.12 0.99 -0.17
N LYS A 67 7.88 0.15 0.50
CA LYS A 67 7.73 -0.02 1.94
C LYS A 67 7.87 1.31 2.69
N PRO A 68 8.92 2.13 2.43
CA PRO A 68 9.09 3.44 3.06
C PRO A 68 7.83 4.32 2.98
N CYS A 69 7.28 4.48 1.77
CA CYS A 69 6.15 5.39 1.59
C CYS A 69 4.84 4.79 2.09
N VAL A 70 4.72 3.48 2.03
CA VAL A 70 3.51 2.82 2.52
C VAL A 70 3.47 2.90 4.04
N SER A 71 4.65 2.99 4.65
CA SER A 71 4.75 3.19 6.10
C SER A 71 4.09 4.51 6.48
N ILE A 72 4.43 5.55 5.74
CA ILE A 72 3.88 6.89 5.98
C ILE A 72 2.37 6.89 5.77
N TRP A 73 1.93 6.19 4.74
CA TRP A 73 0.51 6.11 4.42
C TRP A 73 -0.25 5.35 5.52
N LEU A 74 0.24 4.17 5.86
CA LEU A 74 -0.46 3.30 6.82
C LEU A 74 -0.50 3.90 8.22
N GLN A 75 0.40 4.83 8.51
CA GLN A 75 0.41 5.52 9.79
C GLN A 75 -0.65 6.62 9.83
N LYS A 76 -1.25 6.88 8.68
CA LYS A 76 -2.29 7.90 8.59
C LYS A 76 -3.64 7.26 8.25
N SER A 77 -3.60 6.20 7.45
CA SER A 77 -4.80 5.48 7.07
C SER A 77 -4.47 4.01 6.87
N GLY A 78 -5.21 3.14 7.53
CA GLY A 78 -4.96 1.72 7.42
C GLY A 78 -5.76 1.06 6.31
N THR A 79 -5.74 1.68 5.13
CA THR A 79 -6.42 1.12 3.97
C THR A 79 -5.55 1.20 2.74
N CYS A 80 -5.75 0.24 1.85
CA CYS A 80 -5.06 0.24 0.57
C CYS A 80 -5.70 1.27 -0.35
N PRO A 81 -4.96 2.33 -0.73
CA PRO A 81 -5.51 3.45 -1.51
C PRO A 81 -6.13 3.00 -2.83
N VAL A 82 -5.71 1.85 -3.32
CA VAL A 82 -6.16 1.34 -4.60
C VAL A 82 -7.51 0.63 -4.51
N CYS A 83 -7.80 -0.02 -3.37
CA CYS A 83 -9.00 -0.85 -3.27
C CYS A 83 -9.82 -0.53 -2.01
N ARG A 84 -9.24 0.24 -1.09
CA ARG A 84 -9.89 0.65 0.15
C ARG A 84 -10.07 -0.53 1.11
N CYS A 85 -9.38 -1.62 0.83
CA CYS A 85 -9.34 -2.75 1.75
C CYS A 85 -8.46 -2.38 2.95
N MET A 86 -8.86 -2.86 4.12
CA MET A 86 -8.16 -2.51 5.36
C MET A 86 -6.88 -3.33 5.52
N PHE A 87 -5.92 -2.76 6.22
CA PHE A 87 -4.70 -3.45 6.57
C PHE A 87 -4.48 -3.36 8.09
N PRO A 88 -4.44 -4.51 8.79
CA PRO A 88 -4.61 -5.83 8.19
C PRO A 88 -6.04 -6.08 7.70
N PRO A 89 -6.21 -6.99 6.73
CA PRO A 89 -7.52 -7.28 6.12
C PRO A 89 -8.54 -7.77 7.14
N PRO A 90 -9.84 -7.58 6.83
CA PRO A 90 -10.93 -8.04 7.69
C PRO A 90 -11.14 -9.56 7.58
N LEU A 91 -12.19 -10.04 8.22
CA LEU A 91 -12.50 -11.47 8.21
C LEU A 91 -13.53 -11.78 7.14
ZN ZN B . 6.64 5.04 -3.28
ZN ZN C . -5.35 -3.47 -2.30
N MET A 1 -28.37 16.02 5.87
CA MET A 1 -28.11 14.58 6.15
C MET A 1 -29.38 13.77 5.93
N GLY A 2 -30.28 13.83 6.91
CA GLY A 2 -31.52 13.09 6.83
C GLY A 2 -31.31 11.59 6.74
N HIS A 3 -31.60 11.02 5.57
CA HIS A 3 -31.44 9.60 5.35
C HIS A 3 -29.98 9.23 5.14
N HIS A 4 -29.67 7.95 5.23
CA HIS A 4 -28.32 7.48 4.96
C HIS A 4 -28.12 7.40 3.46
N HIS A 5 -27.39 8.37 2.91
CA HIS A 5 -27.18 8.44 1.48
C HIS A 5 -26.33 7.29 0.99
N HIS A 6 -26.94 6.39 0.21
CA HIS A 6 -26.21 5.28 -0.37
C HIS A 6 -25.40 5.78 -1.57
N HIS A 7 -24.39 6.56 -1.27
CA HIS A 7 -23.47 7.05 -2.28
C HIS A 7 -22.09 6.50 -1.99
N HIS A 8 -22.03 5.67 -0.95
CA HIS A 8 -20.80 5.02 -0.52
C HIS A 8 -21.02 3.52 -0.48
N SER A 9 -19.97 2.75 -0.74
CA SER A 9 -20.07 1.30 -0.71
C SER A 9 -19.09 0.75 0.33
N HIS A 10 -18.03 1.50 0.60
CA HIS A 10 -17.03 1.08 1.58
C HIS A 10 -16.70 2.23 2.53
N MET A 11 -16.40 1.89 3.77
CA MET A 11 -15.93 2.88 4.74
C MET A 11 -14.44 3.07 4.58
N VAL A 12 -14.03 4.28 4.22
CA VAL A 12 -12.63 4.56 3.93
C VAL A 12 -11.88 5.00 5.19
N ALA A 13 -12.60 5.42 6.20
CA ALA A 13 -11.99 5.90 7.43
C ALA A 13 -11.76 4.75 8.40
N ASN A 14 -10.50 4.36 8.53
CA ASN A 14 -10.14 3.28 9.46
C ASN A 14 -8.90 3.68 10.25
N PRO A 15 -8.63 3.00 11.38
CA PRO A 15 -7.42 3.23 12.17
C PRO A 15 -6.14 2.94 11.39
N PRO A 16 -5.04 3.63 11.75
CA PRO A 16 -3.73 3.40 11.13
C PRO A 16 -3.12 2.07 11.57
N ALA A 17 -2.14 1.60 10.82
CA ALA A 17 -1.46 0.35 11.14
C ALA A 17 -0.27 0.62 12.06
N SER A 18 -0.03 -0.29 12.98
CA SER A 18 1.09 -0.15 13.91
C SER A 18 2.41 -0.37 13.16
N LYS A 19 3.46 0.33 13.60
CA LYS A 19 4.76 0.27 12.95
C LYS A 19 5.24 -1.17 12.79
N GLU A 20 4.97 -1.98 13.81
CA GLU A 20 5.41 -3.37 13.82
C GLU A 20 4.84 -4.16 12.64
N SER A 21 3.57 -3.94 12.33
CA SER A 21 2.93 -4.62 11.20
C SER A 21 3.47 -4.08 9.89
N ILE A 22 3.78 -2.80 9.86
CA ILE A 22 4.27 -2.15 8.65
C ILE A 22 5.70 -2.56 8.35
N ASP A 23 6.53 -2.62 9.37
CA ASP A 23 7.93 -2.99 9.20
C ASP A 23 8.06 -4.47 8.88
N ALA A 24 7.04 -5.23 9.23
CA ALA A 24 7.03 -6.67 8.98
C ALA A 24 6.61 -6.99 7.55
N LEU A 25 6.25 -5.96 6.79
CA LEU A 25 5.86 -6.13 5.39
C LEU A 25 6.97 -6.81 4.59
N PRO A 26 6.59 -7.80 3.74
CA PRO A 26 7.53 -8.53 2.89
C PRO A 26 8.30 -7.58 1.97
N GLU A 27 9.62 -7.73 1.97
CA GLU A 27 10.46 -6.81 1.21
C GLU A 27 10.84 -7.43 -0.14
N ILE A 28 10.32 -6.83 -1.20
CA ILE A 28 10.61 -7.28 -2.55
C ILE A 28 11.42 -6.21 -3.28
N LEU A 29 12.68 -6.50 -3.53
CA LEU A 29 13.53 -5.59 -4.28
C LEU A 29 13.04 -5.49 -5.71
N VAL A 30 12.74 -4.28 -6.15
CA VAL A 30 12.22 -4.08 -7.50
C VAL A 30 13.33 -4.23 -8.52
N THR A 31 13.19 -5.25 -9.35
CA THR A 31 14.13 -5.48 -10.44
C THR A 31 13.40 -5.34 -11.77
N GLU A 32 13.99 -4.57 -12.68
CA GLU A 32 13.38 -4.31 -13.98
C GLU A 32 13.31 -5.58 -14.81
N ASP A 33 14.04 -6.61 -14.39
CA ASP A 33 14.03 -7.91 -15.05
C ASP A 33 12.63 -8.51 -14.98
N HIS A 34 11.91 -8.16 -13.93
CA HIS A 34 10.54 -8.62 -13.74
C HIS A 34 9.56 -7.62 -14.33
N GLY A 35 10.04 -6.41 -14.59
CA GLY A 35 9.19 -5.35 -15.10
C GLY A 35 8.27 -4.82 -14.02
N ALA A 36 6.98 -5.04 -14.20
CA ALA A 36 5.99 -4.66 -13.21
C ALA A 36 6.03 -5.64 -12.05
N VAL A 37 6.07 -5.12 -10.82
CA VAL A 37 6.13 -5.95 -9.63
C VAL A 37 4.89 -6.83 -9.54
N GLY A 38 3.78 -6.32 -10.05
CA GLY A 38 2.55 -7.08 -10.09
C GLY A 38 1.54 -6.44 -11.03
N GLN A 39 0.41 -6.04 -10.48
CA GLN A 39 -0.60 -5.35 -11.26
C GLN A 39 -0.07 -4.00 -11.75
N GLU A 40 0.39 -3.20 -10.81
CA GLU A 40 0.84 -1.85 -11.10
C GLU A 40 2.35 -1.80 -11.31
N MET A 41 2.77 -0.97 -12.26
CA MET A 41 4.18 -0.70 -12.49
C MET A 41 4.47 0.75 -12.13
N CYS A 42 3.48 1.41 -11.56
CA CYS A 42 3.62 2.79 -11.10
C CYS A 42 3.19 2.90 -9.64
N CYS A 43 3.80 3.82 -8.91
CA CYS A 43 3.48 4.02 -7.51
C CYS A 43 2.76 5.35 -7.33
N PRO A 44 1.42 5.30 -7.18
CA PRO A 44 0.58 6.51 -7.07
C PRO A 44 1.04 7.42 -5.93
N ILE A 45 1.58 6.83 -4.88
CA ILE A 45 2.06 7.57 -3.72
C ILE A 45 3.24 8.47 -4.10
N CYS A 46 4.07 7.99 -5.01
CA CYS A 46 5.27 8.72 -5.42
C CYS A 46 5.03 9.50 -6.71
N CYS A 47 3.99 9.10 -7.45
CA CYS A 47 3.74 9.65 -8.78
C CYS A 47 4.85 9.25 -9.74
N SER A 48 5.54 8.17 -9.38
CA SER A 48 6.67 7.68 -10.15
C SER A 48 6.50 6.18 -10.40
N GLU A 49 7.40 5.60 -11.17
CA GLU A 49 7.30 4.21 -11.59
C GLU A 49 8.17 3.30 -10.72
N TYR A 50 8.21 2.02 -11.08
CA TYR A 50 9.04 1.05 -10.39
C TYR A 50 10.32 0.78 -11.17
N VAL A 51 11.45 1.06 -10.54
CA VAL A 51 12.74 0.86 -11.16
C VAL A 51 13.64 0.01 -10.28
N LYS A 52 14.78 -0.42 -10.83
CA LYS A 52 15.68 -1.32 -10.14
C LYS A 52 16.46 -0.58 -9.05
N GLY A 53 16.16 -0.88 -7.80
CA GLY A 53 16.84 -0.26 -6.69
C GLY A 53 15.90 0.08 -5.54
N ASP A 54 14.64 0.29 -5.87
CA ASP A 54 13.64 0.64 -4.86
C ASP A 54 13.05 -0.64 -4.25
N VAL A 55 12.45 -0.51 -3.08
CA VAL A 55 11.92 -1.66 -2.37
C VAL A 55 10.38 -1.65 -2.41
N ALA A 56 9.81 -2.76 -2.85
CA ALA A 56 8.37 -2.90 -2.92
C ALA A 56 7.88 -3.90 -1.88
N THR A 57 6.57 -3.98 -1.71
CA THR A 57 5.98 -4.90 -0.78
C THR A 57 4.60 -5.32 -1.30
N GLU A 58 4.13 -6.48 -0.86
CA GLU A 58 2.84 -6.99 -1.29
C GLU A 58 1.86 -6.96 -0.13
N LEU A 59 0.79 -6.18 -0.29
CA LEU A 59 -0.30 -6.19 0.67
C LEU A 59 -1.13 -7.45 0.47
N PRO A 60 -1.86 -7.91 1.51
CA PRO A 60 -2.62 -9.17 1.47
C PRO A 60 -3.55 -9.28 0.25
N CYS A 61 -3.93 -8.14 -0.32
CA CYS A 61 -4.84 -8.13 -1.46
C CYS A 61 -4.08 -8.17 -2.78
N HIS A 62 -2.80 -8.53 -2.72
CA HIS A 62 -1.96 -8.70 -3.91
C HIS A 62 -1.70 -7.38 -4.63
N HIS A 63 -1.79 -6.28 -3.91
CA HIS A 63 -1.45 -4.97 -4.47
C HIS A 63 -0.08 -4.54 -3.98
N TYR A 64 0.75 -4.07 -4.90
CA TYR A 64 2.15 -3.79 -4.60
C TYR A 64 2.41 -2.29 -4.50
N PHE A 65 3.13 -1.91 -3.45
CA PHE A 65 3.55 -0.53 -3.24
C PHE A 65 4.99 -0.55 -2.75
N HIS A 66 5.61 0.61 -2.59
CA HIS A 66 6.94 0.66 -2.00
C HIS A 66 6.81 0.65 -0.49
N LYS A 67 7.53 -0.26 0.15
CA LYS A 67 7.48 -0.39 1.60
C LYS A 67 7.77 0.95 2.31
N PRO A 68 8.84 1.68 1.92
CA PRO A 68 9.16 3.00 2.51
C PRO A 68 7.99 3.99 2.47
N CYS A 69 7.34 4.12 1.31
CA CYS A 69 6.30 5.12 1.15
C CYS A 69 4.95 4.65 1.69
N VAL A 70 4.64 3.37 1.52
CA VAL A 70 3.38 2.84 2.01
C VAL A 70 3.38 2.83 3.54
N SER A 71 4.58 2.78 4.12
CA SER A 71 4.77 2.86 5.56
C SER A 71 4.09 4.11 6.11
N ILE A 72 4.40 5.25 5.51
CA ILE A 72 3.86 6.53 5.98
C ILE A 72 2.35 6.58 5.77
N TRP A 73 1.89 6.02 4.65
CA TRP A 73 0.48 5.97 4.35
C TRP A 73 -0.26 5.13 5.39
N LEU A 74 0.28 3.96 5.69
CA LEU A 74 -0.34 3.05 6.65
C LEU A 74 -0.34 3.63 8.05
N GLN A 75 0.65 4.47 8.35
CA GLN A 75 0.73 5.14 9.66
C GLN A 75 -0.35 6.22 9.76
N LYS A 76 -0.97 6.55 8.64
CA LYS A 76 -2.07 7.50 8.63
C LYS A 76 -3.40 6.76 8.51
N SER A 77 -3.44 5.79 7.61
CA SER A 77 -4.62 4.97 7.40
C SER A 77 -4.21 3.61 6.86
N GLY A 78 -4.54 2.55 7.59
CA GLY A 78 -4.14 1.22 7.19
C GLY A 78 -5.06 0.63 6.14
N THR A 79 -5.06 1.20 4.95
CA THR A 79 -5.86 0.71 3.86
C THR A 79 -5.12 0.81 2.53
N CYS A 80 -5.34 -0.17 1.66
CA CYS A 80 -4.76 -0.17 0.33
C CYS A 80 -5.49 0.83 -0.56
N PRO A 81 -4.88 2.00 -0.84
CA PRO A 81 -5.56 3.14 -1.47
C PRO A 81 -6.40 2.78 -2.71
N VAL A 82 -5.89 1.85 -3.51
CA VAL A 82 -6.53 1.51 -4.78
C VAL A 82 -7.88 0.80 -4.59
N CYS A 83 -8.03 0.08 -3.47
CA CYS A 83 -9.24 -0.71 -3.25
C CYS A 83 -9.89 -0.40 -1.90
N ARG A 84 -9.06 0.05 -0.95
CA ARG A 84 -9.47 0.43 0.39
C ARG A 84 -9.65 -0.80 1.27
N CYS A 85 -9.05 -1.91 0.84
CA CYS A 85 -8.96 -3.08 1.69
C CYS A 85 -7.99 -2.78 2.83
N MET A 86 -8.34 -3.22 4.03
CA MET A 86 -7.61 -2.84 5.23
C MET A 86 -6.35 -3.67 5.42
N PHE A 87 -5.34 -3.05 6.01
CA PHE A 87 -4.13 -3.74 6.41
C PHE A 87 -3.75 -3.33 7.84
N PRO A 88 -3.77 -4.29 8.78
CA PRO A 88 -4.14 -5.68 8.51
C PRO A 88 -5.64 -5.83 8.27
N PRO A 89 -6.04 -6.85 7.48
CA PRO A 89 -7.45 -7.10 7.13
C PRO A 89 -8.36 -7.12 8.36
N PRO A 90 -9.61 -6.68 8.22
CA PRO A 90 -10.54 -6.52 9.34
C PRO A 90 -10.87 -7.86 9.98
N LEU A 91 -11.14 -7.85 11.27
CA LEU A 91 -11.43 -9.06 12.00
C LEU A 91 -12.92 -9.14 12.33
ZN ZN B . 6.62 4.70 -3.71
ZN ZN C . -5.61 -3.55 -2.76
N MET A 1 -22.82 10.33 19.50
CA MET A 1 -21.95 11.45 19.93
C MET A 1 -21.82 11.48 21.44
N GLY A 2 -20.69 12.00 21.92
CA GLY A 2 -20.49 12.14 23.35
C GLY A 2 -20.35 13.60 23.74
N HIS A 3 -19.21 14.19 23.40
CA HIS A 3 -19.00 15.61 23.61
C HIS A 3 -18.88 16.30 22.25
N HIS A 4 -18.49 17.56 22.25
CA HIS A 4 -18.33 18.29 21.01
C HIS A 4 -16.87 18.72 20.83
N HIS A 5 -15.98 17.74 20.98
CA HIS A 5 -14.55 17.94 20.78
C HIS A 5 -14.26 18.12 19.30
N HIS A 6 -13.55 19.18 18.97
CA HIS A 6 -13.27 19.51 17.58
C HIS A 6 -11.81 19.23 17.22
N HIS A 7 -11.61 18.29 16.32
CA HIS A 7 -10.27 18.04 15.80
C HIS A 7 -10.05 18.85 14.53
N HIS A 8 -8.81 18.97 14.10
CA HIS A 8 -8.50 19.75 12.91
C HIS A 8 -8.92 19.00 11.66
N SER A 9 -9.36 19.73 10.66
CA SER A 9 -9.83 19.15 9.41
C SER A 9 -8.79 18.25 8.74
N HIS A 10 -8.98 16.95 8.87
CA HIS A 10 -8.16 15.97 8.17
C HIS A 10 -8.92 14.65 8.09
N MET A 11 -9.18 14.21 6.87
CA MET A 11 -10.01 13.04 6.64
C MET A 11 -9.19 11.76 6.65
N VAL A 12 -9.46 10.91 7.62
CA VAL A 12 -8.81 9.62 7.72
C VAL A 12 -9.84 8.50 7.61
N ALA A 13 -9.65 7.61 6.65
CA ALA A 13 -10.64 6.56 6.37
C ALA A 13 -10.64 5.48 7.45
N ASN A 14 -9.47 4.90 7.70
CA ASN A 14 -9.36 3.79 8.65
C ASN A 14 -8.27 4.06 9.67
N PRO A 15 -8.34 3.40 10.85
CA PRO A 15 -7.30 3.49 11.88
C PRO A 15 -5.92 3.07 11.35
N PRO A 16 -4.84 3.62 11.92
CA PRO A 16 -3.48 3.38 11.45
C PRO A 16 -3.00 1.95 11.76
N ALA A 17 -2.05 1.49 10.96
CA ALA A 17 -1.49 0.16 11.14
C ALA A 17 -0.33 0.20 12.12
N SER A 18 -0.20 -0.86 12.91
CA SER A 18 0.88 -0.96 13.89
C SER A 18 2.24 -1.04 13.19
N LYS A 19 3.25 -0.44 13.83
CA LYS A 19 4.58 -0.36 13.26
C LYS A 19 5.14 -1.76 12.97
N GLU A 20 4.96 -2.65 13.93
CA GLU A 20 5.40 -4.04 13.81
C GLU A 20 4.94 -4.65 12.49
N SER A 21 3.66 -4.47 12.17
CA SER A 21 3.08 -5.04 10.97
C SER A 21 3.64 -4.40 9.71
N ILE A 22 3.95 -3.10 9.79
CA ILE A 22 4.51 -2.38 8.66
C ILE A 22 5.97 -2.79 8.43
N ASP A 23 6.72 -2.87 9.53
CA ASP A 23 8.12 -3.30 9.48
C ASP A 23 8.23 -4.74 8.99
N ALA A 24 7.25 -5.55 9.36
CA ALA A 24 7.25 -6.97 9.02
C ALA A 24 6.76 -7.22 7.60
N LEU A 25 6.51 -6.17 6.84
CA LEU A 25 6.12 -6.31 5.44
C LEU A 25 7.32 -6.79 4.62
N PRO A 26 7.06 -7.67 3.63
CA PRO A 26 8.10 -8.24 2.78
C PRO A 26 8.80 -7.18 1.93
N GLU A 27 10.07 -7.41 1.64
CA GLU A 27 10.86 -6.48 0.85
C GLU A 27 11.22 -7.09 -0.49
N ILE A 28 10.57 -6.65 -1.54
CA ILE A 28 10.82 -7.13 -2.88
C ILE A 28 11.71 -6.14 -3.64
N LEU A 29 12.86 -6.61 -4.10
CA LEU A 29 13.79 -5.75 -4.83
C LEU A 29 13.36 -5.64 -6.29
N VAL A 30 13.14 -4.42 -6.73
CA VAL A 30 12.80 -4.17 -8.12
C VAL A 30 14.07 -3.98 -8.94
N THR A 31 14.11 -4.63 -10.10
CA THR A 31 15.25 -4.57 -10.99
C THR A 31 14.86 -3.86 -12.29
N GLU A 32 15.86 -3.61 -13.14
CA GLU A 32 15.63 -2.94 -14.42
C GLU A 32 14.66 -3.73 -15.28
N ASP A 33 13.70 -3.01 -15.85
CA ASP A 33 12.59 -3.62 -16.59
C ASP A 33 11.88 -4.65 -15.73
N HIS A 34 11.12 -4.15 -14.77
CA HIS A 34 10.30 -4.99 -13.91
C HIS A 34 9.28 -4.11 -13.19
N GLY A 35 8.90 -3.02 -13.85
CA GLY A 35 7.93 -2.11 -13.27
C GLY A 35 6.61 -2.79 -13.01
N ALA A 36 6.24 -3.70 -13.89
CA ALA A 36 5.02 -4.48 -13.70
C ALA A 36 5.30 -5.63 -12.72
N VAL A 37 5.20 -5.31 -11.44
CA VAL A 37 5.44 -6.29 -10.39
C VAL A 37 4.25 -7.24 -10.28
N GLY A 38 3.10 -6.79 -10.75
CA GLY A 38 1.91 -7.61 -10.75
C GLY A 38 0.84 -7.01 -11.64
N GLN A 39 -0.34 -6.81 -11.09
CA GLN A 39 -1.42 -6.14 -11.81
C GLN A 39 -1.19 -4.63 -11.81
N GLU A 40 -0.14 -4.21 -11.12
CA GLU A 40 0.25 -2.81 -11.06
C GLU A 40 1.66 -2.65 -11.60
N MET A 41 1.95 -1.46 -12.11
CA MET A 41 3.28 -1.14 -12.60
C MET A 41 3.71 0.23 -12.11
N CYS A 42 2.93 0.80 -11.20
CA CYS A 42 3.19 2.14 -10.70
C CYS A 42 2.77 2.27 -9.23
N CYS A 43 3.45 3.15 -8.53
CA CYS A 43 3.16 3.43 -7.13
C CYS A 43 2.37 4.73 -7.03
N PRO A 44 1.04 4.64 -6.85
CA PRO A 44 0.15 5.81 -6.83
C PRO A 44 0.55 6.82 -5.75
N ILE A 45 1.09 6.30 -4.66
CA ILE A 45 1.54 7.14 -3.54
C ILE A 45 2.63 8.12 -4.00
N CYS A 46 3.37 7.74 -5.03
CA CYS A 46 4.46 8.56 -5.53
C CYS A 46 4.11 9.14 -6.90
N CYS A 47 3.09 8.58 -7.54
CA CYS A 47 2.76 8.92 -8.92
C CYS A 47 3.95 8.63 -9.83
N SER A 48 4.57 7.48 -9.62
CA SER A 48 5.74 7.08 -10.40
C SER A 48 5.85 5.55 -10.44
N GLU A 49 6.80 5.05 -11.19
CA GLU A 49 6.93 3.61 -11.44
C GLU A 49 8.03 2.98 -10.57
N TYR A 50 8.36 1.73 -10.87
CA TYR A 50 9.37 0.99 -10.12
C TYR A 50 10.61 0.75 -10.97
N VAL A 51 11.78 0.99 -10.37
CA VAL A 51 13.07 0.78 -11.06
C VAL A 51 14.07 0.10 -10.12
N LYS A 52 15.29 -0.14 -10.62
CA LYS A 52 16.32 -0.80 -9.80
C LYS A 52 16.58 -0.02 -8.51
N GLY A 53 16.63 -0.74 -7.40
CA GLY A 53 16.90 -0.12 -6.12
C GLY A 53 15.64 0.11 -5.32
N ASP A 54 14.51 -0.10 -5.95
CA ASP A 54 13.22 0.09 -5.29
C ASP A 54 12.88 -1.07 -4.39
N VAL A 55 12.53 -0.75 -3.15
CA VAL A 55 12.06 -1.76 -2.21
C VAL A 55 10.54 -1.80 -2.21
N ALA A 56 9.98 -2.78 -2.88
CA ALA A 56 8.55 -2.92 -2.99
C ALA A 56 8.03 -3.89 -1.93
N THR A 57 6.74 -3.84 -1.67
CA THR A 57 6.12 -4.73 -0.72
C THR A 57 4.77 -5.19 -1.25
N GLU A 58 4.31 -6.35 -0.78
CA GLU A 58 3.06 -6.91 -1.24
C GLU A 58 2.05 -7.00 -0.10
N LEU A 59 0.96 -6.28 -0.23
CA LEU A 59 -0.11 -6.33 0.74
C LEU A 59 -0.96 -7.58 0.52
N PRO A 60 -1.56 -8.13 1.60
CA PRO A 60 -2.37 -9.35 1.54
C PRO A 60 -3.56 -9.23 0.60
N CYS A 61 -3.89 -8.00 0.20
CA CYS A 61 -5.00 -7.77 -0.73
C CYS A 61 -4.50 -7.87 -2.17
N HIS A 62 -3.27 -8.35 -2.33
CA HIS A 62 -2.62 -8.49 -3.63
C HIS A 62 -2.45 -7.14 -4.31
N HIS A 63 -1.44 -6.40 -3.85
CA HIS A 63 -1.10 -5.10 -4.40
C HIS A 63 0.33 -4.75 -4.01
N TYR A 64 1.01 -3.99 -4.85
CA TYR A 64 2.42 -3.70 -4.64
C TYR A 64 2.68 -2.21 -4.51
N PHE A 65 3.46 -1.84 -3.51
CA PHE A 65 3.85 -0.46 -3.26
C PHE A 65 5.29 -0.42 -2.80
N HIS A 66 5.86 0.77 -2.62
CA HIS A 66 7.18 0.87 -2.02
C HIS A 66 7.03 0.78 -0.52
N LYS A 67 7.84 -0.06 0.11
CA LYS A 67 7.75 -0.26 1.55
C LYS A 67 7.90 1.06 2.32
N PRO A 68 8.93 1.89 2.05
CA PRO A 68 9.13 3.16 2.77
C PRO A 68 7.92 4.10 2.70
N CYS A 69 7.37 4.29 1.50
CA CYS A 69 6.28 5.27 1.32
C CYS A 69 4.97 4.75 1.90
N VAL A 70 4.76 3.44 1.84
CA VAL A 70 3.53 2.87 2.40
C VAL A 70 3.59 2.88 3.92
N SER A 71 4.82 2.91 4.46
CA SER A 71 5.01 3.01 5.90
C SER A 71 4.41 4.31 6.43
N ILE A 72 4.64 5.39 5.70
CA ILE A 72 4.11 6.69 6.08
C ILE A 72 2.59 6.70 5.99
N TRP A 73 2.08 6.12 4.90
CA TRP A 73 0.66 6.09 4.63
C TRP A 73 -0.10 5.28 5.67
N LEU A 74 0.42 4.10 6.00
CA LEU A 74 -0.25 3.20 6.93
C LEU A 74 -0.27 3.76 8.35
N GLN A 75 0.65 4.68 8.65
CA GLN A 75 0.69 5.31 9.96
C GLN A 75 -0.34 6.45 10.03
N LYS A 76 -0.94 6.74 8.90
CA LYS A 76 -1.93 7.81 8.82
C LYS A 76 -3.33 7.22 8.61
N SER A 77 -3.47 6.37 7.61
CA SER A 77 -4.74 5.70 7.34
C SER A 77 -4.48 4.28 6.88
N GLY A 78 -4.93 3.31 7.68
CA GLY A 78 -4.74 1.91 7.34
C GLY A 78 -5.67 1.45 6.24
N THR A 79 -5.40 1.91 5.02
CA THR A 79 -6.23 1.55 3.88
C THR A 79 -5.38 1.46 2.63
N CYS A 80 -5.61 0.45 1.81
CA CYS A 80 -4.91 0.31 0.54
C CYS A 80 -5.45 1.32 -0.45
N PRO A 81 -4.67 2.35 -0.81
CA PRO A 81 -5.15 3.50 -1.59
C PRO A 81 -5.86 3.11 -2.89
N VAL A 82 -5.41 2.03 -3.50
CA VAL A 82 -5.94 1.60 -4.80
C VAL A 82 -7.34 0.98 -4.67
N CYS A 83 -7.49 -0.01 -3.80
CA CYS A 83 -8.76 -0.74 -3.71
C CYS A 83 -9.58 -0.26 -2.50
N ARG A 84 -8.91 0.43 -1.58
CA ARG A 84 -9.55 1.03 -0.41
C ARG A 84 -10.02 -0.03 0.59
N CYS A 85 -9.39 -1.20 0.53
CA CYS A 85 -9.60 -2.22 1.55
C CYS A 85 -8.74 -1.91 2.76
N MET A 86 -9.21 -2.30 3.93
CA MET A 86 -8.57 -1.93 5.18
C MET A 86 -7.32 -2.77 5.44
N PHE A 87 -6.30 -2.13 6.02
CA PHE A 87 -5.09 -2.81 6.45
C PHE A 87 -4.69 -2.29 7.83
N PRO A 88 -4.47 -3.17 8.82
CA PRO A 88 -4.54 -4.63 8.68
C PRO A 88 -5.88 -5.13 8.13
N PRO A 89 -5.84 -6.23 7.35
CA PRO A 89 -7.02 -6.77 6.67
C PRO A 89 -8.14 -7.14 7.64
N PRO A 90 -9.40 -7.07 7.18
CA PRO A 90 -10.56 -7.38 8.02
C PRO A 90 -10.67 -8.87 8.33
N LEU A 91 -11.69 -9.23 9.09
CA LEU A 91 -11.91 -10.61 9.48
C LEU A 91 -12.34 -11.45 8.29
ZN ZN B . 6.36 4.85 -3.58
ZN ZN C . -5.29 -3.42 -2.49
N MET A 1 1.67 13.51 -10.99
CA MET A 1 0.93 14.19 -12.07
C MET A 1 -0.42 14.67 -11.56
N GLY A 2 -1.20 15.26 -12.44
CA GLY A 2 -2.54 15.71 -12.08
C GLY A 2 -3.61 14.77 -12.57
N HIS A 3 -3.19 13.77 -13.36
CA HIS A 3 -4.11 12.76 -13.87
C HIS A 3 -4.51 11.80 -12.75
N HIS A 4 -5.71 12.00 -12.22
CA HIS A 4 -6.18 11.21 -11.08
C HIS A 4 -7.41 10.41 -11.48
N HIS A 5 -7.27 9.08 -11.55
CA HIS A 5 -8.40 8.21 -11.85
C HIS A 5 -9.34 8.20 -10.65
N HIS A 6 -10.64 8.25 -10.92
CA HIS A 6 -11.63 8.43 -9.86
C HIS A 6 -12.28 7.09 -9.49
N HIS A 7 -12.43 6.86 -8.20
CA HIS A 7 -13.07 5.65 -7.70
C HIS A 7 -14.14 6.03 -6.68
N HIS A 8 -15.39 6.05 -7.13
CA HIS A 8 -16.51 6.48 -6.31
C HIS A 8 -16.68 5.57 -5.10
N SER A 9 -16.34 6.08 -3.93
CA SER A 9 -16.45 5.33 -2.69
C SER A 9 -16.60 6.28 -1.52
N HIS A 10 -17.10 5.76 -0.39
CA HIS A 10 -17.27 6.56 0.81
C HIS A 10 -15.92 6.99 1.36
N MET A 11 -15.77 8.27 1.64
CA MET A 11 -14.52 8.79 2.17
C MET A 11 -14.54 8.77 3.70
N VAL A 12 -14.16 7.64 4.26
CA VAL A 12 -14.06 7.50 5.70
C VAL A 12 -12.60 7.54 6.12
N ALA A 13 -12.32 8.27 7.19
CA ALA A 13 -10.96 8.35 7.71
C ALA A 13 -10.63 7.12 8.52
N ASN A 14 -10.04 6.14 7.86
CA ASN A 14 -9.69 4.87 8.49
C ASN A 14 -8.45 5.04 9.37
N PRO A 15 -8.47 4.42 10.57
CA PRO A 15 -7.32 4.46 11.50
C PRO A 15 -6.02 3.96 10.86
N PRO A 16 -4.86 4.36 11.43
CA PRO A 16 -3.55 3.95 10.91
C PRO A 16 -3.27 2.47 11.11
N ALA A 17 -2.26 1.96 10.42
CA ALA A 17 -1.86 0.57 10.53
C ALA A 17 -0.83 0.39 11.63
N SER A 18 -0.78 -0.81 12.20
CA SER A 18 0.18 -1.11 13.25
C SER A 18 1.59 -1.17 12.69
N LYS A 19 2.53 -0.55 13.40
CA LYS A 19 3.92 -0.45 12.95
C LYS A 19 4.53 -1.83 12.72
N GLU A 20 4.18 -2.76 13.60
CA GLU A 20 4.68 -4.12 13.52
C GLU A 20 4.32 -4.76 12.19
N SER A 21 3.06 -4.60 11.80
CA SER A 21 2.56 -5.17 10.55
C SER A 21 3.28 -4.54 9.36
N ILE A 22 3.62 -3.27 9.49
CA ILE A 22 4.32 -2.53 8.44
C ILE A 22 5.76 -3.02 8.33
N ASP A 23 6.41 -3.20 9.48
CA ASP A 23 7.78 -3.69 9.51
C ASP A 23 7.86 -5.12 9.00
N ALA A 24 6.85 -5.90 9.33
CA ALA A 24 6.78 -7.31 8.95
C ALA A 24 6.39 -7.48 7.48
N LEU A 25 6.23 -6.37 6.78
CA LEU A 25 5.96 -6.40 5.35
C LEU A 25 7.19 -6.88 4.57
N PRO A 26 7.00 -7.85 3.66
CA PRO A 26 8.09 -8.42 2.85
C PRO A 26 8.82 -7.37 2.04
N GLU A 27 10.14 -7.43 2.03
CA GLU A 27 10.94 -6.45 1.32
C GLU A 27 11.44 -7.06 0.01
N ILE A 28 10.80 -6.66 -1.08
CA ILE A 28 11.10 -7.20 -2.40
C ILE A 28 11.93 -6.21 -3.21
N LEU A 29 13.02 -6.70 -3.80
CA LEU A 29 13.89 -5.85 -4.60
C LEU A 29 13.29 -5.63 -5.98
N VAL A 30 13.07 -4.37 -6.33
CA VAL A 30 12.49 -4.03 -7.62
C VAL A 30 13.58 -3.89 -8.67
N THR A 31 13.36 -4.51 -9.82
CA THR A 31 14.29 -4.42 -10.93
C THR A 31 13.55 -4.02 -12.21
N GLU A 32 14.25 -3.34 -13.11
CA GLU A 32 13.67 -2.89 -14.37
C GLU A 32 13.71 -4.01 -15.41
N ASP A 33 14.25 -5.15 -15.00
CA ASP A 33 14.30 -6.33 -15.85
C ASP A 33 12.98 -7.09 -15.71
N HIS A 34 12.31 -6.84 -14.60
CA HIS A 34 11.02 -7.41 -14.32
C HIS A 34 10.09 -6.33 -13.81
N GLY A 35 9.94 -5.27 -14.62
CA GLY A 35 9.12 -4.13 -14.25
C GLY A 35 7.66 -4.51 -14.10
N ALA A 36 6.91 -3.68 -13.38
CA ALA A 36 5.51 -3.97 -13.05
C ALA A 36 5.44 -5.26 -12.24
N VAL A 37 5.79 -5.15 -10.96
CA VAL A 37 5.89 -6.31 -10.08
C VAL A 37 4.52 -6.75 -9.60
N GLY A 38 3.91 -7.69 -10.31
CA GLY A 38 2.65 -8.26 -9.89
C GLY A 38 1.45 -7.41 -10.23
N GLN A 39 1.71 -6.16 -10.61
CA GLN A 39 0.64 -5.21 -10.88
C GLN A 39 1.12 -4.10 -11.81
N GLU A 40 0.39 -2.99 -11.81
CA GLU A 40 0.76 -1.79 -12.55
C GLU A 40 2.17 -1.33 -12.18
N MET A 41 2.84 -0.68 -13.11
CA MET A 41 4.24 -0.28 -12.92
C MET A 41 4.35 1.09 -12.27
N CYS A 42 3.24 1.59 -11.74
CA CYS A 42 3.22 2.92 -11.14
C CYS A 42 2.84 2.85 -9.67
N CYS A 43 3.50 3.70 -8.88
CA CYS A 43 3.23 3.80 -7.45
C CYS A 43 2.47 5.10 -7.17
N PRO A 44 1.15 5.01 -6.97
CA PRO A 44 0.27 6.18 -6.82
C PRO A 44 0.65 7.07 -5.63
N ILE A 45 1.28 6.47 -4.62
CA ILE A 45 1.64 7.19 -3.40
C ILE A 45 2.60 8.35 -3.70
N CYS A 46 3.56 8.11 -4.58
CA CYS A 46 4.53 9.14 -4.94
C CYS A 46 4.47 9.46 -6.42
N CYS A 47 3.40 8.99 -7.06
CA CYS A 47 3.19 9.15 -8.51
C CYS A 47 4.46 8.86 -9.32
N SER A 48 5.15 7.79 -8.97
CA SER A 48 6.37 7.40 -9.66
C SER A 48 6.20 6.01 -10.24
N GLU A 49 7.24 5.49 -10.86
CA GLU A 49 7.22 4.13 -11.39
C GLU A 49 8.07 3.23 -10.51
N TYR A 50 8.23 1.98 -10.93
CA TYR A 50 9.05 1.02 -10.21
C TYR A 50 10.39 0.82 -10.92
N VAL A 51 11.46 1.31 -10.29
CA VAL A 51 12.78 1.28 -10.92
C VAL A 51 13.69 0.24 -10.25
N LYS A 52 14.79 -0.08 -10.92
CA LYS A 52 15.73 -1.09 -10.44
C LYS A 52 16.54 -0.55 -9.27
N GLY A 53 16.34 -1.14 -8.09
CA GLY A 53 17.07 -0.74 -6.91
C GLY A 53 16.16 -0.31 -5.78
N ASP A 54 14.86 -0.19 -6.06
CA ASP A 54 13.90 0.25 -5.06
C ASP A 54 13.39 -0.96 -4.26
N VAL A 55 12.74 -0.69 -3.13
CA VAL A 55 12.25 -1.75 -2.26
C VAL A 55 10.72 -1.73 -2.19
N ALA A 56 10.11 -2.80 -2.66
CA ALA A 56 8.66 -2.90 -2.66
C ALA A 56 8.19 -3.92 -1.63
N THR A 57 6.90 -3.89 -1.35
CA THR A 57 6.30 -4.83 -0.43
C THR A 57 4.98 -5.35 -0.99
N GLU A 58 4.60 -6.53 -0.54
CA GLU A 58 3.35 -7.14 -0.99
C GLU A 58 2.33 -7.09 0.14
N LEU A 59 1.23 -6.39 -0.10
CA LEU A 59 0.13 -6.39 0.84
C LEU A 59 -0.71 -7.65 0.64
N PRO A 60 -1.28 -8.21 1.71
CA PRO A 60 -2.04 -9.47 1.66
C PRO A 60 -3.26 -9.42 0.75
N CYS A 61 -3.55 -8.26 0.19
CA CYS A 61 -4.69 -8.10 -0.70
C CYS A 61 -4.22 -8.05 -2.16
N HIS A 62 -3.10 -8.72 -2.44
CA HIS A 62 -2.58 -8.86 -3.80
C HIS A 62 -2.20 -7.52 -4.43
N HIS A 63 -1.77 -6.58 -3.61
CA HIS A 63 -1.35 -5.27 -4.11
C HIS A 63 0.06 -4.94 -3.63
N TYR A 64 0.87 -4.44 -4.54
CA TYR A 64 2.26 -4.12 -4.26
C TYR A 64 2.46 -2.61 -4.14
N PHE A 65 3.36 -2.21 -3.26
CA PHE A 65 3.74 -0.82 -3.11
C PHE A 65 5.19 -0.73 -2.67
N HIS A 66 5.81 0.43 -2.85
CA HIS A 66 7.11 0.69 -2.24
C HIS A 66 6.96 0.61 -0.72
N LYS A 67 7.86 -0.10 -0.03
CA LYS A 67 7.66 -0.37 1.40
C LYS A 67 7.72 0.91 2.26
N PRO A 68 8.85 1.66 2.30
CA PRO A 68 8.95 2.88 3.12
C PRO A 68 7.97 3.94 2.66
N CYS A 69 7.59 3.82 1.41
CA CYS A 69 6.62 4.70 0.76
C CYS A 69 5.23 4.51 1.37
N VAL A 70 4.78 3.25 1.40
CA VAL A 70 3.45 2.93 1.92
C VAL A 70 3.44 3.02 3.44
N SER A 71 4.61 2.85 4.06
CA SER A 71 4.74 2.99 5.49
C SER A 71 4.21 4.34 5.94
N ILE A 72 4.65 5.40 5.26
CA ILE A 72 4.21 6.75 5.57
C ILE A 72 2.69 6.85 5.48
N TRP A 73 2.13 6.32 4.39
CA TRP A 73 0.69 6.34 4.17
C TRP A 73 -0.05 5.57 5.28
N LEU A 74 0.47 4.39 5.62
CA LEU A 74 -0.14 3.54 6.62
C LEU A 74 -0.09 4.18 8.02
N GLN A 75 0.86 5.10 8.20
CA GLN A 75 0.96 5.82 9.47
C GLN A 75 -0.17 6.82 9.61
N LYS A 76 -0.75 7.21 8.48
CA LYS A 76 -1.94 8.05 8.49
C LYS A 76 -3.18 7.18 8.53
N SER A 77 -3.33 6.34 7.52
CA SER A 77 -4.47 5.46 7.42
C SER A 77 -4.04 4.08 6.92
N GLY A 78 -4.38 3.05 7.68
CA GLY A 78 -4.05 1.70 7.28
C GLY A 78 -5.05 1.17 6.27
N THR A 79 -4.96 1.64 5.04
CA THR A 79 -5.88 1.24 4.00
C THR A 79 -5.17 1.21 2.64
N CYS A 80 -5.42 0.16 1.87
CA CYS A 80 -4.85 0.03 0.54
C CYS A 80 -5.60 0.97 -0.41
N PRO A 81 -4.96 2.08 -0.83
CA PRO A 81 -5.65 3.16 -1.57
C PRO A 81 -6.44 2.70 -2.79
N VAL A 82 -5.97 1.64 -3.43
CA VAL A 82 -6.60 1.16 -4.66
C VAL A 82 -7.95 0.48 -4.38
N CYS A 83 -7.98 -0.41 -3.40
CA CYS A 83 -9.18 -1.21 -3.13
C CYS A 83 -9.92 -0.67 -1.91
N ARG A 84 -9.17 0.02 -1.05
CA ARG A 84 -9.70 0.63 0.17
C ARG A 84 -10.06 -0.43 1.20
N CYS A 85 -9.33 -1.55 1.16
CA CYS A 85 -9.41 -2.54 2.20
C CYS A 85 -8.46 -2.16 3.33
N MET A 86 -8.91 -2.33 4.56
CA MET A 86 -8.13 -1.93 5.72
C MET A 86 -6.95 -2.88 5.94
N PHE A 87 -5.83 -2.31 6.37
CA PHE A 87 -4.64 -3.07 6.72
C PHE A 87 -4.22 -2.69 8.14
N PRO A 88 -3.99 -3.68 9.02
CA PRO A 88 -4.06 -5.11 8.69
C PRO A 88 -5.49 -5.57 8.38
N PRO A 89 -5.62 -6.67 7.63
CA PRO A 89 -6.93 -7.22 7.24
C PRO A 89 -7.83 -7.49 8.46
N PRO A 90 -9.11 -7.08 8.36
CA PRO A 90 -10.08 -7.26 9.44
C PRO A 90 -10.61 -8.68 9.53
N LEU A 91 -11.60 -8.88 10.37
CA LEU A 91 -12.24 -10.18 10.52
C LEU A 91 -13.59 -10.18 9.79
ZN ZN B . 6.47 5.16 -4.11
ZN ZN C . -5.44 -3.74 -2.13
N MET A 1 -21.07 22.24 -12.31
CA MET A 1 -20.30 21.86 -11.10
C MET A 1 -21.16 22.05 -9.86
N GLY A 2 -21.27 21.01 -9.06
CA GLY A 2 -22.08 21.08 -7.86
C GLY A 2 -22.75 19.75 -7.58
N HIS A 3 -23.30 19.15 -8.62
CA HIS A 3 -23.94 17.86 -8.48
C HIS A 3 -22.94 16.75 -8.68
N HIS A 4 -22.52 16.15 -7.58
CA HIS A 4 -21.56 15.04 -7.61
C HIS A 4 -22.29 13.72 -7.38
N HIS A 5 -21.78 12.66 -7.99
CA HIS A 5 -22.39 11.34 -7.87
C HIS A 5 -22.11 10.75 -6.49
N HIS A 6 -20.89 10.94 -6.01
CA HIS A 6 -20.49 10.35 -4.73
C HIS A 6 -19.89 11.41 -3.83
N HIS A 7 -19.88 11.13 -2.53
CA HIS A 7 -19.30 12.02 -1.54
C HIS A 7 -19.11 11.27 -0.23
N HIS A 8 -17.88 11.24 0.25
CA HIS A 8 -17.56 10.62 1.53
C HIS A 8 -16.69 11.56 2.35
N SER A 9 -17.30 12.28 3.27
CA SER A 9 -16.58 13.22 4.10
C SER A 9 -16.17 12.57 5.42
N HIS A 10 -14.99 11.95 5.41
CA HIS A 10 -14.44 11.34 6.60
C HIS A 10 -12.98 11.74 6.72
N MET A 11 -12.66 12.46 7.80
CA MET A 11 -11.32 13.03 7.98
C MET A 11 -10.25 11.95 7.88
N VAL A 12 -10.36 10.93 8.70
CA VAL A 12 -9.44 9.80 8.64
C VAL A 12 -10.20 8.57 8.17
N ALA A 13 -9.71 7.94 7.11
CA ALA A 13 -10.36 6.76 6.54
C ALA A 13 -10.52 5.65 7.58
N ASN A 14 -9.40 5.01 7.91
CA ASN A 14 -9.39 3.91 8.87
C ASN A 14 -8.24 4.07 9.84
N PRO A 15 -8.28 3.35 10.99
CA PRO A 15 -7.19 3.36 11.96
C PRO A 15 -5.84 3.01 11.34
N PRO A 16 -4.76 3.66 11.82
CA PRO A 16 -3.41 3.40 11.33
C PRO A 16 -2.91 2.02 11.69
N ALA A 17 -1.96 1.52 10.92
CA ALA A 17 -1.40 0.19 11.14
C ALA A 17 -0.17 0.28 12.02
N SER A 18 0.05 -0.75 12.84
CA SER A 18 1.20 -0.80 13.71
C SER A 18 2.48 -0.96 12.89
N LYS A 19 3.54 -0.25 13.29
CA LYS A 19 4.83 -0.34 12.59
C LYS A 19 5.30 -1.78 12.51
N GLU A 20 4.98 -2.56 13.54
CA GLU A 20 5.41 -3.94 13.61
C GLU A 20 4.84 -4.76 12.45
N SER A 21 3.68 -4.34 11.94
CA SER A 21 3.09 -5.00 10.79
C SER A 21 3.65 -4.40 9.50
N ILE A 22 3.92 -3.09 9.53
CA ILE A 22 4.42 -2.38 8.37
C ILE A 22 5.83 -2.84 8.02
N ASP A 23 6.71 -2.88 9.02
CA ASP A 23 8.10 -3.26 8.81
C ASP A 23 8.22 -4.76 8.55
N ALA A 24 7.14 -5.48 8.81
CA ALA A 24 7.10 -6.93 8.57
C ALA A 24 6.68 -7.24 7.14
N LEU A 25 6.28 -6.21 6.40
CA LEU A 25 5.89 -6.36 5.01
C LEU A 25 7.08 -6.85 4.17
N PRO A 26 6.83 -7.80 3.25
CA PRO A 26 7.87 -8.40 2.42
C PRO A 26 8.57 -7.38 1.53
N GLU A 27 9.87 -7.22 1.72
CA GLU A 27 10.64 -6.27 0.94
C GLU A 27 11.16 -6.90 -0.34
N ILE A 28 10.53 -6.54 -1.44
CA ILE A 28 10.93 -7.02 -2.74
C ILE A 28 11.83 -5.99 -3.41
N LEU A 29 13.11 -6.32 -3.52
CA LEU A 29 14.07 -5.43 -4.14
C LEU A 29 13.78 -5.29 -5.63
N VAL A 30 13.46 -4.09 -6.06
CA VAL A 30 13.19 -3.85 -7.46
C VAL A 30 14.50 -3.66 -8.21
N THR A 31 14.68 -4.42 -9.27
CA THR A 31 15.88 -4.35 -10.07
C THR A 31 15.54 -3.89 -11.48
N GLU A 32 16.55 -3.58 -12.27
CA GLU A 32 16.34 -3.20 -13.67
C GLU A 32 16.24 -4.44 -14.54
N ASP A 33 16.21 -5.60 -13.87
CA ASP A 33 16.00 -6.87 -14.53
C ASP A 33 14.52 -7.23 -14.45
N HIS A 34 13.82 -6.52 -13.58
CA HIS A 34 12.43 -6.83 -13.25
C HIS A 34 11.58 -5.57 -13.30
N GLY A 35 10.63 -5.54 -14.23
CA GLY A 35 9.76 -4.39 -14.35
C GLY A 35 8.60 -4.42 -13.36
N ALA A 36 7.39 -4.60 -13.88
CA ALA A 36 6.20 -4.64 -13.05
C ALA A 36 6.27 -5.79 -12.04
N VAL A 37 5.83 -5.51 -10.82
CA VAL A 37 5.93 -6.49 -9.75
C VAL A 37 4.68 -7.37 -9.71
N GLY A 38 3.61 -6.90 -10.33
CA GLY A 38 2.37 -7.65 -10.35
C GLY A 38 1.26 -6.89 -11.05
N GLN A 39 0.04 -7.06 -10.55
CA GLN A 39 -1.13 -6.41 -11.14
C GLN A 39 -0.98 -4.90 -11.10
N GLU A 40 -0.62 -4.38 -9.94
CA GLU A 40 -0.33 -2.96 -9.79
C GLU A 40 1.07 -2.70 -10.32
N MET A 41 1.16 -1.95 -11.39
CA MET A 41 2.42 -1.77 -12.10
C MET A 41 3.08 -0.44 -11.77
N CYS A 42 2.49 0.30 -10.85
CA CYS A 42 3.02 1.61 -10.48
C CYS A 42 2.77 1.88 -9.00
N CYS A 43 3.36 2.96 -8.49
CA CYS A 43 3.19 3.35 -7.10
C CYS A 43 2.62 4.76 -7.02
N PRO A 44 1.28 4.90 -6.99
CA PRO A 44 0.59 6.19 -7.01
C PRO A 44 0.93 7.07 -5.80
N ILE A 45 1.55 6.47 -4.79
CA ILE A 45 1.92 7.18 -3.59
C ILE A 45 3.08 8.16 -3.89
N CYS A 46 3.82 7.89 -4.96
CA CYS A 46 4.91 8.77 -5.36
C CYS A 46 4.88 9.08 -6.86
N CYS A 47 4.10 8.29 -7.62
CA CYS A 47 4.01 8.44 -9.07
C CYS A 47 5.34 8.07 -9.74
N SER A 48 6.17 7.31 -9.04
CA SER A 48 7.41 6.80 -9.60
C SER A 48 7.27 5.33 -9.95
N GLU A 49 7.86 4.93 -11.06
CA GLU A 49 7.77 3.55 -11.53
C GLU A 49 8.71 2.63 -10.75
N TYR A 50 8.66 1.35 -11.06
CA TYR A 50 9.50 0.38 -10.38
C TYR A 50 10.83 0.21 -11.09
N VAL A 51 11.88 0.75 -10.47
CA VAL A 51 13.24 0.62 -10.99
C VAL A 51 14.20 0.19 -9.89
N LYS A 52 15.42 -0.13 -10.28
CA LYS A 52 16.43 -0.58 -9.32
C LYS A 52 16.74 0.52 -8.30
N GLY A 53 16.51 0.21 -7.03
CA GLY A 53 16.81 1.16 -5.99
C GLY A 53 15.70 1.25 -4.97
N ASP A 54 14.46 1.23 -5.45
CA ASP A 54 13.31 1.34 -4.57
C ASP A 54 12.91 -0.05 -4.08
N VAL A 55 12.15 -0.10 -3.00
CA VAL A 55 11.76 -1.36 -2.40
C VAL A 55 10.25 -1.56 -2.51
N ALA A 56 9.84 -2.66 -3.12
CA ALA A 56 8.43 -2.97 -3.29
C ALA A 56 7.96 -3.90 -2.17
N THR A 57 6.66 -3.99 -2.00
CA THR A 57 6.08 -4.87 -1.01
C THR A 57 4.77 -5.45 -1.54
N GLU A 58 4.39 -6.61 -1.01
CA GLU A 58 3.16 -7.25 -1.41
C GLU A 58 2.12 -7.14 -0.30
N LEU A 59 1.03 -6.46 -0.59
CA LEU A 59 -0.08 -6.38 0.35
C LEU A 59 -1.01 -7.56 0.13
N PRO A 60 -1.57 -8.12 1.22
CA PRO A 60 -2.44 -9.31 1.17
C PRO A 60 -3.64 -9.12 0.25
N CYS A 61 -3.96 -7.87 -0.06
CA CYS A 61 -5.08 -7.56 -0.93
C CYS A 61 -4.64 -7.54 -2.40
N HIS A 62 -3.56 -8.26 -2.69
CA HIS A 62 -3.11 -8.51 -4.07
C HIS A 62 -2.64 -7.22 -4.75
N HIS A 63 -2.06 -6.32 -3.98
CA HIS A 63 -1.58 -5.06 -4.52
C HIS A 63 -0.13 -4.83 -4.14
N TYR A 64 0.63 -4.27 -5.08
CA TYR A 64 2.05 -4.02 -4.88
C TYR A 64 2.33 -2.53 -4.85
N PHE A 65 3.09 -2.11 -3.86
CA PHE A 65 3.49 -0.72 -3.73
C PHE A 65 4.93 -0.68 -3.21
N HIS A 66 5.49 0.52 -3.12
CA HIS A 66 6.79 0.66 -2.50
C HIS A 66 6.63 0.73 -0.99
N LYS A 67 7.42 -0.06 -0.28
CA LYS A 67 7.31 -0.14 1.17
C LYS A 67 7.55 1.22 1.85
N PRO A 68 8.64 1.95 1.51
CA PRO A 68 8.89 3.28 2.10
C PRO A 68 7.77 4.28 1.81
N CYS A 69 6.99 4.00 0.78
CA CYS A 69 5.86 4.86 0.42
C CYS A 69 4.64 4.51 1.26
N VAL A 70 4.36 3.22 1.39
CA VAL A 70 3.14 2.77 2.05
C VAL A 70 3.28 2.85 3.57
N SER A 71 4.51 2.77 4.06
CA SER A 71 4.76 2.83 5.51
C SER A 71 4.24 4.14 6.10
N ILE A 72 4.57 5.24 5.46
CA ILE A 72 4.11 6.56 5.90
C ILE A 72 2.59 6.63 5.83
N TRP A 73 2.03 6.11 4.73
CA TRP A 73 0.60 6.13 4.51
C TRP A 73 -0.15 5.33 5.59
N LEU A 74 0.38 4.15 5.91
CA LEU A 74 -0.25 3.27 6.89
C LEU A 74 -0.25 3.87 8.28
N GLN A 75 0.70 4.78 8.53
CA GLN A 75 0.76 5.48 9.81
C GLN A 75 -0.32 6.55 9.88
N LYS A 76 -0.77 7.01 8.72
CA LYS A 76 -1.85 7.98 8.64
C LYS A 76 -3.18 7.24 8.69
N SER A 77 -3.30 6.21 7.87
CA SER A 77 -4.50 5.38 7.81
C SER A 77 -4.16 4.03 7.22
N GLY A 78 -4.47 2.97 7.96
CA GLY A 78 -4.19 1.63 7.48
C GLY A 78 -5.21 1.16 6.47
N THR A 79 -5.12 1.69 5.25
CA THR A 79 -6.04 1.31 4.19
C THR A 79 -5.34 1.40 2.84
N CYS A 80 -5.59 0.43 1.97
CA CYS A 80 -5.02 0.42 0.64
C CYS A 80 -5.74 1.43 -0.25
N PRO A 81 -5.05 2.51 -0.67
CA PRO A 81 -5.68 3.64 -1.39
C PRO A 81 -6.51 3.20 -2.60
N VAL A 82 -6.02 2.21 -3.32
CA VAL A 82 -6.64 1.78 -4.57
C VAL A 82 -7.97 1.03 -4.38
N CYS A 83 -8.08 0.30 -3.28
CA CYS A 83 -9.27 -0.56 -3.09
C CYS A 83 -9.99 -0.25 -1.78
N ARG A 84 -9.30 0.46 -0.89
CA ARG A 84 -9.86 0.89 0.40
C ARG A 84 -10.06 -0.32 1.33
N CYS A 85 -9.27 -1.35 1.10
CA CYS A 85 -9.23 -2.48 2.01
C CYS A 85 -8.40 -2.11 3.23
N MET A 86 -8.94 -2.37 4.41
CA MET A 86 -8.28 -2.00 5.65
C MET A 86 -7.07 -2.91 5.90
N PHE A 87 -6.02 -2.31 6.44
CA PHE A 87 -4.82 -3.05 6.79
C PHE A 87 -4.44 -2.78 8.24
N PRO A 88 -4.27 -3.84 9.06
CA PRO A 88 -4.39 -5.24 8.62
C PRO A 88 -5.81 -5.59 8.19
N PRO A 89 -5.94 -6.62 7.33
CA PRO A 89 -7.24 -7.05 6.77
C PRO A 89 -8.31 -7.23 7.84
N PRO A 90 -9.56 -6.86 7.51
CA PRO A 90 -10.69 -6.95 8.44
C PRO A 90 -10.96 -8.38 8.89
N LEU A 91 -11.34 -8.54 10.14
CA LEU A 91 -11.56 -9.85 10.72
C LEU A 91 -13.05 -10.13 10.83
ZN ZN B . 6.80 4.63 -4.43
ZN ZN C . -5.53 -3.17 -2.33
N MET A 1 -23.87 -9.91 -10.24
CA MET A 1 -25.23 -9.76 -9.65
C MET A 1 -25.25 -8.65 -8.60
N GLY A 2 -25.42 -7.42 -9.06
CA GLY A 2 -25.59 -6.27 -8.17
C GLY A 2 -24.48 -6.13 -7.13
N HIS A 3 -24.81 -6.49 -5.91
CA HIS A 3 -23.90 -6.30 -4.78
C HIS A 3 -22.85 -7.39 -4.72
N HIS A 4 -21.59 -6.98 -4.75
CA HIS A 4 -20.49 -7.90 -4.49
C HIS A 4 -20.37 -8.09 -3.00
N HIS A 5 -20.74 -7.06 -2.25
CA HIS A 5 -20.91 -7.19 -0.82
C HIS A 5 -22.33 -7.71 -0.58
N HIS A 6 -22.47 -9.02 -0.68
CA HIS A 6 -23.77 -9.66 -0.56
C HIS A 6 -24.24 -9.61 0.88
N HIS A 7 -23.28 -9.58 1.79
CA HIS A 7 -23.56 -9.36 3.20
C HIS A 7 -23.63 -7.86 3.47
N HIS A 8 -23.91 -7.47 4.70
CA HIS A 8 -23.93 -6.06 5.04
C HIS A 8 -22.61 -5.68 5.70
N SER A 9 -21.70 -5.16 4.89
CA SER A 9 -20.39 -4.77 5.35
C SER A 9 -20.46 -3.53 6.24
N HIS A 10 -19.66 -3.51 7.29
CA HIS A 10 -19.60 -2.34 8.16
C HIS A 10 -18.23 -1.68 8.07
N MET A 11 -18.08 -0.83 7.08
CA MET A 11 -16.82 -0.11 6.87
C MET A 11 -17.03 1.37 7.13
N VAL A 12 -16.51 1.83 8.26
CA VAL A 12 -16.73 3.20 8.69
C VAL A 12 -15.43 3.98 8.72
N ALA A 13 -14.60 3.70 9.72
CA ALA A 13 -13.34 4.39 9.89
C ALA A 13 -12.25 3.41 10.29
N ASN A 14 -11.20 3.37 9.50
CA ASN A 14 -10.11 2.42 9.72
C ASN A 14 -8.97 3.09 10.47
N PRO A 15 -8.41 2.39 11.47
CA PRO A 15 -7.29 2.91 12.25
C PRO A 15 -5.94 2.66 11.58
N PRO A 16 -4.97 3.55 11.84
CA PRO A 16 -3.61 3.42 11.29
C PRO A 16 -2.95 2.10 11.69
N ALA A 17 -2.18 1.53 10.77
CA ALA A 17 -1.55 0.25 10.97
C ALA A 17 -0.40 0.34 11.96
N SER A 18 -0.14 -0.75 12.67
CA SER A 18 0.94 -0.81 13.63
C SER A 18 2.29 -0.78 12.91
N LYS A 19 3.19 0.07 13.39
CA LYS A 19 4.45 0.34 12.70
C LYS A 19 5.32 -0.92 12.59
N GLU A 20 5.30 -1.76 13.61
CA GLU A 20 6.09 -2.99 13.60
C GLU A 20 5.52 -3.97 12.59
N SER A 21 4.20 -4.01 12.49
CA SER A 21 3.52 -4.89 11.55
C SER A 21 3.83 -4.49 10.11
N ILE A 22 4.10 -3.20 9.91
CA ILE A 22 4.44 -2.68 8.59
C ILE A 22 5.82 -3.16 8.17
N ASP A 23 6.76 -3.18 9.10
CA ASP A 23 8.12 -3.61 8.80
C ASP A 23 8.14 -5.12 8.56
N ALA A 24 7.20 -5.83 9.16
CA ALA A 24 7.09 -7.28 9.04
C ALA A 24 6.73 -7.69 7.62
N LEU A 25 6.24 -6.74 6.82
CA LEU A 25 5.88 -7.00 5.44
C LEU A 25 7.11 -7.42 4.62
N PRO A 26 6.94 -8.36 3.70
CA PRO A 26 8.04 -8.89 2.88
C PRO A 26 8.66 -7.83 1.99
N GLU A 27 9.98 -7.71 2.03
CA GLU A 27 10.69 -6.74 1.22
C GLU A 27 11.11 -7.36 -0.10
N ILE A 28 10.59 -6.82 -1.19
CA ILE A 28 10.92 -7.31 -2.52
C ILE A 28 11.66 -6.23 -3.29
N LEU A 29 12.79 -6.60 -3.89
CA LEU A 29 13.58 -5.65 -4.64
C LEU A 29 12.95 -5.39 -6.01
N VAL A 30 12.72 -4.14 -6.31
CA VAL A 30 12.16 -3.75 -7.60
C VAL A 30 13.26 -3.70 -8.64
N THR A 31 13.01 -4.27 -9.80
CA THR A 31 13.97 -4.26 -10.89
C THR A 31 13.32 -3.71 -12.16
N GLU A 32 13.96 -2.71 -12.76
CA GLU A 32 13.40 -2.01 -13.92
C GLU A 32 13.65 -2.81 -15.20
N ASP A 33 14.48 -3.83 -15.11
CA ASP A 33 14.70 -4.73 -16.23
C ASP A 33 13.61 -5.79 -16.26
N HIS A 34 12.73 -5.70 -15.27
CA HIS A 34 11.53 -6.52 -15.21
C HIS A 34 10.33 -5.61 -15.36
N GLY A 35 9.54 -5.82 -16.42
CA GLY A 35 8.46 -4.91 -16.79
C GLY A 35 7.63 -4.38 -15.63
N ALA A 36 7.16 -5.28 -14.78
CA ALA A 36 6.35 -4.87 -13.65
C ALA A 36 6.35 -5.95 -12.57
N VAL A 37 6.53 -5.54 -11.32
CA VAL A 37 6.59 -6.50 -10.22
C VAL A 37 5.19 -6.84 -9.72
N GLY A 38 4.47 -7.63 -10.51
CA GLY A 38 3.15 -8.12 -10.11
C GLY A 38 2.14 -7.01 -9.90
N GLN A 39 2.41 -5.83 -10.43
CA GLN A 39 1.55 -4.69 -10.26
C GLN A 39 1.83 -3.68 -11.36
N GLU A 40 1.02 -2.64 -11.46
CA GLU A 40 1.26 -1.57 -12.41
C GLU A 40 2.64 -0.95 -12.17
N MET A 41 3.30 -0.56 -13.25
CA MET A 41 4.65 0.00 -13.17
C MET A 41 4.67 1.44 -12.64
N CYS A 42 3.62 1.83 -11.94
CA CYS A 42 3.53 3.18 -11.42
C CYS A 42 3.07 3.16 -9.96
N CYS A 43 3.83 3.82 -9.10
CA CYS A 43 3.49 3.92 -7.69
C CYS A 43 2.75 5.23 -7.43
N PRO A 44 1.42 5.17 -7.19
CA PRO A 44 0.58 6.36 -7.04
C PRO A 44 1.06 7.30 -5.94
N ILE A 45 1.63 6.74 -4.88
CA ILE A 45 2.12 7.51 -3.74
C ILE A 45 3.36 8.32 -4.14
N CYS A 46 4.03 7.89 -5.20
CA CYS A 46 5.26 8.55 -5.65
C CYS A 46 5.04 9.35 -6.93
N CYS A 47 4.11 8.88 -7.75
CA CYS A 47 3.89 9.41 -9.10
C CYS A 47 5.06 9.02 -10.00
N SER A 48 5.81 8.03 -9.55
CA SER A 48 7.00 7.56 -10.26
C SER A 48 6.90 6.08 -10.55
N GLU A 49 7.70 5.61 -11.50
CA GLU A 49 7.65 4.23 -11.95
C GLU A 49 8.51 3.32 -11.06
N TYR A 50 8.55 2.04 -11.42
CA TYR A 50 9.32 1.06 -10.67
C TYR A 50 10.70 0.87 -11.27
N VAL A 51 11.71 1.35 -10.54
CA VAL A 51 13.09 1.27 -11.01
C VAL A 51 13.87 0.23 -10.21
N LYS A 52 15.04 -0.16 -10.72
CA LYS A 52 15.84 -1.19 -10.09
C LYS A 52 16.60 -0.62 -8.90
N GLY A 53 16.30 -1.14 -7.72
CA GLY A 53 16.92 -0.65 -6.51
C GLY A 53 15.89 -0.15 -5.51
N ASP A 54 14.64 -0.11 -5.96
CA ASP A 54 13.54 0.33 -5.11
C ASP A 54 13.05 -0.84 -4.27
N VAL A 55 12.37 -0.56 -3.16
CA VAL A 55 11.90 -1.61 -2.26
C VAL A 55 10.39 -1.69 -2.27
N ALA A 56 9.86 -2.82 -2.73
CA ALA A 56 8.42 -3.02 -2.78
C ALA A 56 7.99 -4.06 -1.74
N THR A 57 6.70 -4.14 -1.53
CA THR A 57 6.14 -5.13 -0.62
C THR A 57 4.75 -5.53 -1.09
N GLU A 58 4.31 -6.70 -0.66
CA GLU A 58 2.99 -7.19 -1.06
C GLU A 58 2.03 -7.14 0.12
N LEU A 59 0.98 -6.36 -0.03
CA LEU A 59 -0.07 -6.30 0.98
C LEU A 59 -0.92 -7.58 0.90
N PRO A 60 -1.49 -8.02 2.03
CA PRO A 60 -2.28 -9.25 2.10
C PRO A 60 -3.49 -9.24 1.16
N CYS A 61 -3.83 -8.07 0.65
CA CYS A 61 -4.93 -7.93 -0.29
C CYS A 61 -4.43 -8.04 -1.72
N HIS A 62 -3.20 -8.54 -1.88
CA HIS A 62 -2.56 -8.68 -3.18
C HIS A 62 -2.41 -7.32 -3.86
N HIS A 63 -1.47 -6.54 -3.39
CA HIS A 63 -1.17 -5.24 -3.97
C HIS A 63 0.25 -4.84 -3.60
N TYR A 64 1.03 -4.48 -4.61
CA TYR A 64 2.42 -4.13 -4.41
C TYR A 64 2.59 -2.63 -4.34
N PHE A 65 3.33 -2.19 -3.34
CA PHE A 65 3.69 -0.79 -3.18
C PHE A 65 5.11 -0.74 -2.66
N HIS A 66 5.68 0.45 -2.54
CA HIS A 66 7.02 0.56 -1.97
C HIS A 66 6.90 0.65 -0.47
N LYS A 67 7.64 -0.21 0.24
CA LYS A 67 7.60 -0.24 1.69
C LYS A 67 7.84 1.14 2.33
N PRO A 68 8.89 1.89 1.89
CA PRO A 68 9.15 3.24 2.42
C PRO A 68 7.94 4.19 2.32
N CYS A 69 7.27 4.20 1.18
CA CYS A 69 6.16 5.14 0.98
C CYS A 69 4.84 4.62 1.56
N VAL A 70 4.64 3.31 1.50
CA VAL A 70 3.38 2.72 1.98
C VAL A 70 3.31 2.76 3.50
N SER A 71 4.47 2.72 4.17
CA SER A 71 4.52 2.79 5.62
C SER A 71 3.99 4.12 6.12
N ILE A 72 4.10 5.15 5.29
CA ILE A 72 3.57 6.46 5.61
C ILE A 72 2.04 6.42 5.56
N TRP A 73 1.51 5.97 4.43
CA TRP A 73 0.07 5.95 4.20
C TRP A 73 -0.64 5.03 5.20
N LEU A 74 0.03 3.95 5.59
CA LEU A 74 -0.54 3.00 6.54
C LEU A 74 -0.71 3.63 7.92
N GLN A 75 0.08 4.66 8.21
CA GLN A 75 -0.03 5.37 9.47
C GLN A 75 -1.03 6.52 9.36
N LYS A 76 -1.43 6.81 8.12
CA LYS A 76 -2.37 7.88 7.86
C LYS A 76 -3.80 7.34 7.76
N SER A 77 -3.99 6.40 6.84
CA SER A 77 -5.31 5.84 6.59
C SER A 77 -5.40 4.39 7.06
N GLY A 78 -4.28 3.66 6.95
CA GLY A 78 -4.27 2.27 7.34
C GLY A 78 -5.10 1.41 6.39
N THR A 79 -5.39 1.95 5.22
CA THR A 79 -6.19 1.26 4.24
C THR A 79 -5.48 1.24 2.89
N CYS A 80 -5.77 0.23 2.07
CA CYS A 80 -5.19 0.15 0.73
C CYS A 80 -5.88 1.18 -0.16
N PRO A 81 -5.16 2.23 -0.56
CA PRO A 81 -5.75 3.39 -1.26
C PRO A 81 -6.48 3.00 -2.54
N VAL A 82 -6.08 1.89 -3.14
CA VAL A 82 -6.67 1.45 -4.39
C VAL A 82 -7.98 0.70 -4.18
N CYS A 83 -7.99 -0.31 -3.29
CA CYS A 83 -9.15 -1.18 -3.17
C CYS A 83 -9.91 -0.97 -1.86
N ARG A 84 -9.39 -0.08 -1.01
CA ARG A 84 -10.05 0.30 0.25
C ARG A 84 -10.10 -0.87 1.24
N CYS A 85 -9.23 -1.84 1.07
CA CYS A 85 -9.09 -2.91 2.05
C CYS A 85 -8.15 -2.47 3.15
N MET A 86 -8.60 -2.58 4.40
CA MET A 86 -7.84 -2.12 5.55
C MET A 86 -6.65 -3.03 5.83
N PHE A 87 -5.61 -2.48 6.45
CA PHE A 87 -4.47 -3.25 6.90
C PHE A 87 -4.24 -3.01 8.38
N PRO A 88 -4.34 -4.06 9.21
CA PRO A 88 -4.66 -5.42 8.77
C PRO A 88 -6.12 -5.56 8.34
N PRO A 89 -6.41 -6.57 7.50
CA PRO A 89 -7.77 -6.81 6.97
C PRO A 89 -8.82 -6.92 8.09
N PRO A 90 -10.00 -6.34 7.87
CA PRO A 90 -11.08 -6.36 8.85
C PRO A 90 -11.62 -7.77 9.10
N LEU A 91 -11.94 -8.04 10.35
CA LEU A 91 -12.41 -9.35 10.75
C LEU A 91 -13.93 -9.41 10.70
ZN ZN B . 6.59 4.53 -3.87
ZN ZN C . -5.48 -3.73 -2.16
N MET A 1 4.21 20.72 -4.53
CA MET A 1 3.25 20.56 -5.65
C MET A 1 2.08 19.70 -5.19
N GLY A 2 0.86 20.19 -5.40
CA GLY A 2 -0.31 19.45 -4.99
C GLY A 2 -0.89 18.63 -6.13
N HIS A 3 -0.72 17.31 -6.06
CA HIS A 3 -1.25 16.42 -7.07
C HIS A 3 -2.67 16.00 -6.73
N HIS A 4 -3.62 16.53 -7.50
CA HIS A 4 -5.03 16.29 -7.27
C HIS A 4 -5.77 16.33 -8.60
N HIS A 5 -6.05 15.17 -9.16
CA HIS A 5 -6.67 15.07 -10.47
C HIS A 5 -8.15 14.73 -10.34
N HIS A 6 -8.45 13.77 -9.49
CA HIS A 6 -9.82 13.36 -9.26
C HIS A 6 -10.20 13.65 -7.80
N HIS A 7 -11.48 13.75 -7.54
CA HIS A 7 -11.94 14.04 -6.18
C HIS A 7 -13.02 13.05 -5.75
N HIS A 8 -12.67 11.77 -5.75
CA HIS A 8 -13.57 10.75 -5.24
C HIS A 8 -13.39 10.63 -3.73
N SER A 9 -14.25 11.30 -2.99
CA SER A 9 -14.15 11.36 -1.54
C SER A 9 -14.60 10.05 -0.90
N HIS A 10 -13.73 9.48 -0.09
CA HIS A 10 -14.06 8.29 0.69
C HIS A 10 -13.64 8.54 2.13
N MET A 11 -14.58 9.05 2.93
CA MET A 11 -14.28 9.51 4.29
C MET A 11 -13.82 8.37 5.19
N VAL A 12 -14.21 7.14 4.86
CA VAL A 12 -13.79 5.99 5.63
C VAL A 12 -12.33 5.66 5.31
N ALA A 13 -11.42 6.21 6.10
CA ALA A 13 -10.00 6.04 5.88
C ALA A 13 -9.40 5.05 6.86
N ASN A 14 -10.14 4.81 7.96
CA ASN A 14 -9.73 3.87 9.00
C ASN A 14 -8.51 4.37 9.76
N PRO A 15 -8.36 3.96 11.04
CA PRO A 15 -7.22 4.34 11.86
C PRO A 15 -5.90 3.84 11.26
N PRO A 16 -4.80 4.56 11.51
CA PRO A 16 -3.48 4.20 11.00
C PRO A 16 -2.98 2.88 11.57
N ALA A 17 -2.24 2.14 10.76
CA ALA A 17 -1.79 0.81 11.14
C ALA A 17 -0.59 0.87 12.07
N SER A 18 -0.26 -0.28 12.66
CA SER A 18 0.87 -0.39 13.57
C SER A 18 2.19 -0.47 12.80
N LYS A 19 3.26 0.02 13.41
CA LYS A 19 4.57 0.01 12.79
C LYS A 19 5.02 -1.43 12.54
N GLU A 20 4.71 -2.31 13.48
CA GLU A 20 5.13 -3.70 13.40
C GLU A 20 4.44 -4.43 12.26
N SER A 21 3.19 -4.05 12.00
CA SER A 21 2.41 -4.66 10.93
C SER A 21 3.07 -4.41 9.58
N ILE A 22 3.50 -3.16 9.38
CA ILE A 22 4.15 -2.76 8.14
C ILE A 22 5.58 -3.28 8.10
N ASP A 23 6.23 -3.26 9.25
CA ASP A 23 7.62 -3.69 9.37
C ASP A 23 7.75 -5.18 9.06
N ALA A 24 6.69 -5.93 9.35
CA ALA A 24 6.68 -7.37 9.12
C ALA A 24 6.56 -7.70 7.64
N LEU A 25 6.06 -6.74 6.87
CA LEU A 25 5.88 -6.94 5.43
C LEU A 25 7.21 -7.16 4.73
N PRO A 26 7.29 -8.18 3.86
CA PRO A 26 8.54 -8.57 3.19
C PRO A 26 9.06 -7.48 2.25
N GLU A 27 10.36 -7.26 2.28
CA GLU A 27 11.00 -6.29 1.41
C GLU A 27 11.45 -6.95 0.11
N ILE A 28 10.85 -6.51 -0.98
CA ILE A 28 11.16 -7.02 -2.30
C ILE A 28 11.92 -5.99 -3.10
N LEU A 29 13.04 -6.38 -3.68
CA LEU A 29 13.83 -5.47 -4.47
C LEU A 29 13.24 -5.32 -5.87
N VAL A 30 12.92 -4.10 -6.24
CA VAL A 30 12.35 -3.83 -7.55
C VAL A 30 13.44 -3.81 -8.60
N THR A 31 13.30 -4.65 -9.61
CA THR A 31 14.25 -4.70 -10.71
C THR A 31 13.55 -4.36 -12.02
N GLU A 32 14.24 -3.62 -12.88
CA GLU A 32 13.69 -3.24 -14.16
C GLU A 32 13.83 -4.39 -15.15
N ASP A 33 13.31 -4.18 -16.37
CA ASP A 33 13.13 -5.26 -17.35
C ASP A 33 11.99 -6.18 -16.92
N HIS A 34 11.29 -5.74 -15.88
CA HIS A 34 10.14 -6.46 -15.36
C HIS A 34 8.95 -5.52 -15.27
N GLY A 35 7.98 -5.72 -16.14
CA GLY A 35 6.79 -4.89 -16.12
C GLY A 35 5.92 -5.17 -14.92
N ALA A 36 6.10 -4.37 -13.87
CA ALA A 36 5.36 -4.49 -12.62
C ALA A 36 5.79 -5.71 -11.83
N VAL A 37 5.92 -5.55 -10.51
CA VAL A 37 6.31 -6.65 -9.63
C VAL A 37 5.26 -7.74 -9.65
N GLY A 38 4.00 -7.34 -9.70
CA GLY A 38 2.91 -8.29 -9.76
C GLY A 38 1.56 -7.63 -9.65
N GLN A 39 1.47 -6.41 -10.16
CA GLN A 39 0.24 -5.63 -10.07
C GLN A 39 0.34 -4.36 -10.89
N GLU A 40 0.98 -3.35 -10.33
CA GLU A 40 1.11 -2.07 -10.97
C GLU A 40 2.58 -1.74 -11.22
N MET A 41 2.82 -0.95 -12.25
CA MET A 41 4.17 -0.51 -12.58
C MET A 41 4.36 0.93 -12.15
N CYS A 42 3.35 1.50 -11.51
CA CYS A 42 3.45 2.83 -10.95
C CYS A 42 3.12 2.81 -9.46
N CYS A 43 3.69 3.74 -8.72
CA CYS A 43 3.41 3.87 -7.30
C CYS A 43 2.74 5.20 -7.02
N PRO A 44 1.41 5.19 -6.83
CA PRO A 44 0.60 6.41 -6.70
C PRO A 44 1.08 7.30 -5.56
N ILE A 45 1.66 6.69 -4.54
CA ILE A 45 2.09 7.39 -3.34
C ILE A 45 3.23 8.37 -3.63
N CYS A 46 4.09 8.03 -4.59
CA CYS A 46 5.22 8.89 -4.92
C CYS A 46 5.10 9.46 -6.33
N CYS A 47 4.04 9.04 -7.03
CA CYS A 47 3.75 9.50 -8.40
C CYS A 47 4.81 9.01 -9.39
N SER A 48 5.74 8.19 -8.91
CA SER A 48 6.78 7.63 -9.76
C SER A 48 6.51 6.16 -10.02
N GLU A 49 7.18 5.61 -11.03
CA GLU A 49 6.97 4.23 -11.43
C GLU A 49 7.94 3.30 -10.70
N TYR A 50 7.99 2.05 -11.14
CA TYR A 50 8.88 1.07 -10.54
C TYR A 50 10.19 0.98 -11.30
N VAL A 51 11.25 1.47 -10.68
CA VAL A 51 12.59 1.38 -11.24
C VAL A 51 13.45 0.49 -10.34
N LYS A 52 14.61 0.09 -10.84
CA LYS A 52 15.47 -0.81 -10.11
C LYS A 52 16.14 -0.10 -8.94
N GLY A 53 16.21 -0.76 -7.81
CA GLY A 53 16.86 -0.20 -6.65
C GLY A 53 15.86 0.27 -5.61
N ASP A 54 14.59 0.28 -5.97
CA ASP A 54 13.53 0.67 -5.05
C ASP A 54 13.08 -0.54 -4.25
N VAL A 55 12.42 -0.30 -3.13
CA VAL A 55 11.98 -1.37 -2.25
C VAL A 55 10.46 -1.51 -2.30
N ALA A 56 10.00 -2.69 -2.65
CA ALA A 56 8.57 -2.96 -2.71
C ALA A 56 8.18 -3.95 -1.63
N THR A 57 6.89 -4.14 -1.44
CA THR A 57 6.38 -5.10 -0.50
C THR A 57 5.06 -5.66 -0.99
N GLU A 58 4.59 -6.72 -0.35
CA GLU A 58 3.36 -7.37 -0.75
C GLU A 58 2.27 -7.19 0.30
N LEU A 59 1.20 -6.53 -0.07
CA LEU A 59 0.03 -6.44 0.79
C LEU A 59 -0.84 -7.67 0.59
N PRO A 60 -1.37 -8.24 1.68
CA PRO A 60 -2.17 -9.47 1.65
C PRO A 60 -3.35 -9.40 0.70
N CYS A 61 -3.76 -8.19 0.33
CA CYS A 61 -4.88 -8.01 -0.58
C CYS A 61 -4.41 -8.07 -2.03
N HIS A 62 -3.26 -8.71 -2.25
CA HIS A 62 -2.72 -8.94 -3.59
C HIS A 62 -2.34 -7.64 -4.29
N HIS A 63 -1.83 -6.70 -3.52
CA HIS A 63 -1.39 -5.43 -4.06
C HIS A 63 0.06 -5.16 -3.67
N TYR A 64 0.91 -4.96 -4.66
CA TYR A 64 2.32 -4.69 -4.41
C TYR A 64 2.58 -3.19 -4.50
N PHE A 65 3.30 -2.66 -3.53
CA PHE A 65 3.64 -1.25 -3.49
C PHE A 65 5.04 -1.06 -2.92
N HIS A 66 5.64 0.11 -3.18
CA HIS A 66 6.91 0.45 -2.56
C HIS A 66 6.75 0.51 -1.05
N LYS A 67 7.51 -0.30 -0.33
CA LYS A 67 7.39 -0.38 1.13
C LYS A 67 7.64 0.98 1.79
N PRO A 68 8.73 1.70 1.46
CA PRO A 68 8.99 3.04 1.99
C PRO A 68 7.82 4.00 1.76
N CYS A 69 7.05 3.75 0.72
CA CYS A 69 5.90 4.60 0.40
C CYS A 69 4.68 4.17 1.22
N VAL A 70 4.36 2.89 1.17
CA VAL A 70 3.14 2.39 1.80
C VAL A 70 3.24 2.43 3.32
N SER A 71 4.45 2.35 3.85
CA SER A 71 4.65 2.43 5.29
C SER A 71 4.25 3.81 5.81
N ILE A 72 4.70 4.85 5.12
CA ILE A 72 4.35 6.21 5.48
C ILE A 72 2.85 6.43 5.34
N TRP A 73 2.28 5.84 4.30
CA TRP A 73 0.85 5.92 4.04
C TRP A 73 0.04 5.26 5.15
N LEU A 74 0.38 4.01 5.46
CA LEU A 74 -0.38 3.23 6.44
C LEU A 74 -0.26 3.83 7.84
N GLN A 75 0.83 4.56 8.09
CA GLN A 75 1.00 5.24 9.37
C GLN A 75 0.14 6.50 9.45
N LYS A 76 -0.59 6.78 8.38
CA LYS A 76 -1.54 7.88 8.37
C LYS A 76 -2.97 7.33 8.27
N SER A 77 -3.20 6.48 7.28
CA SER A 77 -4.50 5.86 7.08
C SER A 77 -4.35 4.36 6.87
N GLY A 78 -5.05 3.57 7.66
CA GLY A 78 -4.90 2.12 7.60
C GLY A 78 -5.80 1.48 6.56
N THR A 79 -5.66 1.91 5.32
CA THR A 79 -6.46 1.37 4.23
C THR A 79 -5.64 1.33 2.94
N CYS A 80 -5.92 0.37 2.08
CA CYS A 80 -5.26 0.26 0.79
C CYS A 80 -5.79 1.34 -0.14
N PRO A 81 -4.92 2.26 -0.59
CA PRO A 81 -5.34 3.45 -1.35
C PRO A 81 -6.13 3.14 -2.62
N VAL A 82 -5.94 1.94 -3.14
CA VAL A 82 -6.60 1.54 -4.39
C VAL A 82 -7.93 0.81 -4.12
N CYS A 83 -7.88 -0.31 -3.41
CA CYS A 83 -9.06 -1.16 -3.24
C CYS A 83 -9.85 -0.77 -2.00
N ARG A 84 -9.35 0.23 -1.27
CA ARG A 84 -10.00 0.74 -0.03
C ARG A 84 -10.41 -0.40 0.91
N CYS A 85 -9.54 -1.40 1.00
CA CYS A 85 -9.69 -2.46 1.99
C CYS A 85 -8.81 -2.12 3.20
N MET A 86 -9.23 -2.53 4.38
CA MET A 86 -8.55 -2.15 5.61
C MET A 86 -7.23 -2.90 5.79
N PHE A 87 -6.26 -2.22 6.38
CA PHE A 87 -5.01 -2.83 6.77
C PHE A 87 -4.71 -2.49 8.23
N PRO A 88 -4.36 -3.50 9.07
CA PRO A 88 -4.20 -4.90 8.65
C PRO A 88 -5.49 -5.53 8.12
N PRO A 89 -5.36 -6.62 7.35
CA PRO A 89 -6.50 -7.28 6.69
C PRO A 89 -7.61 -7.66 7.68
N PRO A 90 -8.88 -7.45 7.28
CA PRO A 90 -10.03 -7.79 8.12
C PRO A 90 -10.14 -9.30 8.36
N LEU A 91 -10.73 -9.66 9.49
CA LEU A 91 -10.89 -11.06 9.86
C LEU A 91 -12.26 -11.56 9.40
ZN ZN B . 6.82 4.64 -4.46
ZN ZN C . -5.38 -3.65 -2.04
N MET A 1 -33.86 -1.58 -11.02
CA MET A 1 -34.67 -1.70 -9.78
C MET A 1 -33.82 -2.22 -8.64
N GLY A 2 -32.51 -2.29 -8.84
CA GLY A 2 -31.64 -2.89 -7.86
C GLY A 2 -31.20 -1.93 -6.78
N HIS A 3 -32.14 -1.46 -5.98
CA HIS A 3 -31.81 -0.60 -4.85
C HIS A 3 -31.83 -1.41 -3.55
N HIS A 4 -30.68 -1.46 -2.88
CA HIS A 4 -30.54 -2.21 -1.64
C HIS A 4 -29.62 -1.45 -0.70
N HIS A 5 -29.89 -1.57 0.60
CA HIS A 5 -29.10 -0.86 1.60
C HIS A 5 -28.56 -1.80 2.66
N HIS A 6 -27.56 -2.59 2.28
CA HIS A 6 -26.85 -3.45 3.22
C HIS A 6 -25.35 -3.31 2.96
N HIS A 7 -25.01 -2.34 2.13
CA HIS A 7 -23.63 -2.07 1.75
C HIS A 7 -23.30 -0.60 1.98
N HIS A 8 -22.23 -0.34 2.71
CA HIS A 8 -21.76 1.02 2.90
C HIS A 8 -20.27 1.00 3.18
N SER A 9 -19.61 2.13 2.96
CA SER A 9 -18.17 2.24 3.19
C SER A 9 -17.82 2.00 4.67
N HIS A 10 -17.47 0.75 4.98
CA HIS A 10 -16.98 0.41 6.32
C HIS A 10 -15.66 1.13 6.58
N MET A 11 -14.94 1.38 5.49
CA MET A 11 -13.64 2.02 5.53
C MET A 11 -13.76 3.50 5.20
N VAL A 12 -14.83 4.11 5.70
CA VAL A 12 -15.09 5.54 5.48
C VAL A 12 -13.92 6.40 5.96
N ALA A 13 -13.30 5.97 7.06
CA ALA A 13 -12.13 6.64 7.58
C ALA A 13 -11.00 5.64 7.81
N ASN A 14 -11.26 4.67 8.70
CA ASN A 14 -10.34 3.57 8.99
C ASN A 14 -9.13 4.05 9.82
N PRO A 15 -8.83 3.36 10.92
CA PRO A 15 -7.69 3.69 11.80
C PRO A 15 -6.34 3.45 11.12
N PRO A 16 -5.24 3.98 11.71
CA PRO A 16 -3.89 3.74 11.22
C PRO A 16 -3.42 2.32 11.48
N ALA A 17 -2.31 1.94 10.87
CA ALA A 17 -1.76 0.60 11.06
C ALA A 17 -0.82 0.57 12.25
N SER A 18 -0.25 -0.59 12.54
CA SER A 18 0.69 -0.73 13.64
C SER A 18 2.12 -0.78 13.11
N LYS A 19 3.09 -0.54 13.97
CA LYS A 19 4.49 -0.54 13.57
C LYS A 19 4.89 -1.94 13.09
N GLU A 20 4.46 -2.93 13.86
CA GLU A 20 4.77 -4.33 13.56
C GLU A 20 4.27 -4.75 12.18
N SER A 21 3.02 -4.42 11.86
CA SER A 21 2.44 -4.83 10.59
C SER A 21 3.17 -4.17 9.43
N ILE A 22 3.50 -2.90 9.57
CA ILE A 22 4.25 -2.18 8.55
C ILE A 22 5.67 -2.72 8.44
N ASP A 23 6.28 -3.01 9.59
CA ASP A 23 7.65 -3.51 9.62
C ASP A 23 7.73 -4.90 9.01
N ALA A 24 6.69 -5.71 9.23
CA ALA A 24 6.66 -7.09 8.78
C ALA A 24 6.37 -7.20 7.28
N LEU A 25 6.07 -6.07 6.64
CA LEU A 25 5.80 -6.04 5.20
C LEU A 25 6.95 -6.67 4.43
N PRO A 26 6.63 -7.64 3.54
CA PRO A 26 7.63 -8.32 2.70
C PRO A 26 8.47 -7.34 1.90
N GLU A 27 9.74 -7.64 1.74
CA GLU A 27 10.66 -6.71 1.12
C GLU A 27 11.18 -7.24 -0.20
N ILE A 28 10.69 -6.67 -1.29
CA ILE A 28 11.10 -7.07 -2.61
C ILE A 28 11.93 -5.97 -3.26
N LEU A 29 13.21 -6.22 -3.46
CA LEU A 29 14.06 -5.25 -4.12
C LEU A 29 13.68 -5.13 -5.59
N VAL A 30 13.24 -3.95 -5.99
CA VAL A 30 12.78 -3.75 -7.35
C VAL A 30 13.96 -3.64 -8.30
N THR A 31 14.03 -4.57 -9.24
CA THR A 31 15.03 -4.51 -10.29
C THR A 31 14.34 -4.46 -11.64
N GLU A 32 15.10 -4.15 -12.68
CA GLU A 32 14.53 -4.01 -14.02
C GLU A 32 14.30 -5.37 -14.67
N ASP A 33 14.55 -6.43 -13.91
CA ASP A 33 14.36 -7.78 -14.38
C ASP A 33 12.89 -8.18 -14.31
N HIS A 34 12.26 -7.86 -13.18
CA HIS A 34 10.89 -8.22 -12.95
C HIS A 34 9.96 -7.26 -13.69
N GLY A 35 10.38 -6.00 -13.77
CA GLY A 35 9.56 -4.98 -14.42
C GLY A 35 8.37 -4.59 -13.56
N ALA A 36 7.17 -4.86 -14.06
CA ALA A 36 5.96 -4.63 -13.28
C ALA A 36 5.98 -5.49 -12.03
N VAL A 37 5.51 -4.95 -10.92
CA VAL A 37 5.57 -5.67 -9.66
C VAL A 37 4.20 -6.19 -9.23
N GLY A 38 3.89 -7.40 -9.66
CA GLY A 38 2.70 -8.08 -9.20
C GLY A 38 1.43 -7.56 -9.83
N GLN A 39 1.01 -6.38 -9.40
CA GLN A 39 -0.23 -5.80 -9.88
C GLN A 39 0.02 -4.64 -10.83
N GLU A 40 0.88 -3.72 -10.42
CA GLU A 40 1.12 -2.52 -11.20
C GLU A 40 2.61 -2.30 -11.45
N MET A 41 2.89 -1.52 -12.49
CA MET A 41 4.26 -1.18 -12.83
C MET A 41 4.56 0.24 -12.39
N CYS A 42 3.53 0.93 -11.90
CA CYS A 42 3.68 2.28 -11.42
C CYS A 42 3.11 2.42 -10.01
N CYS A 43 3.83 3.14 -9.15
CA CYS A 43 3.42 3.35 -7.77
C CYS A 43 2.62 4.63 -7.65
N PRO A 44 1.31 4.53 -7.34
CA PRO A 44 0.43 5.69 -7.26
C PRO A 44 0.88 6.68 -6.20
N ILE A 45 1.45 6.14 -5.13
CA ILE A 45 1.88 6.97 -4.00
C ILE A 45 3.04 7.87 -4.42
N CYS A 46 3.74 7.47 -5.47
CA CYS A 46 4.90 8.23 -5.96
C CYS A 46 4.59 8.94 -7.27
N CYS A 47 3.54 8.47 -7.96
CA CYS A 47 3.24 8.90 -9.32
C CYS A 47 4.41 8.54 -10.23
N SER A 48 5.11 7.48 -9.87
CA SER A 48 6.30 7.05 -10.59
C SER A 48 6.33 5.53 -10.67
N GLU A 49 7.01 5.02 -11.67
CA GLU A 49 7.04 3.58 -11.93
C GLU A 49 7.97 2.85 -10.96
N TYR A 50 8.06 1.54 -11.13
CA TYR A 50 8.96 0.72 -10.33
C TYR A 50 10.30 0.58 -11.04
N VAL A 51 11.33 1.16 -10.45
CA VAL A 51 12.67 1.12 -11.02
C VAL A 51 13.64 0.47 -10.05
N LYS A 52 14.83 0.17 -10.54
CA LYS A 52 15.85 -0.51 -9.75
C LYS A 52 16.43 0.41 -8.69
N GLY A 53 16.18 0.08 -7.44
CA GLY A 53 16.72 0.87 -6.35
C GLY A 53 15.76 0.98 -5.18
N ASP A 54 14.48 1.09 -5.47
CA ASP A 54 13.47 1.21 -4.42
C ASP A 54 13.03 -0.17 -3.94
N VAL A 55 12.41 -0.22 -2.78
CA VAL A 55 11.96 -1.48 -2.20
C VAL A 55 10.45 -1.61 -2.34
N ALA A 56 10.00 -2.75 -2.86
CA ALA A 56 8.58 -3.02 -3.02
C ALA A 56 8.07 -3.94 -1.92
N THR A 57 6.77 -3.97 -1.76
CA THR A 57 6.14 -4.81 -0.78
C THR A 57 4.77 -5.27 -1.29
N GLU A 58 4.16 -6.21 -0.59
CA GLU A 58 2.88 -6.76 -1.01
C GLU A 58 1.84 -6.60 0.10
N LEU A 59 0.75 -5.95 -0.22
CA LEU A 59 -0.39 -5.92 0.68
C LEU A 59 -1.24 -7.16 0.41
N PRO A 60 -1.79 -7.77 1.47
CA PRO A 60 -2.54 -9.05 1.37
C PRO A 60 -3.87 -8.92 0.63
N CYS A 61 -3.91 -8.09 -0.39
CA CYS A 61 -5.08 -7.95 -1.24
C CYS A 61 -4.63 -7.80 -2.70
N HIS A 62 -3.47 -8.40 -3.01
CA HIS A 62 -2.93 -8.43 -4.37
C HIS A 62 -2.59 -7.03 -4.88
N HIS A 63 -2.14 -6.16 -3.98
CA HIS A 63 -1.73 -4.82 -4.36
C HIS A 63 -0.31 -4.55 -3.88
N TYR A 64 0.57 -4.24 -4.81
CA TYR A 64 1.98 -4.02 -4.50
C TYR A 64 2.30 -2.54 -4.49
N PHE A 65 3.08 -2.14 -3.49
CA PHE A 65 3.53 -0.76 -3.35
C PHE A 65 4.99 -0.77 -2.87
N HIS A 66 5.60 0.39 -2.77
CA HIS A 66 6.94 0.46 -2.20
C HIS A 66 6.84 0.48 -0.69
N LYS A 67 7.62 -0.36 -0.02
CA LYS A 67 7.59 -0.43 1.44
C LYS A 67 7.85 0.94 2.08
N PRO A 68 8.92 1.69 1.65
CA PRO A 68 9.20 3.02 2.19
C PRO A 68 7.98 3.97 2.14
N CYS A 69 7.34 4.07 0.97
CA CYS A 69 6.25 5.03 0.81
C CYS A 69 4.94 4.53 1.42
N VAL A 70 4.73 3.22 1.40
CA VAL A 70 3.52 2.66 1.99
C VAL A 70 3.62 2.70 3.52
N SER A 71 4.84 2.63 4.02
CA SER A 71 5.11 2.78 5.44
C SER A 71 4.60 4.14 5.91
N ILE A 72 4.95 5.17 5.17
CA ILE A 72 4.52 6.53 5.48
C ILE A 72 3.00 6.64 5.46
N TRP A 73 2.40 5.98 4.48
CA TRP A 73 0.95 6.01 4.30
C TRP A 73 0.22 5.32 5.45
N LEU A 74 0.67 4.11 5.79
CA LEU A 74 0.00 3.30 6.80
C LEU A 74 0.11 3.91 8.19
N GLN A 75 1.09 4.79 8.38
CA GLN A 75 1.28 5.47 9.67
C GLN A 75 0.04 6.26 10.07
N LYS A 76 -0.58 6.93 9.10
CA LYS A 76 -1.76 7.74 9.38
C LYS A 76 -3.03 7.01 9.01
N SER A 77 -2.93 6.11 8.04
CA SER A 77 -4.10 5.35 7.59
C SER A 77 -3.70 3.93 7.23
N GLY A 78 -4.15 2.96 8.02
CA GLY A 78 -3.86 1.57 7.76
C GLY A 78 -4.82 1.00 6.73
N THR A 79 -4.74 1.52 5.51
CA THR A 79 -5.67 1.17 4.47
C THR A 79 -4.96 1.11 3.12
N CYS A 80 -5.40 0.19 2.27
CA CYS A 80 -4.89 0.11 0.91
C CYS A 80 -5.48 1.25 0.09
N PRO A 81 -4.66 2.22 -0.34
CA PRO A 81 -5.13 3.45 -0.99
C PRO A 81 -6.05 3.21 -2.20
N VAL A 82 -5.79 2.14 -2.93
CA VAL A 82 -6.54 1.86 -4.15
C VAL A 82 -7.94 1.32 -3.85
N CYS A 83 -8.01 0.15 -3.20
CA CYS A 83 -9.29 -0.52 -2.99
C CYS A 83 -9.95 -0.06 -1.69
N ARG A 84 -9.15 0.53 -0.81
CA ARG A 84 -9.60 0.95 0.51
C ARG A 84 -10.01 -0.25 1.34
N CYS A 85 -9.02 -1.02 1.74
CA CYS A 85 -9.20 -2.17 2.61
C CYS A 85 -8.21 -2.04 3.76
N MET A 86 -8.63 -2.42 4.96
CA MET A 86 -7.81 -2.23 6.15
C MET A 86 -6.57 -3.13 6.12
N PHE A 87 -5.50 -2.64 6.73
CA PHE A 87 -4.28 -3.41 6.89
C PHE A 87 -3.86 -3.39 8.36
N PRO A 88 -3.75 -4.57 9.00
CA PRO A 88 -4.02 -5.87 8.38
C PRO A 88 -5.48 -6.07 7.97
N PRO A 89 -5.74 -6.98 7.02
CA PRO A 89 -7.08 -7.22 6.49
C PRO A 89 -8.07 -7.64 7.57
N PRO A 90 -9.28 -7.06 7.55
CA PRO A 90 -10.31 -7.33 8.56
C PRO A 90 -10.87 -8.74 8.46
N LEU A 91 -11.24 -9.29 9.60
CA LEU A 91 -11.83 -10.62 9.66
C LEU A 91 -13.34 -10.50 9.63
ZN ZN B . 6.47 4.38 -4.08
ZN ZN C . -5.83 -3.42 -2.24
N MET A 1 -20.74 22.32 -22.25
CA MET A 1 -19.27 22.45 -22.18
C MET A 1 -18.76 22.18 -20.77
N GLY A 2 -18.18 21.00 -20.57
CA GLY A 2 -17.61 20.67 -19.29
C GLY A 2 -18.15 19.37 -18.73
N HIS A 3 -17.28 18.57 -18.13
CA HIS A 3 -17.68 17.31 -17.53
C HIS A 3 -17.79 17.44 -16.02
N HIS A 4 -18.35 16.41 -15.38
CA HIS A 4 -18.49 16.42 -13.93
C HIS A 4 -18.58 14.98 -13.43
N HIS A 5 -18.02 14.73 -12.25
CA HIS A 5 -18.07 13.41 -11.65
C HIS A 5 -19.14 13.37 -10.57
N HIS A 6 -19.15 12.29 -9.81
CA HIS A 6 -20.01 12.20 -8.64
C HIS A 6 -19.19 12.47 -7.39
N HIS A 7 -19.87 12.67 -6.28
CA HIS A 7 -19.19 12.86 -5.01
C HIS A 7 -18.82 11.50 -4.47
N HIS A 8 -17.77 11.43 -3.67
CA HIS A 8 -17.42 10.17 -3.04
C HIS A 8 -18.40 9.89 -1.89
N SER A 9 -19.57 9.38 -2.28
CA SER A 9 -20.70 9.18 -1.39
C SER A 9 -20.30 8.52 -0.06
N HIS A 10 -19.53 7.45 -0.15
CA HIS A 10 -18.98 6.82 1.04
C HIS A 10 -17.47 6.71 0.92
N MET A 11 -16.78 7.50 1.73
CA MET A 11 -15.34 7.53 1.73
C MET A 11 -14.83 7.27 3.14
N VAL A 12 -13.67 6.66 3.25
CA VAL A 12 -13.12 6.34 4.55
C VAL A 12 -11.66 6.79 4.64
N ALA A 13 -11.34 7.54 5.68
CA ALA A 13 -9.96 7.92 5.95
C ALA A 13 -9.20 6.71 6.47
N ASN A 14 -9.92 5.85 7.17
CA ASN A 14 -9.42 4.54 7.64
C ASN A 14 -8.41 4.69 8.77
N PRO A 15 -8.53 3.85 9.82
CA PRO A 15 -7.61 3.85 10.95
C PRO A 15 -6.17 3.53 10.54
N PRO A 16 -5.19 3.89 11.39
CA PRO A 16 -3.78 3.60 11.12
C PRO A 16 -3.47 2.13 11.28
N ALA A 17 -2.61 1.61 10.42
CA ALA A 17 -2.19 0.22 10.47
C ALA A 17 -1.09 0.06 11.51
N SER A 18 -1.04 -1.11 12.12
CA SER A 18 -0.01 -1.43 13.11
C SER A 18 1.38 -1.31 12.49
N LYS A 19 2.16 -0.37 13.01
CA LYS A 19 3.49 -0.06 12.48
C LYS A 19 4.38 -1.31 12.47
N GLU A 20 4.35 -2.03 13.59
CA GLU A 20 5.13 -3.26 13.74
C GLU A 20 4.82 -4.25 12.61
N SER A 21 3.56 -4.32 12.20
CA SER A 21 3.14 -5.18 11.11
C SER A 21 3.74 -4.67 9.80
N ILE A 22 3.73 -3.35 9.62
CA ILE A 22 4.28 -2.72 8.43
C ILE A 22 5.77 -2.98 8.30
N ASP A 23 6.47 -2.95 9.43
CA ASP A 23 7.90 -3.18 9.45
C ASP A 23 8.21 -4.66 9.27
N ALA A 24 7.29 -5.52 9.72
CA ALA A 24 7.46 -6.96 9.59
C ALA A 24 7.21 -7.44 8.16
N LEU A 25 6.64 -6.56 7.34
CA LEU A 25 6.39 -6.88 5.93
C LEU A 25 7.69 -7.19 5.21
N PRO A 26 7.64 -8.12 4.24
CA PRO A 26 8.81 -8.53 3.45
C PRO A 26 9.28 -7.43 2.50
N GLU A 27 10.52 -7.54 2.06
CA GLU A 27 11.09 -6.57 1.14
C GLU A 27 11.25 -7.18 -0.24
N ILE A 28 10.49 -6.68 -1.20
CA ILE A 28 10.62 -7.12 -2.57
C ILE A 28 11.39 -6.08 -3.36
N LEU A 29 12.66 -6.36 -3.59
CA LEU A 29 13.51 -5.42 -4.33
C LEU A 29 13.08 -5.37 -5.79
N VAL A 30 12.74 -4.18 -6.26
CA VAL A 30 12.28 -4.01 -7.62
C VAL A 30 13.47 -4.05 -8.58
N THR A 31 13.62 -5.15 -9.28
CA THR A 31 14.65 -5.26 -10.29
C THR A 31 14.03 -5.12 -11.68
N GLU A 32 14.87 -4.95 -12.70
CA GLU A 32 14.38 -4.76 -14.06
C GLU A 32 13.92 -6.08 -14.64
N ASP A 33 14.43 -7.18 -14.09
CA ASP A 33 14.00 -8.51 -14.49
C ASP A 33 12.63 -8.81 -13.91
N HIS A 34 12.35 -8.20 -12.77
CA HIS A 34 11.05 -8.38 -12.12
C HIS A 34 10.04 -7.40 -12.72
N GLY A 35 10.48 -6.16 -12.90
CA GLY A 35 9.64 -5.14 -13.51
C GLY A 35 8.37 -4.88 -12.73
N ALA A 36 7.24 -5.28 -13.30
CA ALA A 36 5.95 -5.09 -12.64
C ALA A 36 5.82 -6.05 -11.46
N VAL A 37 5.99 -5.52 -10.26
CA VAL A 37 5.93 -6.33 -9.05
C VAL A 37 4.51 -6.84 -8.80
N GLY A 38 3.53 -6.07 -9.23
CA GLY A 38 2.15 -6.46 -9.06
C GLY A 38 1.27 -5.92 -10.16
N GLN A 39 0.01 -5.66 -9.83
CA GLN A 39 -0.92 -5.11 -10.81
C GLN A 39 -0.74 -3.61 -10.90
N GLU A 40 -0.22 -3.03 -9.82
CA GLU A 40 0.15 -1.63 -9.82
C GLU A 40 1.55 -1.46 -10.40
N MET A 41 1.63 -0.85 -11.57
CA MET A 41 2.91 -0.61 -12.23
C MET A 41 3.48 0.74 -11.82
N CYS A 42 2.75 1.45 -10.98
CA CYS A 42 3.17 2.75 -10.50
C CYS A 42 2.81 2.91 -9.03
N CYS A 43 3.61 3.69 -8.32
CA CYS A 43 3.38 3.98 -6.92
C CYS A 43 2.83 5.39 -6.78
N PRO A 44 1.49 5.52 -6.70
CA PRO A 44 0.80 6.83 -6.72
C PRO A 44 1.26 7.76 -5.60
N ILE A 45 1.73 7.16 -4.51
CA ILE A 45 2.20 7.93 -3.35
C ILE A 45 3.33 8.88 -3.74
N CYS A 46 4.27 8.39 -4.54
CA CYS A 46 5.40 9.21 -4.96
C CYS A 46 5.28 9.58 -6.44
N CYS A 47 4.24 9.06 -7.09
CA CYS A 47 3.98 9.32 -8.50
C CYS A 47 5.14 8.81 -9.36
N SER A 48 5.67 7.65 -8.99
CA SER A 48 6.76 7.04 -9.72
C SER A 48 6.51 5.54 -9.91
N GLU A 49 6.96 5.01 -11.04
CA GLU A 49 6.73 3.61 -11.37
C GLU A 49 7.74 2.70 -10.68
N TYR A 50 7.76 1.43 -11.09
CA TYR A 50 8.62 0.43 -10.47
C TYR A 50 9.83 0.13 -11.36
N VAL A 51 10.99 0.58 -10.91
CA VAL A 51 12.26 0.31 -11.57
C VAL A 51 13.30 -0.09 -10.53
N LYS A 52 14.47 -0.53 -10.98
CA LYS A 52 15.52 -0.94 -10.06
C LYS A 52 16.00 0.23 -9.20
N GLY A 53 15.97 0.03 -7.90
CA GLY A 53 16.43 1.05 -6.97
C GLY A 53 15.51 1.19 -5.80
N ASP A 54 14.21 1.18 -6.06
CA ASP A 54 13.20 1.30 -5.02
C ASP A 54 12.89 -0.09 -4.46
N VAL A 55 12.23 -0.13 -3.31
CA VAL A 55 11.87 -1.37 -2.66
C VAL A 55 10.35 -1.49 -2.55
N ALA A 56 9.82 -2.64 -2.89
CA ALA A 56 8.39 -2.86 -2.82
C ALA A 56 8.06 -3.88 -1.73
N THR A 57 6.78 -4.10 -1.51
CA THR A 57 6.33 -5.08 -0.54
C THR A 57 4.98 -5.65 -0.98
N GLU A 58 4.60 -6.78 -0.41
CA GLU A 58 3.36 -7.43 -0.77
C GLU A 58 2.33 -7.28 0.34
N LEU A 59 1.24 -6.62 0.04
CA LEU A 59 0.13 -6.53 0.97
C LEU A 59 -0.74 -7.77 0.79
N PRO A 60 -1.20 -8.38 1.90
CA PRO A 60 -2.11 -9.55 1.85
C PRO A 60 -3.42 -9.23 1.12
N CYS A 61 -3.59 -7.95 0.81
CA CYS A 61 -4.74 -7.46 0.06
C CYS A 61 -4.47 -7.61 -1.44
N HIS A 62 -3.50 -8.46 -1.79
CA HIS A 62 -3.15 -8.76 -3.18
C HIS A 62 -2.81 -7.49 -3.96
N HIS A 63 -2.10 -6.60 -3.29
CA HIS A 63 -1.70 -5.32 -3.89
C HIS A 63 -0.27 -5.00 -3.51
N TYR A 64 0.46 -4.38 -4.42
CA TYR A 64 1.88 -4.14 -4.24
C TYR A 64 2.21 -2.66 -4.28
N PHE A 65 3.01 -2.22 -3.31
CA PHE A 65 3.43 -0.83 -3.25
C PHE A 65 4.87 -0.74 -2.77
N HIS A 66 5.50 0.42 -3.00
CA HIS A 66 6.85 0.66 -2.47
C HIS A 66 6.82 0.64 -0.95
N LYS A 67 7.71 -0.13 -0.35
CA LYS A 67 7.73 -0.29 1.10
C LYS A 67 7.94 1.04 1.83
N PRO A 68 9.00 1.82 1.47
CA PRO A 68 9.25 3.13 2.12
C PRO A 68 8.12 4.13 1.91
N CYS A 69 7.32 3.92 0.88
CA CYS A 69 6.19 4.79 0.61
C CYS A 69 4.98 4.37 1.43
N VAL A 70 4.71 3.07 1.42
CA VAL A 70 3.52 2.54 2.07
C VAL A 70 3.68 2.56 3.59
N SER A 71 4.92 2.56 4.06
CA SER A 71 5.20 2.58 5.49
C SER A 71 4.74 3.90 6.12
N ILE A 72 4.79 4.96 5.32
CA ILE A 72 4.33 6.27 5.78
C ILE A 72 2.82 6.37 5.63
N TRP A 73 2.32 5.86 4.52
CA TRP A 73 0.90 5.94 4.19
C TRP A 73 0.04 5.17 5.20
N LEU A 74 0.44 3.94 5.52
CA LEU A 74 -0.36 3.07 6.37
C LEU A 74 -0.48 3.60 7.81
N GLN A 75 0.44 4.48 8.20
CA GLN A 75 0.38 5.05 9.54
C GLN A 75 -0.68 6.14 9.62
N LYS A 76 -1.21 6.51 8.47
CA LYS A 76 -2.29 7.48 8.39
C LYS A 76 -3.57 6.81 7.91
N SER A 77 -3.43 5.96 6.92
CA SER A 77 -4.54 5.21 6.38
C SER A 77 -4.09 3.79 6.01
N GLY A 78 -4.56 2.81 6.77
CA GLY A 78 -4.18 1.43 6.51
C GLY A 78 -4.98 0.82 5.38
N THR A 79 -4.78 1.34 4.17
CA THR A 79 -5.53 0.91 3.00
C THR A 79 -4.69 1.04 1.74
N CYS A 80 -5.05 0.28 0.71
CA CYS A 80 -4.46 0.50 -0.61
C CYS A 80 -5.07 1.75 -1.21
N PRO A 81 -4.27 2.75 -1.59
CA PRO A 81 -4.77 3.99 -2.19
C PRO A 81 -5.66 3.73 -3.40
N VAL A 82 -5.42 2.62 -4.07
CA VAL A 82 -6.15 2.26 -5.28
C VAL A 82 -7.52 1.64 -4.97
N CYS A 83 -7.60 0.78 -3.96
CA CYS A 83 -8.83 0.01 -3.71
C CYS A 83 -9.53 0.49 -2.43
N ARG A 84 -8.75 0.96 -1.47
CA ARG A 84 -9.21 1.23 -0.12
C ARG A 84 -9.80 -0.02 0.53
N CYS A 85 -8.90 -0.90 0.96
CA CYS A 85 -9.25 -2.08 1.74
C CYS A 85 -8.32 -2.14 2.94
N MET A 86 -8.84 -2.53 4.09
CA MET A 86 -8.14 -2.34 5.35
C MET A 86 -6.99 -3.32 5.54
N PHE A 87 -5.85 -2.77 5.92
CA PHE A 87 -4.68 -3.54 6.31
C PHE A 87 -4.28 -3.13 7.73
N PRO A 88 -3.96 -4.09 8.61
CA PRO A 88 -4.01 -5.53 8.30
C PRO A 88 -5.44 -6.04 8.17
N PRO A 89 -5.63 -7.15 7.42
CA PRO A 89 -6.95 -7.74 7.19
C PRO A 89 -7.63 -8.14 8.51
N PRO A 90 -8.93 -7.85 8.64
CA PRO A 90 -9.68 -8.12 9.88
C PRO A 90 -9.77 -9.61 10.20
N LEU A 91 -9.92 -9.91 11.47
CA LEU A 91 -10.02 -11.28 11.92
C LEU A 91 -11.41 -11.54 12.47
ZN ZN B . 6.96 4.91 -4.29
ZN ZN C . -6.13 -3.66 -1.96
N MET A 1 7.37 14.16 -12.36
CA MET A 1 7.14 13.30 -13.56
C MET A 1 5.65 13.09 -13.79
N GLY A 2 4.83 13.38 -12.79
CA GLY A 2 3.40 13.27 -12.94
C GLY A 2 2.78 14.56 -13.41
N HIS A 3 2.48 14.63 -14.70
CA HIS A 3 1.96 15.86 -15.29
C HIS A 3 0.50 16.06 -14.88
N HIS A 4 -0.23 14.96 -14.72
CA HIS A 4 -1.61 15.01 -14.30
C HIS A 4 -2.02 13.72 -13.62
N HIS A 5 -3.05 13.78 -12.79
CA HIS A 5 -3.56 12.60 -12.10
C HIS A 5 -4.90 12.94 -11.46
N HIS A 6 -5.79 11.96 -11.44
CA HIS A 6 -7.14 12.16 -10.91
C HIS A 6 -7.09 12.30 -9.39
N HIS A 7 -7.24 13.52 -8.89
CA HIS A 7 -7.20 13.76 -7.46
C HIS A 7 -8.32 14.67 -6.99
N HIS A 8 -9.47 14.07 -6.75
CA HIS A 8 -10.55 14.70 -6.02
C HIS A 8 -10.99 13.73 -4.94
N SER A 9 -10.02 13.34 -4.14
CA SER A 9 -10.20 12.26 -3.19
C SER A 9 -10.49 12.77 -1.79
N HIS A 10 -10.63 11.85 -0.86
CA HIS A 10 -10.83 12.16 0.54
C HIS A 10 -10.01 11.22 1.40
N MET A 11 -9.12 11.78 2.21
CA MET A 11 -8.25 10.98 3.06
C MET A 11 -9.06 10.33 4.19
N VAL A 12 -9.19 9.02 4.14
CA VAL A 12 -9.99 8.29 5.10
C VAL A 12 -9.39 8.36 6.50
N ALA A 13 -10.20 8.78 7.47
CA ALA A 13 -9.79 8.77 8.86
C ALA A 13 -10.05 7.38 9.44
N ASN A 14 -9.09 6.50 9.24
CA ASN A 14 -9.28 5.09 9.55
C ASN A 14 -8.13 4.61 10.44
N PRO A 15 -8.41 3.66 11.35
CA PRO A 15 -7.39 3.03 12.21
C PRO A 15 -6.11 2.70 11.45
N PRO A 16 -4.97 3.15 11.98
CA PRO A 16 -3.68 3.01 11.33
C PRO A 16 -2.98 1.69 11.64
N ALA A 17 -2.08 1.29 10.77
CA ALA A 17 -1.29 0.10 10.97
C ALA A 17 -0.05 0.43 11.78
N SER A 18 0.39 -0.51 12.60
CA SER A 18 1.57 -0.32 13.40
C SER A 18 2.82 -0.39 12.53
N LYS A 19 3.78 0.47 12.83
CA LYS A 19 5.04 0.54 12.08
C LYS A 19 5.72 -0.84 12.02
N GLU A 20 5.75 -1.52 13.15
CA GLU A 20 6.33 -2.85 13.24
C GLU A 20 5.61 -3.84 12.32
N SER A 21 4.28 -3.71 12.27
CA SER A 21 3.46 -4.59 11.45
C SER A 21 3.72 -4.34 9.97
N ILE A 22 4.02 -3.10 9.63
CA ILE A 22 4.35 -2.73 8.26
C ILE A 22 5.75 -3.22 7.90
N ASP A 23 6.66 -3.12 8.85
CA ASP A 23 8.04 -3.56 8.63
C ASP A 23 8.11 -5.09 8.55
N ALA A 24 7.08 -5.74 9.11
CA ALA A 24 6.99 -7.19 9.07
C ALA A 24 6.61 -7.68 7.66
N LEU A 25 6.13 -6.76 6.84
CA LEU A 25 5.75 -7.09 5.47
C LEU A 25 6.98 -7.46 4.63
N PRO A 26 6.83 -8.44 3.73
CA PRO A 26 7.93 -8.92 2.88
C PRO A 26 8.53 -7.81 2.02
N GLU A 27 9.84 -7.77 1.94
CA GLU A 27 10.54 -6.75 1.17
C GLU A 27 11.01 -7.32 -0.16
N ILE A 28 10.54 -6.74 -1.24
CA ILE A 28 10.95 -7.15 -2.58
C ILE A 28 11.77 -6.04 -3.23
N LEU A 29 13.05 -6.29 -3.43
CA LEU A 29 13.91 -5.33 -4.10
C LEU A 29 13.50 -5.19 -5.55
N VAL A 30 13.10 -3.98 -5.93
CA VAL A 30 12.66 -3.71 -7.28
C VAL A 30 13.85 -3.75 -8.24
N THR A 31 13.84 -4.72 -9.13
CA THR A 31 14.88 -4.85 -10.11
C THR A 31 14.49 -4.19 -11.41
N GLU A 32 15.47 -3.64 -12.11
CA GLU A 32 15.22 -2.85 -13.31
C GLU A 32 14.73 -3.73 -14.46
N ASP A 33 14.90 -5.04 -14.31
CA ASP A 33 14.57 -5.98 -15.38
C ASP A 33 13.06 -6.25 -15.42
N HIS A 34 12.47 -6.48 -14.25
CA HIS A 34 11.06 -6.84 -14.17
C HIS A 34 10.17 -5.63 -14.44
N GLY A 35 10.47 -4.52 -13.77
CA GLY A 35 9.71 -3.29 -13.99
C GLY A 35 8.34 -3.34 -13.34
N ALA A 36 7.35 -3.86 -14.06
CA ALA A 36 5.98 -3.88 -13.58
C ALA A 36 5.80 -4.95 -12.51
N VAL A 37 5.80 -4.53 -11.25
CA VAL A 37 5.68 -5.46 -10.14
C VAL A 37 4.23 -5.55 -9.69
N GLY A 38 3.66 -6.75 -9.79
CA GLY A 38 2.32 -6.98 -9.31
C GLY A 38 1.27 -6.79 -10.38
N GLN A 39 1.14 -5.55 -10.86
CA GLN A 39 0.13 -5.23 -11.85
C GLN A 39 0.54 -4.01 -12.68
N GLU A 40 0.81 -2.90 -12.00
CA GLU A 40 1.17 -1.67 -12.68
C GLU A 40 2.67 -1.45 -12.61
N MET A 41 3.20 -0.70 -13.56
CA MET A 41 4.63 -0.42 -13.61
C MET A 41 4.93 0.89 -12.88
N CYS A 42 3.92 1.45 -12.25
CA CYS A 42 4.04 2.72 -11.57
C CYS A 42 3.47 2.61 -10.17
N CYS A 43 3.93 3.48 -9.28
CA CYS A 43 3.46 3.51 -7.91
C CYS A 43 2.57 4.72 -7.69
N PRO A 44 1.24 4.52 -7.59
CA PRO A 44 0.27 5.61 -7.42
C PRO A 44 0.57 6.49 -6.20
N ILE A 45 1.19 5.89 -5.20
CA ILE A 45 1.55 6.62 -3.98
C ILE A 45 2.66 7.63 -4.25
N CYS A 46 3.48 7.34 -5.26
CA CYS A 46 4.61 8.21 -5.59
C CYS A 46 4.33 9.05 -6.82
N CYS A 47 3.41 8.55 -7.65
CA CYS A 47 3.21 9.08 -9.00
C CYS A 47 4.48 8.84 -9.81
N SER A 48 5.25 7.86 -9.36
CA SER A 48 6.52 7.51 -9.95
C SER A 48 6.59 6.00 -10.17
N GLU A 49 7.30 5.58 -11.21
CA GLU A 49 7.30 4.19 -11.63
C GLU A 49 8.26 3.34 -10.79
N TYR A 50 8.35 2.06 -11.14
CA TYR A 50 9.22 1.11 -10.46
C TYR A 50 10.60 1.06 -11.12
N VAL A 51 11.60 1.44 -10.37
CA VAL A 51 12.99 1.40 -10.83
C VAL A 51 13.86 0.76 -9.77
N LYS A 52 15.09 0.39 -10.12
CA LYS A 52 16.00 -0.22 -9.17
C LYS A 52 16.37 0.77 -8.08
N GLY A 53 16.30 0.32 -6.83
CA GLY A 53 16.66 1.16 -5.70
C GLY A 53 15.56 1.22 -4.66
N ASP A 54 14.33 1.20 -5.13
CA ASP A 54 13.17 1.24 -4.24
C ASP A 54 12.82 -0.18 -3.80
N VAL A 55 12.07 -0.28 -2.72
CA VAL A 55 11.70 -1.58 -2.17
C VAL A 55 10.19 -1.78 -2.25
N ALA A 56 9.77 -2.87 -2.87
CA ALA A 56 8.36 -3.17 -3.00
C ALA A 56 7.91 -4.11 -1.89
N THR A 57 6.61 -4.24 -1.72
CA THR A 57 6.04 -5.12 -0.73
C THR A 57 4.72 -5.68 -1.25
N GLU A 58 4.15 -6.64 -0.53
CA GLU A 58 2.94 -7.31 -0.96
C GLU A 58 1.88 -7.21 0.14
N LEU A 59 0.78 -6.55 -0.17
CA LEU A 59 -0.33 -6.43 0.78
C LEU A 59 -1.29 -7.60 0.63
N PRO A 60 -1.80 -8.14 1.75
CA PRO A 60 -2.62 -9.38 1.78
C PRO A 60 -3.96 -9.27 1.03
N CYS A 61 -4.12 -8.22 0.24
CA CYS A 61 -5.31 -8.05 -0.58
C CYS A 61 -4.93 -8.11 -2.05
N HIS A 62 -3.73 -8.65 -2.30
CA HIS A 62 -3.18 -8.74 -3.66
C HIS A 62 -2.94 -7.36 -4.24
N HIS A 63 -1.89 -6.71 -3.76
CA HIS A 63 -1.54 -5.36 -4.21
C HIS A 63 -0.10 -5.05 -3.85
N TYR A 64 0.70 -4.75 -4.86
CA TYR A 64 2.11 -4.45 -4.66
C TYR A 64 2.34 -2.94 -4.65
N PHE A 65 3.11 -2.49 -3.67
CA PHE A 65 3.48 -1.09 -3.53
C PHE A 65 4.89 -1.02 -2.99
N HIS A 66 5.45 0.17 -2.87
CA HIS A 66 6.76 0.30 -2.25
C HIS A 66 6.58 0.31 -0.74
N LYS A 67 7.33 -0.53 -0.05
CA LYS A 67 7.19 -0.67 1.40
C LYS A 67 7.37 0.68 2.13
N PRO A 68 8.46 1.45 1.86
CA PRO A 68 8.67 2.73 2.54
C PRO A 68 7.52 3.71 2.33
N CYS A 69 6.98 3.79 1.12
CA CYS A 69 5.96 4.78 0.82
C CYS A 69 4.58 4.31 1.29
N VAL A 70 4.32 3.01 1.26
CA VAL A 70 3.05 2.49 1.74
C VAL A 70 3.02 2.54 3.27
N SER A 71 4.21 2.43 3.88
CA SER A 71 4.34 2.57 5.32
C SER A 71 3.84 3.94 5.77
N ILE A 72 4.19 4.96 5.00
CA ILE A 72 3.76 6.32 5.29
C ILE A 72 2.23 6.39 5.37
N TRP A 73 1.57 5.80 4.39
CA TRP A 73 0.13 5.81 4.31
C TRP A 73 -0.48 4.93 5.42
N LEU A 74 0.05 3.72 5.57
CA LEU A 74 -0.48 2.76 6.54
C LEU A 74 -0.38 3.27 7.97
N GLN A 75 0.70 3.98 8.28
CA GLN A 75 0.91 4.52 9.63
C GLN A 75 -0.16 5.54 10.02
N LYS A 76 -0.89 6.05 9.04
CA LYS A 76 -1.90 7.07 9.30
C LYS A 76 -3.29 6.60 8.91
N SER A 77 -3.47 6.25 7.64
CA SER A 77 -4.78 5.89 7.12
C SER A 77 -5.08 4.40 7.28
N GLY A 78 -4.01 3.60 7.35
CA GLY A 78 -4.16 2.16 7.54
C GLY A 78 -5.01 1.50 6.47
N THR A 79 -4.78 1.87 5.23
CA THR A 79 -5.57 1.33 4.12
C THR A 79 -4.70 1.07 2.89
N CYS A 80 -5.24 0.32 1.95
CA CYS A 80 -4.57 0.08 0.68
C CYS A 80 -5.11 1.05 -0.37
N PRO A 81 -4.38 2.14 -0.65
CA PRO A 81 -4.85 3.27 -1.48
C PRO A 81 -5.77 2.90 -2.64
N VAL A 82 -5.37 1.91 -3.44
CA VAL A 82 -6.09 1.57 -4.67
C VAL A 82 -7.44 0.90 -4.40
N CYS A 83 -7.61 0.27 -3.25
CA CYS A 83 -8.86 -0.44 -2.96
C CYS A 83 -9.52 0.11 -1.70
N ARG A 84 -8.71 0.69 -0.82
CA ARG A 84 -9.19 1.33 0.41
C ARG A 84 -9.66 0.31 1.44
N CYS A 85 -9.29 -0.95 1.22
CA CYS A 85 -9.47 -1.96 2.24
C CYS A 85 -8.46 -1.71 3.36
N MET A 86 -8.86 -1.98 4.59
CA MET A 86 -8.04 -1.62 5.74
C MET A 86 -6.90 -2.62 5.96
N PHE A 87 -5.79 -2.12 6.48
CA PHE A 87 -4.66 -2.93 6.88
C PHE A 87 -4.21 -2.51 8.28
N PRO A 88 -4.15 -3.45 9.24
CA PRO A 88 -4.43 -4.87 9.02
C PRO A 88 -5.89 -5.13 8.64
N PRO A 89 -6.12 -6.17 7.81
CA PRO A 89 -7.45 -6.50 7.28
C PRO A 89 -8.50 -6.67 8.36
N PRO A 90 -9.71 -6.12 8.12
CA PRO A 90 -10.82 -6.23 9.06
C PRO A 90 -11.43 -7.63 9.07
N LEU A 91 -12.00 -8.01 10.21
CA LEU A 91 -12.64 -9.30 10.33
C LEU A 91 -14.16 -9.12 10.30
ZN ZN B . 6.28 4.29 -4.00
ZN ZN C . -5.50 -3.60 -2.00
N MET A 1 -29.59 17.47 13.22
CA MET A 1 -28.19 17.56 12.74
C MET A 1 -27.25 17.00 13.79
N GLY A 2 -25.97 16.89 13.45
CA GLY A 2 -24.98 16.49 14.43
C GLY A 2 -24.51 17.67 15.25
N HIS A 3 -23.45 17.48 16.05
CA HIS A 3 -22.91 18.55 16.86
C HIS A 3 -22.48 19.73 16.00
N HIS A 4 -21.43 19.53 15.21
CA HIS A 4 -21.01 20.54 14.27
C HIS A 4 -20.17 19.94 13.15
N HIS A 5 -20.66 20.07 11.93
CA HIS A 5 -19.95 19.62 10.74
C HIS A 5 -20.77 19.98 9.52
N HIS A 6 -20.10 20.21 8.40
CA HIS A 6 -20.81 20.50 7.17
C HIS A 6 -21.32 19.20 6.56
N HIS A 7 -22.20 19.32 5.56
CA HIS A 7 -22.98 18.18 5.07
C HIS A 7 -22.14 17.17 4.27
N HIS A 8 -20.82 17.34 4.26
CA HIS A 8 -19.94 16.39 3.61
C HIS A 8 -18.75 16.07 4.51
N SER A 9 -18.70 14.84 4.99
CA SER A 9 -17.60 14.42 5.86
C SER A 9 -17.24 12.97 5.55
N HIS A 10 -15.95 12.70 5.42
CA HIS A 10 -15.47 11.36 5.12
C HIS A 10 -15.25 10.58 6.42
N MET A 11 -15.98 9.48 6.55
CA MET A 11 -15.82 8.61 7.70
C MET A 11 -14.53 7.80 7.57
N VAL A 12 -13.92 7.49 8.70
CA VAL A 12 -12.67 6.74 8.70
C VAL A 12 -12.87 5.37 9.33
N ALA A 13 -13.22 4.39 8.51
CA ALA A 13 -13.38 3.02 8.98
C ALA A 13 -12.08 2.24 8.75
N ASN A 14 -11.08 2.93 8.25
CA ASN A 14 -9.78 2.33 8.00
C ASN A 14 -8.81 2.68 9.12
N PRO A 15 -8.46 1.69 9.96
CA PRO A 15 -7.54 1.90 11.07
C PRO A 15 -6.09 2.04 10.60
N PRO A 16 -5.28 2.82 11.32
CA PRO A 16 -3.86 2.95 11.04
C PRO A 16 -3.12 1.65 11.30
N ALA A 17 -2.09 1.39 10.52
CA ALA A 17 -1.35 0.15 10.64
C ALA A 17 -0.37 0.23 11.81
N SER A 18 -0.14 -0.91 12.44
CA SER A 18 0.79 -0.99 13.55
C SER A 18 2.22 -0.93 13.02
N LYS A 19 3.13 -0.46 13.86
CA LYS A 19 4.53 -0.36 13.49
C LYS A 19 5.06 -1.74 13.14
N GLU A 20 4.60 -2.74 13.87
CA GLU A 20 5.03 -4.12 13.66
C GLU A 20 4.45 -4.67 12.36
N SER A 21 3.30 -4.15 11.95
CA SER A 21 2.68 -4.56 10.70
C SER A 21 3.54 -4.13 9.52
N ILE A 22 4.11 -2.94 9.64
CA ILE A 22 5.01 -2.41 8.62
C ILE A 22 6.38 -3.08 8.71
N ASP A 23 6.80 -3.34 9.94
CA ASP A 23 8.09 -3.98 10.21
C ASP A 23 8.15 -5.37 9.59
N ALA A 24 7.03 -6.08 9.63
CA ALA A 24 6.96 -7.46 9.14
C ALA A 24 6.60 -7.53 7.65
N LEU A 25 6.48 -6.38 7.00
CA LEU A 25 6.17 -6.35 5.58
C LEU A 25 7.35 -6.85 4.75
N PRO A 26 7.09 -7.80 3.84
CA PRO A 26 8.12 -8.39 2.97
C PRO A 26 8.83 -7.32 2.12
N GLU A 27 10.06 -7.59 1.74
CA GLU A 27 10.86 -6.59 1.04
C GLU A 27 11.41 -7.16 -0.26
N ILE A 28 11.01 -6.56 -1.36
CA ILE A 28 11.43 -7.01 -2.68
C ILE A 28 12.17 -5.89 -3.41
N LEU A 29 13.43 -6.13 -3.74
CA LEU A 29 14.21 -5.18 -4.52
C LEU A 29 13.66 -5.10 -5.94
N VAL A 30 13.24 -3.91 -6.35
CA VAL A 30 12.63 -3.73 -7.66
C VAL A 30 13.69 -3.50 -8.72
N THR A 31 13.60 -4.24 -9.81
CA THR A 31 14.44 -4.04 -10.97
C THR A 31 13.58 -3.66 -12.17
N GLU A 32 14.07 -2.73 -12.99
CA GLU A 32 13.30 -2.24 -14.14
C GLU A 32 13.16 -3.31 -15.20
N ASP A 33 14.13 -4.22 -15.24
CA ASP A 33 14.14 -5.30 -16.21
C ASP A 33 13.26 -6.45 -15.74
N HIS A 34 12.76 -6.35 -14.51
CA HIS A 34 11.84 -7.36 -13.97
C HIS A 34 10.46 -7.20 -14.61
N GLY A 35 9.99 -5.97 -14.65
CA GLY A 35 8.67 -5.70 -15.18
C GLY A 35 7.72 -5.26 -14.10
N ALA A 36 6.43 -5.38 -14.35
CA ALA A 36 5.42 -4.98 -13.39
C ALA A 36 5.30 -6.01 -12.28
N VAL A 37 5.66 -5.61 -11.07
CA VAL A 37 5.63 -6.50 -9.92
C VAL A 37 4.20 -6.76 -9.48
N GLY A 38 3.64 -7.87 -9.94
CA GLY A 38 2.29 -8.22 -9.58
C GLY A 38 1.25 -7.50 -10.41
N GLN A 39 0.15 -7.14 -9.79
CA GLN A 39 -0.97 -6.50 -10.48
C GLN A 39 -0.77 -4.99 -10.59
N GLU A 40 -0.04 -4.43 -9.64
CA GLU A 40 0.16 -2.98 -9.59
C GLU A 40 1.48 -2.63 -10.26
N MET A 41 1.42 -1.73 -11.24
CA MET A 41 2.61 -1.38 -12.02
C MET A 41 3.11 0.02 -11.67
N CYS A 42 2.44 0.67 -10.74
CA CYS A 42 2.82 2.02 -10.33
C CYS A 42 2.60 2.23 -8.84
N CYS A 43 3.31 3.20 -8.29
CA CYS A 43 3.18 3.54 -6.89
C CYS A 43 2.67 4.97 -6.77
N PRO A 44 1.34 5.14 -6.65
CA PRO A 44 0.67 6.45 -6.64
C PRO A 44 1.21 7.39 -5.54
N ILE A 45 1.72 6.78 -4.48
CA ILE A 45 2.25 7.54 -3.35
C ILE A 45 3.40 8.45 -3.79
N CYS A 46 4.19 7.98 -4.75
CA CYS A 46 5.29 8.79 -5.30
C CYS A 46 5.02 9.11 -6.76
N CYS A 47 3.79 8.79 -7.20
CA CYS A 47 3.35 8.93 -8.60
C CYS A 47 4.43 8.49 -9.58
N SER A 48 5.04 7.35 -9.31
CA SER A 48 6.09 6.83 -10.15
C SER A 48 5.94 5.32 -10.31
N GLU A 49 6.47 4.80 -11.41
CA GLU A 49 6.40 3.37 -11.70
C GLU A 49 7.45 2.60 -10.90
N TYR A 50 7.61 1.33 -11.24
CA TYR A 50 8.58 0.49 -10.54
C TYR A 50 9.95 0.61 -11.17
N VAL A 51 10.75 1.50 -10.60
CA VAL A 51 12.12 1.71 -11.04
C VAL A 51 13.08 0.88 -10.19
N LYS A 52 14.29 0.68 -10.69
CA LYS A 52 15.24 -0.17 -10.00
C LYS A 52 15.89 0.58 -8.84
N GLY A 53 15.95 -0.08 -7.69
CA GLY A 53 16.56 0.53 -6.52
C GLY A 53 15.55 0.78 -5.43
N ASP A 54 14.27 0.73 -5.79
CA ASP A 54 13.20 0.92 -4.83
C ASP A 54 12.86 -0.43 -4.20
N VAL A 55 12.18 -0.39 -3.05
CA VAL A 55 11.82 -1.60 -2.35
C VAL A 55 10.30 -1.79 -2.37
N ALA A 56 9.85 -2.90 -2.92
CA ALA A 56 8.44 -3.20 -3.00
C ALA A 56 8.03 -4.13 -1.87
N THR A 57 6.76 -4.09 -1.52
CA THR A 57 6.22 -4.95 -0.49
C THR A 57 4.86 -5.48 -0.93
N GLU A 58 4.47 -6.62 -0.37
CA GLU A 58 3.19 -7.21 -0.69
C GLU A 58 2.28 -7.15 0.52
N LEU A 59 1.18 -6.43 0.37
CA LEU A 59 0.18 -6.35 1.41
C LEU A 59 -0.67 -7.62 1.42
N PRO A 60 -1.16 -8.05 2.60
CA PRO A 60 -2.07 -9.20 2.73
C PRO A 60 -3.37 -8.98 1.95
N CYS A 61 -3.59 -7.73 1.54
CA CYS A 61 -4.70 -7.38 0.67
C CYS A 61 -4.37 -7.74 -0.78
N HIS A 62 -3.21 -8.38 -0.95
CA HIS A 62 -2.71 -8.77 -2.27
C HIS A 62 -2.58 -7.56 -3.18
N HIS A 63 -1.71 -6.66 -2.76
CA HIS A 63 -1.43 -5.44 -3.49
C HIS A 63 0.01 -5.03 -3.26
N TYR A 64 0.74 -4.88 -4.36
CA TYR A 64 2.15 -4.52 -4.28
C TYR A 64 2.32 -3.02 -4.32
N PHE A 65 3.14 -2.51 -3.42
CA PHE A 65 3.48 -1.10 -3.38
C PHE A 65 4.92 -0.95 -2.89
N HIS A 66 5.47 0.25 -3.02
CA HIS A 66 6.80 0.51 -2.50
C HIS A 66 6.74 0.64 -0.98
N LYS A 67 7.50 -0.18 -0.29
CA LYS A 67 7.48 -0.23 1.18
C LYS A 67 7.84 1.13 1.79
N PRO A 68 8.97 1.77 1.39
CA PRO A 68 9.36 3.08 1.93
C PRO A 68 8.34 4.17 1.65
N CYS A 69 7.48 3.93 0.66
CA CYS A 69 6.41 4.87 0.34
C CYS A 69 5.20 4.63 1.23
N VAL A 70 4.79 3.38 1.30
CA VAL A 70 3.54 3.03 1.97
C VAL A 70 3.67 3.12 3.49
N SER A 71 4.89 2.98 3.99
CA SER A 71 5.14 3.02 5.43
C SER A 71 4.71 4.36 6.03
N ILE A 72 4.80 5.42 5.23
CA ILE A 72 4.41 6.75 5.69
C ILE A 72 2.89 6.89 5.72
N TRP A 73 2.23 6.26 4.76
CA TRP A 73 0.78 6.33 4.63
C TRP A 73 0.10 5.46 5.69
N LEU A 74 0.66 4.28 5.92
CA LEU A 74 0.07 3.29 6.83
C LEU A 74 -0.01 3.82 8.26
N GLN A 75 0.90 4.72 8.62
CA GLN A 75 0.90 5.31 9.96
C GLN A 75 -0.35 6.15 10.19
N LYS A 76 -0.93 6.64 9.11
CA LYS A 76 -2.12 7.46 9.18
C LYS A 76 -3.36 6.61 8.93
N SER A 77 -3.26 5.69 8.00
CA SER A 77 -4.35 4.80 7.66
C SER A 77 -3.86 3.59 6.87
N GLY A 78 -4.16 2.40 7.36
CA GLY A 78 -3.77 1.19 6.65
C GLY A 78 -4.72 0.90 5.52
N THR A 79 -4.41 1.41 4.34
CA THR A 79 -5.28 1.24 3.18
C THR A 79 -4.47 1.21 1.89
N CYS A 80 -4.89 0.40 0.91
CA CYS A 80 -4.31 0.49 -0.43
C CYS A 80 -4.88 1.74 -1.10
N PRO A 81 -4.02 2.68 -1.52
CA PRO A 81 -4.46 3.93 -2.15
C PRO A 81 -5.28 3.69 -3.43
N VAL A 82 -5.12 2.52 -4.02
CA VAL A 82 -5.82 2.18 -5.25
C VAL A 82 -7.22 1.61 -4.97
N CYS A 83 -7.30 0.61 -4.11
CA CYS A 83 -8.56 -0.12 -3.88
C CYS A 83 -9.34 0.46 -2.71
N ARG A 84 -8.62 1.13 -1.80
CA ARG A 84 -9.19 1.67 -0.57
C ARG A 84 -9.78 0.56 0.32
N CYS A 85 -9.23 -0.63 0.20
CA CYS A 85 -9.58 -1.74 1.09
C CYS A 85 -8.67 -1.71 2.31
N MET A 86 -9.09 -2.37 3.38
CA MET A 86 -8.44 -2.25 4.69
C MET A 86 -7.13 -3.03 4.77
N PHE A 87 -6.15 -2.42 5.43
CA PHE A 87 -4.89 -3.09 5.78
C PHE A 87 -4.57 -2.83 7.25
N PRO A 88 -4.43 -3.88 8.07
CA PRO A 88 -4.62 -5.26 7.64
C PRO A 88 -6.08 -5.57 7.30
N PRO A 89 -6.32 -6.63 6.52
CA PRO A 89 -7.68 -7.04 6.12
C PRO A 89 -8.62 -7.16 7.32
N PRO A 90 -9.91 -6.88 7.11
CA PRO A 90 -10.89 -6.86 8.19
C PRO A 90 -11.06 -8.23 8.84
N LEU A 91 -11.10 -8.22 10.15
CA LEU A 91 -11.26 -9.44 10.92
C LEU A 91 -12.74 -9.66 11.20
ZN ZN B . 6.93 4.52 -4.54
ZN ZN C . -5.92 -3.65 -1.82
N MET A 1 -2.15 11.14 -12.52
CA MET A 1 -2.49 10.01 -11.62
C MET A 1 -4.01 9.88 -11.49
N GLY A 2 -4.74 10.49 -12.41
CA GLY A 2 -6.19 10.53 -12.31
C GLY A 2 -6.84 9.24 -12.78
N HIS A 3 -6.60 8.16 -12.05
CA HIS A 3 -7.27 6.90 -12.34
C HIS A 3 -8.08 6.46 -11.13
N HIS A 4 -9.33 6.88 -11.10
CA HIS A 4 -10.22 6.56 -9.98
C HIS A 4 -10.75 5.15 -10.07
N HIS A 5 -10.53 4.38 -9.01
CA HIS A 5 -11.12 3.07 -8.90
C HIS A 5 -12.34 3.13 -8.00
N HIS A 6 -13.50 2.84 -8.56
CA HIS A 6 -14.74 2.93 -7.80
C HIS A 6 -14.94 1.68 -6.95
N HIS A 7 -15.18 1.90 -5.68
CA HIS A 7 -15.36 0.82 -4.72
C HIS A 7 -16.41 1.24 -3.71
N HIS A 8 -17.57 0.59 -3.75
CA HIS A 8 -18.69 0.98 -2.88
C HIS A 8 -18.31 0.84 -1.41
N SER A 9 -17.32 0.01 -1.14
CA SER A 9 -16.69 -0.01 0.17
C SER A 9 -15.51 0.96 0.15
N HIS A 10 -15.82 2.25 0.17
CA HIS A 10 -14.81 3.30 -0.01
C HIS A 10 -13.84 3.35 1.16
N MET A 11 -14.31 2.92 2.33
CA MET A 11 -13.48 2.74 3.53
C MET A 11 -12.46 3.87 3.75
N VAL A 12 -12.90 4.92 4.44
CA VAL A 12 -12.00 6.00 4.81
C VAL A 12 -12.05 6.23 6.32
N ALA A 13 -11.21 7.15 6.80
CA ALA A 13 -11.14 7.49 8.23
C ALA A 13 -10.60 6.32 9.06
N ASN A 14 -9.96 5.37 8.37
CA ASN A 14 -9.38 4.21 9.05
C ASN A 14 -8.22 4.63 9.94
N PRO A 15 -8.13 4.03 11.13
CA PRO A 15 -7.03 4.28 12.07
C PRO A 15 -5.69 3.77 11.53
N PRO A 16 -4.58 4.25 12.09
CA PRO A 16 -3.24 3.81 11.71
C PRO A 16 -3.02 2.32 11.98
N ALA A 17 -2.24 1.68 11.14
CA ALA A 17 -1.92 0.27 11.31
C ALA A 17 -0.73 0.12 12.25
N SER A 18 -0.55 -1.08 12.77
CA SER A 18 0.56 -1.38 13.68
C SER A 18 1.89 -1.29 12.94
N LYS A 19 2.80 -0.49 13.47
CA LYS A 19 4.09 -0.23 12.83
C LYS A 19 4.87 -1.52 12.58
N GLU A 20 4.90 -2.39 13.58
CA GLU A 20 5.62 -3.65 13.46
C GLU A 20 5.03 -4.53 12.38
N SER A 21 3.71 -4.48 12.24
CA SER A 21 3.01 -5.27 11.23
C SER A 21 3.36 -4.77 9.84
N ILE A 22 3.55 -3.45 9.73
CA ILE A 22 3.89 -2.83 8.46
C ILE A 22 5.35 -3.11 8.09
N ASP A 23 6.23 -3.05 9.07
CA ASP A 23 7.65 -3.22 8.81
C ASP A 23 8.01 -4.70 8.69
N ALA A 24 7.07 -5.57 9.06
CA ALA A 24 7.25 -7.01 8.93
C ALA A 24 7.02 -7.43 7.48
N LEU A 25 6.46 -6.53 6.68
CA LEU A 25 6.23 -6.79 5.27
C LEU A 25 7.55 -6.89 4.53
N PRO A 26 7.65 -7.87 3.61
CA PRO A 26 8.89 -8.18 2.88
C PRO A 26 9.44 -6.99 2.11
N GLU A 27 10.74 -6.75 2.23
CA GLU A 27 11.42 -5.73 1.45
C GLU A 27 11.81 -6.31 0.10
N ILE A 28 11.05 -5.98 -0.93
CA ILE A 28 11.28 -6.52 -2.25
C ILE A 28 12.20 -5.61 -3.06
N LEU A 29 13.35 -6.14 -3.43
CA LEU A 29 14.29 -5.42 -4.27
C LEU A 29 13.82 -5.49 -5.72
N VAL A 30 13.36 -4.38 -6.24
CA VAL A 30 12.83 -4.35 -7.59
C VAL A 30 13.96 -4.20 -8.61
N THR A 31 14.00 -5.12 -9.56
CA THR A 31 14.90 -5.01 -10.70
C THR A 31 14.12 -4.53 -11.91
N GLU A 32 14.79 -3.87 -12.84
CA GLU A 32 14.11 -3.16 -13.92
C GLU A 32 13.82 -4.06 -15.12
N ASP A 33 13.23 -3.44 -16.15
CA ASP A 33 12.91 -4.10 -17.43
C ASP A 33 11.69 -5.01 -17.29
N HIS A 34 11.13 -5.05 -16.09
CA HIS A 34 9.99 -5.92 -15.80
C HIS A 34 8.72 -5.42 -16.47
N GLY A 35 8.67 -4.15 -16.81
CA GLY A 35 7.45 -3.57 -17.35
C GLY A 35 6.48 -3.23 -16.22
N ALA A 36 5.73 -4.22 -15.78
CA ALA A 36 4.84 -4.06 -14.63
C ALA A 36 5.26 -5.03 -13.53
N VAL A 37 4.96 -4.69 -12.29
CA VAL A 37 5.29 -5.56 -11.16
C VAL A 37 4.09 -6.42 -10.80
N GLY A 38 2.99 -5.75 -10.51
CA GLY A 38 1.75 -6.45 -10.18
C GLY A 38 0.58 -5.52 -10.28
N GLN A 39 -0.20 -5.66 -11.37
CA GLN A 39 -1.36 -4.82 -11.71
C GLN A 39 -1.00 -3.33 -11.80
N GLU A 40 -0.66 -2.71 -10.68
CA GLU A 40 -0.18 -1.35 -10.67
C GLU A 40 1.29 -1.32 -11.09
N MET A 41 1.55 -0.84 -12.29
CA MET A 41 2.91 -0.75 -12.82
C MET A 41 3.63 0.47 -12.28
N CYS A 42 2.86 1.36 -11.67
CA CYS A 42 3.40 2.58 -11.11
C CYS A 42 2.80 2.84 -9.75
N CYS A 43 3.56 3.47 -8.87
CA CYS A 43 3.11 3.78 -7.53
C CYS A 43 2.41 5.14 -7.51
N PRO A 44 1.07 5.15 -7.37
CA PRO A 44 0.27 6.38 -7.43
C PRO A 44 0.68 7.40 -6.38
N ILE A 45 1.22 6.92 -5.26
CA ILE A 45 1.65 7.78 -4.17
C ILE A 45 2.82 8.66 -4.61
N CYS A 46 3.58 8.18 -5.58
CA CYS A 46 4.78 8.88 -6.02
C CYS A 46 4.69 9.26 -7.49
N CYS A 47 3.58 8.89 -8.13
CA CYS A 47 3.42 8.96 -9.59
C CYS A 47 4.71 8.51 -10.29
N SER A 48 5.27 7.42 -9.76
CA SER A 48 6.54 6.90 -10.23
C SER A 48 6.51 5.38 -10.21
N GLU A 49 7.20 4.76 -11.14
CA GLU A 49 7.20 3.31 -11.26
C GLU A 49 8.15 2.66 -10.26
N TYR A 50 8.37 1.38 -10.42
CA TYR A 50 9.28 0.63 -9.57
C TYR A 50 10.59 0.41 -10.30
N VAL A 51 11.63 1.08 -9.85
CA VAL A 51 12.90 1.10 -10.57
C VAL A 51 13.91 0.13 -9.98
N LYS A 52 15.01 -0.07 -10.70
CA LYS A 52 16.09 -0.93 -10.26
C LYS A 52 16.69 -0.44 -8.94
N GLY A 53 16.44 -1.18 -7.87
CA GLY A 53 16.99 -0.83 -6.58
C GLY A 53 15.96 -0.22 -5.66
N ASP A 54 14.74 -0.08 -6.16
CA ASP A 54 13.66 0.47 -5.35
C ASP A 54 13.08 -0.62 -4.47
N VAL A 55 12.62 -0.25 -3.29
CA VAL A 55 12.09 -1.22 -2.34
C VAL A 55 10.57 -1.27 -2.39
N ALA A 56 10.05 -2.40 -2.81
CA ALA A 56 8.61 -2.62 -2.87
C ALA A 56 8.18 -3.61 -1.82
N THR A 57 6.87 -3.83 -1.73
CA THR A 57 6.32 -4.82 -0.84
C THR A 57 5.01 -5.34 -1.40
N GLU A 58 4.47 -6.39 -0.80
CA GLU A 58 3.28 -7.05 -1.30
C GLU A 58 2.19 -7.07 -0.23
N LEU A 59 1.07 -6.44 -0.54
CA LEU A 59 -0.04 -6.36 0.40
C LEU A 59 -0.93 -7.60 0.31
N PRO A 60 -1.57 -7.98 1.43
CA PRO A 60 -2.43 -9.17 1.50
C PRO A 60 -3.65 -9.09 0.58
N CYS A 61 -3.88 -7.91 0.01
CA CYS A 61 -4.99 -7.72 -0.92
C CYS A 61 -4.51 -7.88 -2.35
N HIS A 62 -3.26 -8.33 -2.50
CA HIS A 62 -2.59 -8.39 -3.80
C HIS A 62 -2.37 -6.98 -4.33
N HIS A 63 -1.21 -6.43 -4.04
CA HIS A 63 -0.88 -5.07 -4.44
C HIS A 63 0.55 -4.74 -4.06
N TYR A 64 1.33 -4.36 -5.06
CA TYR A 64 2.70 -3.94 -4.82
C TYR A 64 2.79 -2.43 -4.70
N PHE A 65 3.50 -1.98 -3.68
CA PHE A 65 3.79 -0.56 -3.48
C PHE A 65 5.21 -0.42 -2.98
N HIS A 66 5.71 0.81 -2.84
CA HIS A 66 7.02 1.00 -2.26
C HIS A 66 6.91 0.94 -0.75
N LYS A 67 7.67 0.07 -0.13
CA LYS A 67 7.59 -0.12 1.32
C LYS A 67 7.76 1.21 2.08
N PRO A 68 8.77 2.04 1.75
CA PRO A 68 8.95 3.35 2.40
C PRO A 68 7.69 4.23 2.37
N CYS A 69 7.09 4.39 1.19
CA CYS A 69 5.97 5.31 1.04
C CYS A 69 4.67 4.73 1.61
N VAL A 70 4.50 3.43 1.47
CA VAL A 70 3.28 2.78 1.97
C VAL A 70 3.32 2.68 3.49
N SER A 71 4.53 2.59 4.04
CA SER A 71 4.72 2.54 5.48
C SER A 71 4.17 3.82 6.12
N ILE A 72 4.58 4.97 5.57
CA ILE A 72 4.14 6.26 6.08
C ILE A 72 2.62 6.39 5.97
N TRP A 73 2.06 5.86 4.89
CA TRP A 73 0.63 5.90 4.64
C TRP A 73 -0.13 5.03 5.64
N LEU A 74 0.30 3.78 5.78
CA LEU A 74 -0.38 2.83 6.66
C LEU A 74 -0.26 3.26 8.12
N GLN A 75 0.79 4.02 8.44
CA GLN A 75 0.98 4.56 9.78
C GLN A 75 0.03 5.72 10.03
N LYS A 76 -0.76 6.06 9.01
CA LYS A 76 -1.79 7.08 9.14
C LYS A 76 -3.17 6.45 9.03
N SER A 77 -3.34 5.62 8.02
CA SER A 77 -4.59 4.90 7.82
C SER A 77 -4.32 3.52 7.23
N GLY A 78 -4.73 2.49 7.96
CA GLY A 78 -4.53 1.13 7.50
C GLY A 78 -5.51 0.74 6.41
N THR A 79 -5.32 1.30 5.22
CA THR A 79 -6.17 0.98 4.07
C THR A 79 -5.34 1.03 2.79
N CYS A 80 -5.64 0.13 1.88
CA CYS A 80 -5.01 0.14 0.56
C CYS A 80 -5.61 1.27 -0.26
N PRO A 81 -4.80 2.31 -0.59
CA PRO A 81 -5.31 3.54 -1.22
C PRO A 81 -5.99 3.32 -2.56
N VAL A 82 -5.64 2.24 -3.24
CA VAL A 82 -6.18 1.98 -4.58
C VAL A 82 -7.53 1.25 -4.53
N CYS A 83 -7.55 0.06 -3.93
CA CYS A 83 -8.75 -0.76 -3.95
C CYS A 83 -9.59 -0.56 -2.68
N ARG A 84 -9.00 0.13 -1.70
CA ARG A 84 -9.67 0.40 -0.43
C ARG A 84 -9.98 -0.89 0.32
N CYS A 85 -8.96 -1.41 0.97
CA CYS A 85 -9.06 -2.61 1.77
C CYS A 85 -8.28 -2.40 3.05
N MET A 86 -8.86 -2.81 4.17
CA MET A 86 -8.27 -2.53 5.47
C MET A 86 -7.05 -3.41 5.73
N PHE A 87 -6.03 -2.82 6.34
CA PHE A 87 -4.83 -3.55 6.72
C PHE A 87 -4.44 -3.21 8.16
N PRO A 88 -4.51 -4.19 9.07
CA PRO A 88 -4.97 -5.54 8.75
C PRO A 88 -6.49 -5.60 8.60
N PRO A 89 -7.00 -6.57 7.81
CA PRO A 89 -8.44 -6.71 7.55
C PRO A 89 -9.26 -6.83 8.83
N PRO A 90 -10.51 -6.33 8.82
CA PRO A 90 -11.37 -6.32 10.01
C PRO A 90 -11.71 -7.72 10.48
N LEU A 91 -12.00 -7.84 11.77
CA LEU A 91 -12.37 -9.11 12.36
C LEU A 91 -13.85 -9.11 12.70
ZN ZN B . 6.08 4.97 -3.83
ZN ZN C . -5.22 -3.39 -2.79
#